data_2KA7
#
_entry.id   2KA7
#
_cell.length_a   1.000
_cell.length_b   1.000
_cell.length_c   1.000
_cell.angle_alpha   90.00
_cell.angle_beta   90.00
_cell.angle_gamma   90.00
#
_symmetry.space_group_name_H-M   'P 1'
#
_entity_poly.entity_id   1
_entity_poly.type   'polypeptide(L)'
_entity_poly.pdbx_seq_one_letter_code
;MKMKKYTKTHEWVSIEDKVATVGITNHAQEQLGDVVYVDLPEVGREVKKGEVVASIESVKAAADVYAPLSGKIVEVNEKL
DTEPELINKDPEGEGWLFKMEISDEGELEDLLDEQAYQEFCAQE
;
_entity_poly.pdbx_strand_id   A
#
# COMPACT_ATOMS: atom_id res chain seq x y z
N MET A 1 -17.87 -7.15 4.70
CA MET A 1 -17.14 -6.98 5.96
C MET A 1 -15.63 -7.17 5.81
N LYS A 2 -15.12 -7.84 4.76
CA LYS A 2 -13.75 -7.68 4.30
C LYS A 2 -13.84 -7.21 2.84
N MET A 3 -12.91 -6.36 2.43
CA MET A 3 -12.98 -5.64 1.16
C MET A 3 -11.57 -5.23 0.77
N LYS A 4 -11.12 -5.59 -0.42
CA LYS A 4 -9.76 -5.33 -0.88
C LYS A 4 -9.78 -4.81 -2.32
N LYS A 5 -9.46 -3.52 -2.48
CA LYS A 5 -9.20 -2.92 -3.79
C LYS A 5 -7.69 -2.69 -3.96
N TYR A 6 -7.28 -2.17 -5.12
CA TYR A 6 -5.91 -2.04 -5.58
C TYR A 6 -5.78 -0.73 -6.38
N THR A 7 -4.56 -0.18 -6.49
CA THR A 7 -4.28 1.06 -7.17
C THR A 7 -3.48 0.77 -8.44
N LYS A 8 -3.21 1.85 -9.16
CA LYS A 8 -2.38 1.84 -10.36
C LYS A 8 -0.89 1.81 -10.01
N THR A 9 -0.50 1.99 -8.75
CA THR A 9 0.90 2.04 -8.33
C THR A 9 1.23 0.78 -7.53
N HIS A 10 0.73 -0.38 -8.03
CA HIS A 10 1.03 -1.70 -7.49
C HIS A 10 0.93 -1.71 -5.96
N GLU A 11 -0.22 -1.26 -5.45
CA GLU A 11 -0.59 -1.17 -4.05
C GLU A 11 -1.97 -1.82 -3.90
N TRP A 12 -2.19 -2.47 -2.77
CA TRP A 12 -3.46 -3.09 -2.35
C TRP A 12 -3.96 -2.44 -1.07
N VAL A 13 -5.26 -2.58 -0.78
CA VAL A 13 -5.99 -1.93 0.30
C VAL A 13 -6.75 -3.03 1.05
N SER A 14 -7.04 -2.87 2.34
CA SER A 14 -7.81 -3.84 3.11
C SER A 14 -8.74 -3.20 4.11
N ILE A 15 -9.91 -2.84 3.60
CA ILE A 15 -11.05 -2.42 4.36
C ILE A 15 -11.57 -3.66 5.08
N GLU A 16 -11.82 -3.51 6.37
CA GLU A 16 -12.62 -4.45 7.15
C GLU A 16 -13.78 -3.59 7.66
N ASP A 17 -13.69 -3.15 8.92
CA ASP A 17 -14.61 -2.25 9.59
C ASP A 17 -14.51 -0.83 8.99
N LYS A 18 -13.61 0.03 9.49
CA LYS A 18 -13.47 1.44 9.04
C LYS A 18 -12.05 1.81 8.66
N VAL A 19 -11.14 0.86 8.68
CA VAL A 19 -9.71 1.08 8.51
C VAL A 19 -9.27 0.18 7.36
N ALA A 20 -8.50 0.75 6.44
CA ALA A 20 -7.94 0.13 5.25
C ALA A 20 -6.44 -0.06 5.44
N THR A 21 -6.02 -1.31 5.57
CA THR A 21 -4.62 -1.71 5.58
C THR A 21 -4.05 -1.69 4.15
N VAL A 22 -3.06 -0.85 3.89
CA VAL A 22 -2.30 -0.76 2.64
C VAL A 22 -1.10 -1.68 2.63
N GLY A 23 -0.66 -2.17 1.46
CA GLY A 23 0.70 -2.64 1.20
C GLY A 23 0.99 -2.58 -0.29
N ILE A 24 2.26 -2.64 -0.71
CA ILE A 24 2.57 -2.82 -2.13
C ILE A 24 2.46 -4.31 -2.49
N THR A 25 2.12 -4.61 -3.75
CA THR A 25 1.92 -5.96 -4.26
C THR A 25 3.23 -6.66 -4.64
N ASN A 26 3.15 -7.95 -5.02
CA ASN A 26 4.29 -8.72 -5.52
C ASN A 26 4.98 -8.05 -6.71
N HIS A 27 4.22 -7.48 -7.66
CA HIS A 27 4.79 -6.80 -8.83
C HIS A 27 5.72 -5.64 -8.45
N ALA A 28 5.59 -5.10 -7.24
CA ALA A 28 6.41 -4.00 -6.77
C ALA A 28 7.73 -4.52 -6.18
N GLN A 29 7.69 -5.53 -5.30
CA GLN A 29 8.92 -6.10 -4.72
C GLN A 29 9.81 -6.75 -5.77
N GLU A 30 9.24 -7.12 -6.93
CA GLU A 30 9.93 -7.66 -8.08
C GLU A 30 10.96 -6.66 -8.61
N GLN A 31 10.66 -5.36 -8.60
CA GLN A 31 11.54 -4.38 -9.22
C GLN A 31 12.60 -3.89 -8.24
N LEU A 32 12.29 -3.73 -6.94
CA LEU A 32 13.25 -3.27 -5.94
C LEU A 32 14.15 -4.43 -5.51
N GLY A 33 13.61 -5.40 -4.76
CA GLY A 33 14.37 -6.46 -4.11
C GLY A 33 14.47 -6.22 -2.60
N ASP A 34 15.68 -6.29 -2.03
CA ASP A 34 16.03 -6.52 -0.62
C ASP A 34 15.75 -5.39 0.35
N VAL A 35 14.69 -4.63 0.14
CA VAL A 35 14.70 -3.18 0.21
C VAL A 35 15.84 -2.64 1.06
N VAL A 36 15.58 -2.02 2.22
CA VAL A 36 16.50 -1.26 3.08
C VAL A 36 15.71 -0.42 4.07
N TYR A 37 14.61 0.23 3.64
CA TYR A 37 13.88 1.20 4.46
C TYR A 37 12.45 1.32 3.94
N VAL A 38 11.55 1.91 4.75
CA VAL A 38 10.26 2.41 4.29
C VAL A 38 10.01 3.74 4.98
N ASP A 39 9.41 4.64 4.23
CA ASP A 39 9.11 5.99 4.63
C ASP A 39 7.63 6.04 4.98
N LEU A 40 7.27 5.73 6.23
CA LEU A 40 5.88 5.57 6.65
C LEU A 40 5.33 6.91 7.13
N PRO A 41 4.01 7.12 7.02
CA PRO A 41 3.37 8.35 7.43
C PRO A 41 3.27 8.47 8.95
N GLU A 42 2.80 9.63 9.41
CA GLU A 42 2.44 9.81 10.81
C GLU A 42 1.03 9.27 11.02
N VAL A 43 0.78 8.63 12.17
CA VAL A 43 -0.41 7.88 12.56
C VAL A 43 -1.67 8.75 12.83
N GLY A 44 -1.69 9.97 12.30
CA GLY A 44 -2.77 10.94 12.44
C GLY A 44 -2.81 11.93 11.27
N ARG A 45 -2.18 11.62 10.13
CA ARG A 45 -2.08 12.54 8.99
C ARG A 45 -3.26 12.32 8.04
N GLU A 46 -3.82 13.37 7.43
CA GLU A 46 -4.81 13.19 6.36
C GLU A 46 -4.11 13.02 5.01
N VAL A 47 -4.67 12.19 4.13
CA VAL A 47 -4.10 11.84 2.82
C VAL A 47 -5.17 11.84 1.72
N LYS A 48 -4.77 11.56 0.48
CA LYS A 48 -5.61 11.54 -0.71
C LYS A 48 -5.33 10.27 -1.48
N LYS A 49 -6.18 9.94 -2.45
CA LYS A 49 -6.04 8.81 -3.38
C LYS A 49 -4.95 9.01 -4.43
N GLY A 50 -3.87 9.64 -4.04
CA GLY A 50 -2.69 9.92 -4.84
C GLY A 50 -1.81 10.85 -4.02
N GLU A 51 -1.11 10.31 -3.03
CA GLU A 51 -0.24 11.02 -2.11
C GLU A 51 0.89 10.05 -1.72
N VAL A 52 2.16 10.35 -1.97
CA VAL A 52 3.35 9.47 -1.82
C VAL A 52 3.72 9.16 -0.35
N VAL A 53 2.73 9.05 0.53
CA VAL A 53 2.94 8.92 1.96
C VAL A 53 3.54 7.58 2.41
N ALA A 54 3.99 6.69 1.51
CA ALA A 54 4.56 5.42 1.93
C ALA A 54 5.77 5.06 1.08
N SER A 55 6.68 6.00 0.89
CA SER A 55 7.81 5.81 -0.03
C SER A 55 8.67 4.63 0.42
N ILE A 56 9.47 4.13 -0.52
CA ILE A 56 10.28 2.94 -0.33
C ILE A 56 11.63 3.27 -0.95
N GLU A 57 12.65 3.61 -0.16
CA GLU A 57 14.00 3.60 -0.67
C GLU A 57 14.49 2.18 -0.49
N SER A 58 15.37 1.70 -1.37
CA SER A 58 16.02 0.41 -1.26
C SER A 58 17.54 0.56 -1.28
N VAL A 59 18.25 -0.56 -1.18
CA VAL A 59 19.70 -0.66 -1.28
C VAL A 59 20.30 0.22 -2.38
N LYS A 60 19.64 0.43 -3.54
CA LYS A 60 19.91 1.62 -4.35
C LYS A 60 18.80 1.95 -5.35
N ALA A 61 17.57 2.18 -4.88
CA ALA A 61 16.50 2.72 -5.71
C ALA A 61 15.46 3.39 -4.83
N ALA A 62 14.36 3.85 -5.44
CA ALA A 62 13.20 4.44 -4.78
C ALA A 62 11.90 3.89 -5.40
N ALA A 63 10.77 4.12 -4.74
CA ALA A 63 9.42 3.92 -5.24
C ALA A 63 8.50 4.82 -4.41
N ASP A 64 7.71 5.65 -5.08
CA ASP A 64 6.73 6.53 -4.48
C ASP A 64 5.44 5.74 -4.41
N VAL A 65 4.94 5.51 -3.19
CA VAL A 65 3.72 4.74 -3.00
C VAL A 65 2.55 5.72 -2.89
N TYR A 66 1.88 6.04 -4.00
CA TYR A 66 0.80 7.00 -4.03
C TYR A 66 -0.50 6.40 -3.48
N ALA A 67 -0.86 6.83 -2.28
CA ALA A 67 -1.92 6.31 -1.43
C ALA A 67 -3.26 6.04 -2.13
N PRO A 68 -4.06 5.11 -1.59
CA PRO A 68 -5.14 4.50 -2.36
C PRO A 68 -6.45 5.28 -2.33
N LEU A 69 -6.84 5.81 -1.17
CA LEU A 69 -8.08 6.54 -0.95
C LEU A 69 -7.69 7.84 -0.24
N SER A 70 -8.60 8.80 -0.13
CA SER A 70 -8.50 9.80 0.92
C SER A 70 -8.96 9.17 2.23
N GLY A 71 -8.71 9.86 3.34
CA GLY A 71 -8.90 9.36 4.69
C GLY A 71 -7.70 9.80 5.51
N LYS A 72 -7.55 9.24 6.71
CA LYS A 72 -6.59 9.71 7.68
C LYS A 72 -5.87 8.51 8.27
N ILE A 73 -4.53 8.55 8.28
CA ILE A 73 -3.66 7.50 8.75
C ILE A 73 -3.93 7.29 10.23
N VAL A 74 -3.91 6.04 10.68
CA VAL A 74 -4.14 5.67 12.08
C VAL A 74 -3.38 4.40 12.50
N GLU A 75 -2.63 3.73 11.61
CA GLU A 75 -1.71 2.68 12.02
C GLU A 75 -0.57 2.66 10.98
N VAL A 76 0.60 2.13 11.32
CA VAL A 76 1.74 1.98 10.41
C VAL A 76 2.44 0.65 10.75
N ASN A 77 3.14 0.03 9.79
CA ASN A 77 3.72 -1.30 10.01
C ASN A 77 5.15 -1.16 10.52
N GLU A 78 5.35 -1.00 11.83
CA GLU A 78 6.67 -0.86 12.44
C GLU A 78 7.59 -2.07 12.23
N LYS A 79 7.06 -3.17 11.72
CA LYS A 79 7.88 -4.27 11.22
C LYS A 79 8.87 -3.77 10.17
N LEU A 80 8.39 -2.97 9.23
CA LEU A 80 9.12 -2.60 8.02
C LEU A 80 10.22 -1.58 8.35
N ASP A 81 10.17 -1.00 9.56
CA ASP A 81 11.23 -0.18 10.15
C ASP A 81 12.53 -0.99 10.28
N THR A 82 12.39 -2.29 10.58
CA THR A 82 13.49 -3.18 11.00
C THR A 82 13.64 -4.41 10.09
N GLU A 83 12.57 -4.78 9.38
CA GLU A 83 12.52 -5.81 8.33
C GLU A 83 11.79 -5.19 7.12
N PRO A 84 12.39 -4.22 6.43
CA PRO A 84 11.85 -3.64 5.21
C PRO A 84 11.78 -4.67 4.07
N GLU A 85 12.42 -5.83 4.27
CA GLU A 85 12.35 -6.98 3.39
C GLU A 85 10.99 -7.70 3.48
N LEU A 86 10.05 -7.28 4.34
CA LEU A 86 8.82 -8.06 4.53
C LEU A 86 7.88 -8.02 3.33
N ILE A 87 7.99 -7.00 2.48
CA ILE A 87 7.24 -6.96 1.24
C ILE A 87 7.70 -8.10 0.32
N ASN A 88 8.96 -8.54 0.39
CA ASN A 88 9.37 -9.73 -0.37
C ASN A 88 8.62 -10.93 0.14
N LYS A 89 8.70 -11.10 1.45
CA LYS A 89 8.27 -12.25 2.23
C LYS A 89 6.82 -12.56 1.97
N ASP A 90 5.94 -11.58 2.18
CA ASP A 90 4.53 -11.68 1.85
C ASP A 90 4.06 -10.24 1.56
N PRO A 91 4.12 -9.76 0.31
CA PRO A 91 3.76 -8.38 0.01
C PRO A 91 2.32 -8.06 0.43
N GLU A 92 1.47 -9.08 0.41
CA GLU A 92 0.03 -9.00 0.52
C GLU A 92 -0.43 -9.84 1.72
N GLY A 93 0.43 -9.92 2.74
CA GLY A 93 0.17 -10.61 4.01
C GLY A 93 0.64 -9.78 5.19
N GLU A 94 1.97 -9.70 5.42
CA GLU A 94 2.56 -8.92 6.50
C GLU A 94 3.47 -7.81 6.01
N GLY A 95 3.82 -7.77 4.73
CA GLY A 95 4.49 -6.63 4.10
C GLY A 95 3.54 -5.47 3.79
N TRP A 96 2.47 -5.28 4.58
CA TRP A 96 1.63 -4.09 4.54
C TRP A 96 2.48 -2.85 4.87
N LEU A 97 2.13 -1.67 4.32
CA LEU A 97 2.82 -0.44 4.65
C LEU A 97 1.99 0.26 5.73
N PHE A 98 0.77 0.81 5.45
CA PHE A 98 0.15 1.59 6.54
C PHE A 98 -1.32 1.24 6.73
N LYS A 99 -2.03 1.95 7.61
CA LYS A 99 -3.48 1.89 7.67
C LYS A 99 -4.06 3.27 7.80
N MET A 100 -5.29 3.44 7.34
CA MET A 100 -6.00 4.69 7.37
C MET A 100 -7.48 4.43 7.57
N GLU A 101 -8.13 5.23 8.41
CA GLU A 101 -9.57 5.39 8.50
C GLU A 101 -10.04 5.97 7.17
N ILE A 102 -10.91 5.23 6.49
CA ILE A 102 -11.52 5.67 5.25
C ILE A 102 -12.55 6.75 5.56
N SER A 103 -12.80 7.63 4.60
CA SER A 103 -13.89 8.59 4.64
C SER A 103 -14.98 8.25 3.63
N ASP A 104 -14.60 7.67 2.49
CA ASP A 104 -15.41 7.67 1.30
C ASP A 104 -15.33 6.24 0.76
N GLU A 105 -16.07 5.32 1.39
CA GLU A 105 -16.10 3.93 0.98
C GLU A 105 -16.78 3.76 -0.40
N GLY A 106 -17.44 4.82 -0.89
CA GLY A 106 -18.00 4.90 -2.23
C GLY A 106 -16.94 5.09 -3.31
N GLU A 107 -15.71 5.47 -2.93
CA GLU A 107 -14.60 5.61 -3.86
C GLU A 107 -13.86 4.28 -4.05
N LEU A 108 -14.07 3.28 -3.18
CA LEU A 108 -13.35 2.01 -3.29
C LEU A 108 -13.69 1.35 -4.62
N GLU A 109 -14.97 1.37 -4.98
CA GLU A 109 -15.51 0.77 -6.19
C GLU A 109 -14.88 1.38 -7.45
N ASP A 110 -14.38 2.62 -7.37
CA ASP A 110 -13.82 3.36 -8.49
C ASP A 110 -12.34 3.02 -8.74
N LEU A 111 -11.74 2.20 -7.87
CA LEU A 111 -10.41 1.62 -7.99
C LEU A 111 -10.53 0.22 -8.61
N LEU A 112 -9.41 -0.51 -8.63
CA LEU A 112 -9.27 -1.76 -9.36
C LEU A 112 -9.51 -2.92 -8.39
N ASP A 113 -10.28 -3.93 -8.78
CA ASP A 113 -10.29 -5.23 -8.09
C ASP A 113 -8.99 -5.99 -8.40
N GLU A 114 -8.89 -7.18 -7.82
CA GLU A 114 -7.70 -8.03 -7.80
C GLU A 114 -7.34 -8.54 -9.19
N GLN A 115 -8.35 -9.05 -9.93
CA GLN A 115 -8.15 -9.59 -11.26
C GLN A 115 -7.95 -8.45 -12.25
N ALA A 116 -8.70 -7.36 -12.10
CA ALA A 116 -8.51 -6.14 -12.87
C ALA A 116 -7.11 -5.55 -12.65
N TYR A 117 -6.58 -5.66 -11.43
CA TYR A 117 -5.22 -5.27 -11.10
C TYR A 117 -4.20 -6.22 -11.73
N GLN A 118 -4.42 -7.54 -11.65
CA GLN A 118 -3.56 -8.52 -12.32
C GLN A 118 -3.44 -8.19 -13.81
N GLU A 119 -4.56 -7.89 -14.46
CA GLU A 119 -4.59 -7.47 -15.84
C GLU A 119 -3.85 -6.14 -16.04
N PHE A 120 -3.96 -5.20 -15.10
CA PHE A 120 -3.22 -3.94 -15.13
C PHE A 120 -1.69 -4.19 -15.13
N CYS A 121 -1.21 -5.26 -14.49
CA CYS A 121 0.18 -5.69 -14.58
C CYS A 121 0.51 -6.42 -15.88
N ALA A 122 -0.48 -7.06 -16.53
CA ALA A 122 -0.34 -7.67 -17.85
C ALA A 122 -0.33 -6.62 -18.96
N GLN A 123 -0.42 -5.33 -18.62
CA GLN A 123 -0.19 -4.23 -19.54
C GLN A 123 1.12 -3.52 -19.21
N GLU A 124 2.01 -4.15 -18.44
CA GLU A 124 3.40 -3.76 -18.31
C GLU A 124 4.26 -4.85 -18.89
N MET A 1 -17.66 -1.66 3.52
CA MET A 1 -16.71 -2.42 4.36
C MET A 1 -16.28 -3.69 3.64
N LYS A 2 -15.33 -4.43 4.23
CA LYS A 2 -15.07 -5.86 4.03
C LYS A 2 -14.98 -6.24 2.55
N MET A 3 -13.97 -5.70 1.87
CA MET A 3 -13.66 -5.92 0.48
C MET A 3 -12.15 -5.72 0.26
N LYS A 4 -11.67 -5.80 -0.98
CA LYS A 4 -10.29 -5.43 -1.30
C LYS A 4 -10.22 -4.93 -2.73
N LYS A 5 -9.74 -3.69 -2.94
CA LYS A 5 -9.40 -3.20 -4.27
C LYS A 5 -7.89 -2.96 -4.38
N TYR A 6 -7.40 -2.60 -5.57
CA TYR A 6 -6.00 -2.35 -5.89
C TYR A 6 -5.88 -1.05 -6.66
N THR A 7 -4.72 -0.40 -6.58
CA THR A 7 -4.47 0.84 -7.30
C THR A 7 -3.85 0.50 -8.65
N LYS A 8 -3.51 1.55 -9.38
CA LYS A 8 -2.80 1.48 -10.65
C LYS A 8 -1.32 1.86 -10.44
N THR A 9 -0.83 1.74 -9.20
CA THR A 9 0.54 2.00 -8.79
C THR A 9 1.12 0.79 -8.02
N HIS A 10 0.68 -0.44 -8.33
CA HIS A 10 1.19 -1.67 -7.73
C HIS A 10 1.03 -1.69 -6.21
N GLU A 11 -0.11 -1.22 -5.70
CA GLU A 11 -0.49 -1.21 -4.30
C GLU A 11 -1.85 -1.89 -4.17
N TRP A 12 -2.06 -2.61 -3.06
CA TRP A 12 -3.30 -3.33 -2.73
C TRP A 12 -3.89 -2.74 -1.45
N VAL A 13 -5.18 -3.01 -1.21
CA VAL A 13 -5.97 -2.32 -0.21
C VAL A 13 -6.91 -3.33 0.45
N SER A 14 -6.59 -3.83 1.65
CA SER A 14 -7.48 -4.70 2.43
C SER A 14 -8.48 -3.85 3.18
N ILE A 15 -9.64 -3.53 2.62
CA ILE A 15 -10.70 -2.82 3.34
C ILE A 15 -11.34 -3.80 4.30
N GLU A 16 -11.01 -3.69 5.59
CA GLU A 16 -11.75 -4.37 6.64
C GLU A 16 -13.01 -3.56 6.95
N ASP A 17 -13.38 -3.40 8.22
CA ASP A 17 -14.64 -2.78 8.58
C ASP A 17 -14.64 -1.32 8.14
N LYS A 18 -13.70 -0.54 8.69
CA LYS A 18 -13.57 0.90 8.43
C LYS A 18 -12.13 1.34 8.23
N VAL A 19 -11.18 0.41 8.27
CA VAL A 19 -9.77 0.66 8.09
C VAL A 19 -9.32 -0.24 6.95
N ALA A 20 -8.59 0.32 5.99
CA ALA A 20 -7.91 -0.46 4.97
C ALA A 20 -6.44 -0.58 5.34
N THR A 21 -5.85 -1.76 5.12
CA THR A 21 -4.39 -1.92 5.09
C THR A 21 -3.92 -1.58 3.68
N VAL A 22 -2.80 -0.87 3.58
CA VAL A 22 -2.07 -0.62 2.35
C VAL A 22 -0.73 -1.33 2.45
N GLY A 23 -0.42 -2.16 1.46
CA GLY A 23 0.94 -2.60 1.16
C GLY A 23 1.14 -2.50 -0.35
N ILE A 24 2.38 -2.64 -0.80
CA ILE A 24 2.67 -2.76 -2.22
C ILE A 24 2.53 -4.23 -2.63
N THR A 25 2.29 -4.49 -3.91
CA THR A 25 2.06 -5.85 -4.42
C THR A 25 3.39 -6.59 -4.68
N ASN A 26 3.33 -7.84 -5.15
CA ASN A 26 4.56 -8.58 -5.49
C ASN A 26 5.29 -7.94 -6.67
N HIS A 27 4.59 -7.45 -7.69
CA HIS A 27 5.23 -6.75 -8.80
C HIS A 27 5.98 -5.50 -8.34
N ALA A 28 5.56 -4.90 -7.23
CA ALA A 28 6.25 -3.76 -6.68
C ALA A 28 7.60 -4.17 -6.11
N GLN A 29 7.61 -5.14 -5.18
CA GLN A 29 8.84 -5.58 -4.53
C GLN A 29 9.88 -6.03 -5.55
N GLU A 30 9.43 -6.56 -6.69
CA GLU A 30 10.30 -7.15 -7.68
C GLU A 30 11.30 -6.12 -8.20
N GLN A 31 10.82 -4.91 -8.44
CA GLN A 31 11.60 -3.77 -8.93
C GLN A 31 12.40 -3.07 -7.82
N LEU A 32 12.00 -3.16 -6.54
CA LEU A 32 12.76 -2.61 -5.43
C LEU A 32 13.93 -3.51 -5.09
N GLY A 33 13.70 -4.83 -5.08
CA GLY A 33 14.64 -5.80 -4.58
C GLY A 33 14.75 -5.72 -3.07
N ASP A 34 15.87 -6.24 -2.58
CA ASP A 34 16.30 -6.22 -1.19
C ASP A 34 16.11 -4.81 -0.63
N VAL A 35 15.33 -4.66 0.45
CA VAL A 35 15.04 -3.35 1.03
C VAL A 35 15.54 -3.21 2.45
N VAL A 36 15.71 -1.95 2.82
CA VAL A 36 16.66 -1.48 3.79
C VAL A 36 16.08 -0.30 4.53
N TYR A 37 15.14 0.43 3.91
CA TYR A 37 14.38 1.47 4.60
C TYR A 37 13.00 1.63 4.00
N VAL A 38 12.06 2.07 4.84
CA VAL A 38 10.66 2.32 4.51
C VAL A 38 10.25 3.51 5.35
N ASP A 39 9.68 4.49 4.67
CA ASP A 39 9.04 5.63 5.26
C ASP A 39 7.67 5.22 5.78
N LEU A 40 7.31 5.65 6.99
CA LEU A 40 6.03 5.35 7.60
C LEU A 40 5.43 6.67 8.09
N PRO A 41 4.18 6.96 7.73
CA PRO A 41 3.54 8.23 8.03
C PRO A 41 3.26 8.41 9.53
N GLU A 42 2.65 9.54 9.91
CA GLU A 42 2.14 9.74 11.25
C GLU A 42 0.78 9.04 11.38
N VAL A 43 0.51 8.41 12.52
CA VAL A 43 -0.67 7.61 12.88
C VAL A 43 -2.02 8.38 12.93
N GLY A 44 -2.08 9.60 12.41
CA GLY A 44 -3.27 10.45 12.33
C GLY A 44 -3.24 11.35 11.10
N ARG A 45 -2.27 11.15 10.19
CA ARG A 45 -2.03 12.06 9.08
C ARG A 45 -3.14 11.95 8.06
N GLU A 46 -3.63 13.07 7.53
CA GLU A 46 -4.58 13.02 6.43
C GLU A 46 -3.85 12.90 5.11
N VAL A 47 -4.49 12.25 4.15
CA VAL A 47 -3.90 11.89 2.87
C VAL A 47 -4.98 11.90 1.78
N LYS A 48 -4.61 11.66 0.52
CA LYS A 48 -5.50 11.61 -0.63
C LYS A 48 -5.30 10.28 -1.36
N LYS A 49 -6.17 9.99 -2.33
CA LYS A 49 -6.11 8.82 -3.23
C LYS A 49 -4.95 8.77 -4.21
N GLY A 50 -3.96 9.64 -4.05
CA GLY A 50 -2.74 9.64 -4.83
C GLY A 50 -1.75 10.47 -4.07
N GLU A 51 -1.33 9.98 -2.90
CA GLU A 51 -0.56 10.76 -1.94
C GLU A 51 0.57 9.88 -1.43
N VAL A 52 1.81 10.27 -1.70
CA VAL A 52 2.99 9.54 -1.33
C VAL A 52 3.32 9.88 0.11
N VAL A 53 3.22 8.86 0.96
CA VAL A 53 3.25 8.99 2.40
C VAL A 53 3.92 7.80 3.09
N ALA A 54 4.39 6.83 2.32
CA ALA A 54 4.89 5.56 2.82
C ALA A 54 6.01 5.09 1.90
N SER A 55 6.84 6.04 1.46
CA SER A 55 7.93 5.85 0.53
C SER A 55 8.84 4.68 0.94
N ILE A 56 9.67 4.25 0.01
CA ILE A 56 10.58 3.15 0.24
C ILE A 56 11.90 3.53 -0.42
N GLU A 57 13.02 3.12 0.17
CA GLU A 57 14.37 3.27 -0.35
C GLU A 57 15.06 1.92 -0.22
N SER A 58 15.43 1.31 -1.35
CA SER A 58 16.03 -0.03 -1.43
C SER A 58 17.53 0.05 -1.73
N VAL A 59 18.15 -1.08 -2.08
CA VAL A 59 19.57 -1.22 -2.38
C VAL A 59 20.14 -0.11 -3.28
N LYS A 60 19.38 0.34 -4.30
CA LYS A 60 19.44 1.71 -4.81
C LYS A 60 18.23 1.95 -5.71
N ALA A 61 17.05 2.08 -5.11
CA ALA A 61 15.92 2.75 -5.74
C ALA A 61 15.19 3.54 -4.67
N ALA A 62 14.29 4.42 -5.10
CA ALA A 62 13.22 4.97 -4.27
C ALA A 62 11.88 4.57 -4.89
N ALA A 63 10.82 4.50 -4.09
CA ALA A 63 9.48 4.17 -4.55
C ALA A 63 8.45 4.90 -3.70
N ASP A 64 7.81 5.89 -4.31
CA ASP A 64 6.68 6.62 -3.77
C ASP A 64 5.49 5.65 -3.62
N VAL A 65 5.02 5.35 -2.40
CA VAL A 65 3.82 4.54 -2.18
C VAL A 65 2.62 5.52 -2.19
N TYR A 66 1.83 5.56 -3.26
CA TYR A 66 0.75 6.54 -3.43
C TYR A 66 -0.56 5.98 -2.86
N ALA A 67 -0.96 6.49 -1.69
CA ALA A 67 -2.15 6.11 -0.95
C ALA A 67 -3.39 5.93 -1.85
N PRO A 68 -4.24 4.94 -1.56
CA PRO A 68 -5.24 4.47 -2.52
C PRO A 68 -6.51 5.33 -2.55
N LEU A 69 -6.92 5.85 -1.40
CA LEU A 69 -8.19 6.53 -1.15
C LEU A 69 -7.89 7.73 -0.25
N SER A 70 -8.61 8.83 -0.42
CA SER A 70 -8.60 9.93 0.52
C SER A 70 -9.18 9.46 1.86
N GLY A 71 -8.55 9.86 2.96
CA GLY A 71 -8.59 9.14 4.22
C GLY A 71 -7.59 9.76 5.18
N LYS A 72 -7.50 9.17 6.36
CA LYS A 72 -6.49 9.54 7.34
C LYS A 72 -5.81 8.26 7.81
N ILE A 73 -4.50 8.28 8.01
CA ILE A 73 -3.73 7.18 8.56
C ILE A 73 -4.20 6.99 10.00
N VAL A 74 -4.24 5.74 10.48
CA VAL A 74 -4.56 5.44 11.87
C VAL A 74 -3.74 4.27 12.42
N GLU A 75 -2.91 3.62 11.58
CA GLU A 75 -2.02 2.57 12.05
C GLU A 75 -0.82 2.53 11.09
N VAL A 76 0.35 2.11 11.57
CA VAL A 76 1.60 2.12 10.81
C VAL A 76 2.36 0.84 11.19
N ASN A 77 3.16 0.27 10.28
CA ASN A 77 3.85 -1.00 10.52
C ASN A 77 5.29 -0.74 10.94
N GLU A 78 5.49 -0.31 12.19
CA GLU A 78 6.82 0.01 12.74
C GLU A 78 7.83 -1.13 12.64
N LYS A 79 7.36 -2.36 12.38
CA LYS A 79 8.18 -3.52 12.07
C LYS A 79 9.15 -3.24 10.92
N LEU A 80 8.74 -2.43 9.95
CA LEU A 80 9.50 -2.15 8.73
C LEU A 80 10.78 -1.35 9.02
N ASP A 81 10.95 -0.86 10.25
CA ASP A 81 12.21 -0.32 10.78
C ASP A 81 13.34 -1.36 10.83
N THR A 82 12.97 -2.63 10.99
CA THR A 82 13.84 -3.75 11.31
C THR A 82 13.67 -4.89 10.30
N GLU A 83 12.48 -4.99 9.70
CA GLU A 83 12.14 -5.91 8.64
C GLU A 83 11.56 -5.10 7.46
N PRO A 84 12.36 -4.23 6.81
CA PRO A 84 11.92 -3.45 5.65
C PRO A 84 11.79 -4.38 4.45
N GLU A 85 12.85 -5.15 4.18
CA GLU A 85 12.96 -6.16 3.13
C GLU A 85 11.78 -7.13 3.16
N LEU A 86 10.96 -7.25 4.23
CA LEU A 86 9.78 -8.10 4.30
C LEU A 86 8.80 -7.79 3.16
N ILE A 87 8.85 -6.58 2.61
CA ILE A 87 8.13 -6.20 1.42
C ILE A 87 8.40 -7.23 0.28
N ASN A 88 9.58 -7.85 0.23
CA ASN A 88 9.90 -8.97 -0.67
C ASN A 88 9.22 -10.26 -0.21
N LYS A 89 9.42 -10.58 1.06
CA LYS A 89 9.18 -11.87 1.67
C LYS A 89 7.68 -12.16 1.76
N ASP A 90 6.87 -11.15 2.08
CA ASP A 90 5.43 -11.30 2.22
C ASP A 90 4.70 -9.95 1.99
N PRO A 91 4.71 -9.39 0.77
CA PRO A 91 4.23 -8.04 0.50
C PRO A 91 2.75 -7.84 0.84
N GLU A 92 1.98 -8.91 0.92
CA GLU A 92 0.56 -8.86 1.22
C GLU A 92 0.24 -9.71 2.44
N GLY A 93 1.23 -10.02 3.29
CA GLY A 93 1.07 -10.65 4.59
C GLY A 93 1.70 -9.78 5.68
N GLU A 94 2.96 -10.02 6.02
CA GLU A 94 3.66 -9.23 7.04
C GLU A 94 4.17 -7.89 6.51
N GLY A 95 4.56 -7.78 5.24
CA GLY A 95 5.19 -6.57 4.69
C GLY A 95 4.20 -5.46 4.32
N TRP A 96 3.12 -5.23 5.11
CA TRP A 96 2.29 -4.04 4.93
C TRP A 96 3.09 -2.79 5.34
N LEU A 97 2.58 -1.62 4.96
CA LEU A 97 3.26 -0.35 5.19
C LEU A 97 2.46 0.40 6.27
N PHE A 98 1.20 0.73 6.00
CA PHE A 98 0.34 1.50 6.90
C PHE A 98 -1.12 1.09 6.76
N LYS A 99 -1.99 1.60 7.63
CA LYS A 99 -3.43 1.41 7.61
C LYS A 99 -4.11 2.74 7.85
N MET A 100 -5.31 2.89 7.34
CA MET A 100 -5.99 4.18 7.24
C MET A 100 -7.49 4.03 7.36
N GLU A 101 -8.15 5.00 7.99
CA GLU A 101 -9.58 5.21 7.98
C GLU A 101 -10.00 5.41 6.52
N ILE A 102 -11.00 4.68 6.04
CA ILE A 102 -11.59 4.92 4.74
C ILE A 102 -12.70 5.97 4.86
N SER A 103 -12.34 7.20 4.59
CA SER A 103 -13.24 8.35 4.69
C SER A 103 -14.13 8.52 3.45
N ASP A 104 -13.85 7.80 2.36
CA ASP A 104 -14.68 7.69 1.17
C ASP A 104 -14.69 6.20 0.86
N GLU A 105 -15.74 5.49 1.31
CA GLU A 105 -15.93 4.10 0.92
C GLU A 105 -16.60 4.01 -0.46
N GLY A 106 -16.98 5.16 -1.03
CA GLY A 106 -17.56 5.24 -2.36
C GLY A 106 -16.48 4.91 -3.39
N GLU A 107 -15.38 5.67 -3.31
CA GLU A 107 -14.28 5.68 -4.26
C GLU A 107 -13.60 4.32 -4.42
N LEU A 108 -13.74 3.36 -3.49
CA LEU A 108 -13.32 1.98 -3.65
C LEU A 108 -13.71 1.42 -5.02
N GLU A 109 -14.88 1.80 -5.55
CA GLU A 109 -15.33 1.27 -6.83
C GLU A 109 -14.58 1.90 -8.02
N ASP A 110 -13.83 2.99 -7.81
CA ASP A 110 -12.93 3.58 -8.81
C ASP A 110 -11.70 2.69 -8.99
N LEU A 111 -11.23 2.05 -7.90
CA LEU A 111 -10.06 1.19 -7.85
C LEU A 111 -10.38 -0.10 -8.58
N LEU A 112 -9.34 -0.87 -8.86
CA LEU A 112 -9.47 -2.13 -9.56
C LEU A 112 -9.99 -3.17 -8.59
N ASP A 113 -11.02 -3.92 -8.99
CA ASP A 113 -11.32 -5.23 -8.41
C ASP A 113 -10.07 -6.11 -8.51
N GLU A 114 -10.12 -7.26 -7.87
CA GLU A 114 -9.06 -8.26 -7.88
C GLU A 114 -8.92 -8.92 -9.26
N GLN A 115 -10.03 -9.19 -9.94
CA GLN A 115 -10.04 -9.63 -11.32
C GLN A 115 -9.48 -8.52 -12.21
N ALA A 116 -9.93 -7.28 -12.00
CA ALA A 116 -9.51 -6.13 -12.79
C ALA A 116 -8.01 -5.87 -12.62
N TYR A 117 -7.49 -6.08 -11.41
CA TYR A 117 -6.09 -5.96 -11.06
C TYR A 117 -5.24 -6.95 -11.85
N GLN A 118 -5.68 -8.20 -11.96
CA GLN A 118 -5.05 -9.19 -12.83
C GLN A 118 -4.97 -8.66 -14.27
N GLU A 119 -6.06 -8.13 -14.80
CA GLU A 119 -6.10 -7.60 -16.16
C GLU A 119 -5.17 -6.39 -16.33
N PHE A 120 -4.97 -5.58 -15.28
CA PHE A 120 -4.03 -4.46 -15.33
C PHE A 120 -2.58 -4.97 -15.34
N CYS A 121 -2.31 -6.10 -14.68
CA CYS A 121 -1.02 -6.76 -14.77
C CYS A 121 -0.80 -7.31 -16.19
N ALA A 122 -1.85 -7.85 -16.83
CA ALA A 122 -1.74 -8.42 -18.17
C ALA A 122 -1.36 -7.35 -19.22
N GLN A 123 -1.66 -6.08 -18.95
CA GLN A 123 -1.35 -4.94 -19.80
C GLN A 123 -0.13 -4.16 -19.28
N GLU A 124 0.56 -4.64 -18.23
CA GLU A 124 1.72 -3.97 -17.65
C GLU A 124 2.87 -3.95 -18.64
N MET A 1 -18.90 -5.40 5.08
CA MET A 1 -17.90 -4.97 6.06
C MET A 1 -16.69 -5.91 6.01
N LYS A 2 -15.91 -5.79 4.93
CA LYS A 2 -14.62 -6.38 4.55
C LYS A 2 -14.61 -6.39 3.02
N MET A 3 -13.59 -5.83 2.38
CA MET A 3 -13.45 -5.82 0.92
C MET A 3 -11.95 -5.76 0.62
N LYS A 4 -11.48 -6.16 -0.56
CA LYS A 4 -10.09 -5.91 -0.97
C LYS A 4 -10.03 -5.44 -2.41
N LYS A 5 -9.63 -4.19 -2.67
CA LYS A 5 -9.29 -3.72 -4.01
C LYS A 5 -7.79 -3.49 -4.21
N TYR A 6 -7.41 -3.17 -5.45
CA TYR A 6 -6.05 -2.85 -5.94
C TYR A 6 -6.04 -1.50 -6.68
N THR A 7 -4.89 -1.05 -7.17
CA THR A 7 -4.66 0.25 -7.78
C THR A 7 -3.74 0.08 -8.99
N LYS A 8 -3.64 1.13 -9.82
CA LYS A 8 -2.64 1.22 -10.88
C LYS A 8 -1.25 1.58 -10.35
N THR A 9 -1.10 1.92 -9.07
CA THR A 9 0.18 2.30 -8.45
C THR A 9 0.88 1.09 -7.79
N HIS A 10 0.49 -0.13 -8.16
CA HIS A 10 0.98 -1.40 -7.63
C HIS A 10 0.76 -1.50 -6.10
N GLU A 11 -0.42 -1.11 -5.61
CA GLU A 11 -0.81 -1.24 -4.20
C GLU A 11 -2.11 -2.04 -4.10
N TRP A 12 -2.27 -2.77 -2.99
CA TRP A 12 -3.48 -3.46 -2.58
C TRP A 12 -4.05 -2.77 -1.34
N VAL A 13 -5.32 -3.06 -1.03
CA VAL A 13 -6.11 -2.32 -0.06
C VAL A 13 -7.00 -3.33 0.68
N SER A 14 -6.65 -3.77 1.88
CA SER A 14 -7.50 -4.62 2.72
C SER A 14 -8.46 -3.74 3.51
N ILE A 15 -9.68 -3.52 3.05
CA ILE A 15 -10.70 -2.88 3.86
C ILE A 15 -11.20 -3.90 4.89
N GLU A 16 -11.47 -3.45 6.10
CA GLU A 16 -11.94 -4.26 7.20
C GLU A 16 -13.29 -3.70 7.67
N ASP A 17 -13.33 -2.94 8.76
CA ASP A 17 -14.55 -2.32 9.27
C ASP A 17 -14.62 -0.89 8.72
N LYS A 18 -13.83 0.04 9.28
CA LYS A 18 -13.73 1.45 8.87
C LYS A 18 -12.28 1.83 8.61
N VAL A 19 -11.40 0.85 8.44
CA VAL A 19 -9.99 1.04 8.16
C VAL A 19 -9.67 0.18 6.92
N ALA A 20 -8.63 0.54 6.18
CA ALA A 20 -8.00 -0.29 5.15
C ALA A 20 -6.50 -0.31 5.41
N THR A 21 -5.90 -1.49 5.29
CA THR A 21 -4.46 -1.65 5.24
C THR A 21 -4.00 -1.42 3.80
N VAL A 22 -2.89 -0.72 3.64
CA VAL A 22 -2.19 -0.45 2.39
C VAL A 22 -0.85 -1.17 2.42
N GLY A 23 -0.50 -1.85 1.32
CA GLY A 23 0.85 -2.30 1.03
C GLY A 23 1.06 -2.29 -0.48
N ILE A 24 2.31 -2.36 -0.94
CA ILE A 24 2.58 -2.59 -2.36
C ILE A 24 2.29 -4.06 -2.69
N THR A 25 1.97 -4.34 -3.95
CA THR A 25 1.80 -5.70 -4.43
C THR A 25 3.19 -6.36 -4.62
N ASN A 26 3.21 -7.69 -4.78
CA ASN A 26 4.44 -8.44 -5.06
C ASN A 26 5.20 -7.90 -6.27
N HIS A 27 4.50 -7.42 -7.28
CA HIS A 27 5.10 -6.98 -8.53
C HIS A 27 6.12 -5.85 -8.31
N ALA A 28 5.92 -5.04 -7.27
CA ALA A 28 6.86 -4.00 -6.87
C ALA A 28 8.12 -4.59 -6.24
N GLN A 29 8.01 -5.39 -5.15
CA GLN A 29 9.18 -5.95 -4.45
C GLN A 29 10.08 -6.76 -5.38
N GLU A 30 9.50 -7.35 -6.43
CA GLU A 30 10.21 -8.08 -7.47
C GLU A 30 11.31 -7.23 -8.09
N GLN A 31 11.11 -5.91 -8.17
CA GLN A 31 12.09 -5.00 -8.72
C GLN A 31 13.03 -4.52 -7.60
N LEU A 32 12.49 -4.12 -6.44
CA LEU A 32 13.29 -3.53 -5.35
C LEU A 32 14.33 -4.49 -4.79
N GLY A 33 14.03 -5.79 -4.73
CA GLY A 33 14.85 -6.74 -4.02
C GLY A 33 14.91 -6.39 -2.53
N ASP A 34 16.13 -6.26 -2.00
CA ASP A 34 16.49 -6.62 -0.62
C ASP A 34 16.15 -5.62 0.46
N VAL A 35 15.04 -4.94 0.24
CA VAL A 35 15.02 -3.50 0.19
C VAL A 35 16.19 -2.86 0.91
N VAL A 36 15.99 -2.16 2.03
CA VAL A 36 16.95 -1.30 2.72
C VAL A 36 16.21 -0.44 3.74
N TYR A 37 15.07 0.15 3.35
CA TYR A 37 14.42 1.24 4.08
C TYR A 37 12.95 1.38 3.63
N VAL A 38 12.15 2.12 4.38
CA VAL A 38 10.79 2.54 4.03
C VAL A 38 10.46 3.77 4.86
N ASP A 39 9.90 4.75 4.17
CA ASP A 39 9.29 5.93 4.74
C ASP A 39 7.85 5.57 5.09
N LEU A 40 7.32 6.09 6.21
CA LEU A 40 5.94 5.88 6.62
C LEU A 40 5.37 7.19 7.14
N PRO A 41 4.05 7.39 7.01
CA PRO A 41 3.40 8.58 7.50
C PRO A 41 3.34 8.61 9.03
N GLU A 42 2.86 9.72 9.57
CA GLU A 42 2.50 9.84 10.96
C GLU A 42 1.12 9.20 11.14
N VAL A 43 0.84 8.67 12.34
CA VAL A 43 -0.36 7.89 12.71
C VAL A 43 -1.65 8.75 12.83
N GLY A 44 -1.62 9.94 12.25
CA GLY A 44 -2.64 10.97 12.26
C GLY A 44 -2.53 11.87 11.03
N ARG A 45 -1.65 11.57 10.06
CA ARG A 45 -1.50 12.37 8.85
C ARG A 45 -2.78 12.24 8.02
N GLU A 46 -3.41 13.34 7.66
CA GLU A 46 -4.49 13.32 6.68
C GLU A 46 -3.87 13.16 5.29
N VAL A 47 -4.52 12.41 4.40
CA VAL A 47 -3.99 12.08 3.08
C VAL A 47 -5.12 12.04 2.05
N LYS A 48 -4.84 11.69 0.80
CA LYS A 48 -5.79 11.58 -0.29
C LYS A 48 -5.49 10.35 -1.12
N LYS A 49 -6.42 9.97 -2.01
CA LYS A 49 -6.42 8.73 -2.80
C LYS A 49 -5.33 8.61 -3.88
N GLY A 50 -4.28 9.41 -3.77
CA GLY A 50 -3.03 9.15 -4.44
C GLY A 50 -1.93 9.99 -3.82
N GLU A 51 -1.56 9.73 -2.56
CA GLU A 51 -0.52 10.43 -1.83
C GLU A 51 0.67 9.54 -1.47
N VAL A 52 1.87 9.94 -1.89
CA VAL A 52 3.17 9.24 -1.78
C VAL A 52 3.70 9.04 -0.34
N VAL A 53 2.85 9.10 0.68
CA VAL A 53 3.19 9.17 2.10
C VAL A 53 3.96 7.96 2.68
N ALA A 54 4.43 7.02 1.87
CA ALA A 54 5.12 5.84 2.34
C ALA A 54 6.17 5.38 1.32
N SER A 55 7.03 6.31 0.87
CA SER A 55 7.99 6.04 -0.18
C SER A 55 8.92 4.90 0.22
N ILE A 56 9.35 4.16 -0.78
CA ILE A 56 10.31 3.08 -0.63
C ILE A 56 11.62 3.58 -1.24
N GLU A 57 12.75 3.22 -0.61
CA GLU A 57 14.06 3.12 -1.20
C GLU A 57 14.43 1.65 -1.03
N SER A 58 15.11 1.02 -1.99
CA SER A 58 15.94 -0.17 -1.72
C SER A 58 17.40 0.21 -1.94
N VAL A 59 18.28 -0.78 -1.86
CA VAL A 59 19.71 -0.66 -2.05
C VAL A 59 20.09 0.26 -3.22
N LYS A 60 19.34 0.27 -4.34
CA LYS A 60 19.39 1.41 -5.26
C LYS A 60 18.06 1.77 -5.94
N ALA A 61 16.93 1.09 -5.68
CA ALA A 61 15.64 1.47 -6.26
C ALA A 61 14.96 2.54 -5.41
N ALA A 62 13.85 3.07 -5.92
CA ALA A 62 12.84 3.79 -5.15
C ALA A 62 11.46 3.39 -5.67
N ALA A 63 10.39 3.64 -4.91
CA ALA A 63 9.01 3.45 -5.36
C ALA A 63 8.06 4.27 -4.47
N ASP A 64 7.43 5.30 -5.01
CA ASP A 64 6.43 6.14 -4.36
C ASP A 64 5.20 5.25 -4.05
N VAL A 65 4.69 5.21 -2.81
CA VAL A 65 3.48 4.44 -2.48
C VAL A 65 2.32 5.45 -2.38
N TYR A 66 1.38 5.47 -3.32
CA TYR A 66 0.37 6.50 -3.38
C TYR A 66 -0.95 6.04 -2.76
N ALA A 67 -1.20 6.46 -1.51
CA ALA A 67 -2.33 6.08 -0.67
C ALA A 67 -3.62 5.90 -1.48
N PRO A 68 -4.31 4.75 -1.39
CA PRO A 68 -5.27 4.34 -2.40
C PRO A 68 -6.63 5.05 -2.32
N LEU A 69 -7.02 5.57 -1.15
CA LEU A 69 -8.29 6.23 -0.88
C LEU A 69 -8.01 7.53 -0.11
N SER A 70 -8.93 8.49 -0.13
CA SER A 70 -8.88 9.59 0.81
C SER A 70 -9.34 9.13 2.20
N GLY A 71 -8.86 9.79 3.25
CA GLY A 71 -8.86 9.25 4.60
C GLY A 71 -7.70 9.85 5.37
N LYS A 72 -7.51 9.35 6.58
CA LYS A 72 -6.47 9.80 7.50
C LYS A 72 -5.72 8.56 7.93
N ILE A 73 -4.40 8.62 8.07
CA ILE A 73 -3.61 7.52 8.60
C ILE A 73 -3.99 7.38 10.08
N VAL A 74 -3.97 6.15 10.58
CA VAL A 74 -4.30 5.84 11.97
C VAL A 74 -3.53 4.62 12.50
N GLU A 75 -2.86 3.83 11.63
CA GLU A 75 -1.96 2.78 12.09
C GLU A 75 -0.76 2.77 11.14
N VAL A 76 0.41 2.35 11.62
CA VAL A 76 1.63 2.19 10.84
C VAL A 76 2.25 0.85 11.25
N ASN A 77 3.13 0.30 10.42
CA ASN A 77 3.65 -1.04 10.63
C ASN A 77 5.07 -0.95 11.15
N GLU A 78 5.22 -0.91 12.47
CA GLU A 78 6.50 -0.73 13.17
C GLU A 78 7.49 -1.87 12.88
N LYS A 79 7.00 -2.98 12.32
CA LYS A 79 7.81 -4.04 11.74
C LYS A 79 8.74 -3.51 10.65
N LEU A 80 8.28 -2.62 9.78
CA LEU A 80 9.02 -2.20 8.58
C LEU A 80 10.21 -1.32 8.98
N ASP A 81 10.15 -0.73 10.18
CA ASP A 81 11.25 -0.08 10.86
C ASP A 81 12.39 -1.09 11.06
N THR A 82 12.05 -2.27 11.58
CA THR A 82 13.02 -3.27 12.00
C THR A 82 13.52 -4.13 10.84
N GLU A 83 12.69 -4.36 9.82
CA GLU A 83 12.93 -5.37 8.79
C GLU A 83 12.28 -4.89 7.45
N PRO A 84 12.82 -3.88 6.76
CA PRO A 84 12.27 -3.32 5.52
C PRO A 84 11.97 -4.41 4.48
N GLU A 85 12.84 -5.41 4.30
CA GLU A 85 12.64 -6.45 3.29
C GLU A 85 11.42 -7.35 3.55
N LEU A 86 10.62 -7.24 4.63
CA LEU A 86 9.44 -8.09 4.87
C LEU A 86 8.40 -7.95 3.77
N ILE A 87 8.42 -6.83 3.05
CA ILE A 87 7.58 -6.60 1.89
C ILE A 87 7.89 -7.66 0.82
N ASN A 88 9.08 -8.25 0.80
CA ASN A 88 9.40 -9.42 -0.02
C ASN A 88 8.68 -10.63 0.52
N LYS A 89 8.99 -10.93 1.78
CA LYS A 89 8.59 -12.13 2.51
C LYS A 89 7.09 -12.34 2.45
N ASP A 90 6.32 -11.26 2.45
CA ASP A 90 4.90 -11.27 2.15
C ASP A 90 4.44 -9.83 2.00
N PRO A 91 4.27 -9.30 0.78
CA PRO A 91 3.86 -7.93 0.59
C PRO A 91 2.43 -7.67 1.05
N GLU A 92 1.62 -8.70 1.33
CA GLU A 92 0.23 -8.53 1.76
C GLU A 92 -0.05 -9.08 3.16
N GLY A 93 0.79 -9.98 3.68
CA GLY A 93 0.62 -10.50 5.03
C GLY A 93 1.13 -9.49 6.04
N GLU A 94 2.41 -9.58 6.38
CA GLU A 94 3.04 -8.78 7.40
C GLU A 94 3.81 -7.60 6.81
N GLY A 95 4.11 -7.61 5.50
CA GLY A 95 4.82 -6.55 4.80
C GLY A 95 3.93 -5.39 4.34
N TRP A 96 2.84 -5.07 5.06
CA TRP A 96 2.07 -3.86 4.80
C TRP A 96 2.84 -2.62 5.25
N LEU A 97 2.42 -1.43 4.81
CA LEU A 97 3.10 -0.17 5.09
C LEU A 97 2.35 0.54 6.22
N PHE A 98 1.11 0.98 5.97
CA PHE A 98 0.29 1.72 6.92
C PHE A 98 -1.17 1.30 6.82
N LYS A 99 -2.02 1.79 7.73
CA LYS A 99 -3.46 1.68 7.66
C LYS A 99 -4.09 3.06 7.74
N MET A 100 -5.28 3.20 7.19
CA MET A 100 -5.98 4.46 7.07
C MET A 100 -7.47 4.26 7.33
N GLU A 101 -8.06 5.24 7.99
CA GLU A 101 -9.46 5.32 8.32
C GLU A 101 -10.20 5.84 7.09
N ILE A 102 -11.05 4.99 6.50
CA ILE A 102 -11.64 5.22 5.20
C ILE A 102 -12.77 6.24 5.30
N SER A 103 -12.52 7.48 4.88
CA SER A 103 -13.56 8.52 4.80
C SER A 103 -14.67 8.12 3.83
N ASP A 104 -14.33 7.45 2.73
CA ASP A 104 -15.24 7.23 1.62
C ASP A 104 -15.04 5.82 1.10
N GLU A 105 -15.85 4.89 1.61
CA GLU A 105 -15.97 3.56 1.06
C GLU A 105 -16.59 3.61 -0.36
N GLY A 106 -17.13 4.76 -0.74
CA GLY A 106 -17.62 5.00 -2.08
C GLY A 106 -16.48 5.08 -3.08
N GLU A 107 -15.31 5.60 -2.67
CA GLU A 107 -14.13 5.69 -3.54
C GLU A 107 -13.49 4.30 -3.75
N LEU A 108 -13.93 3.23 -3.07
CA LEU A 108 -13.38 1.88 -3.27
C LEU A 108 -13.73 1.35 -4.65
N GLU A 109 -14.84 1.80 -5.23
CA GLU A 109 -15.42 1.19 -6.41
C GLU A 109 -14.65 1.60 -7.67
N ASP A 110 -14.07 2.80 -7.63
CA ASP A 110 -13.19 3.44 -8.61
C ASP A 110 -11.82 2.75 -8.72
N LEU A 111 -11.46 1.98 -7.70
CA LEU A 111 -10.27 1.12 -7.66
C LEU A 111 -10.48 -0.09 -8.56
N LEU A 112 -9.56 -1.04 -8.46
CA LEU A 112 -9.49 -2.16 -9.38
C LEU A 112 -9.86 -3.42 -8.62
N ASP A 113 -10.74 -4.21 -9.23
CA ASP A 113 -10.85 -5.62 -8.94
C ASP A 113 -9.50 -6.28 -9.26
N GLU A 114 -9.31 -7.49 -8.79
CA GLU A 114 -8.08 -8.25 -8.96
C GLU A 114 -7.89 -8.60 -10.42
N GLN A 115 -8.93 -9.11 -11.08
CA GLN A 115 -8.86 -9.48 -12.49
C GLN A 115 -8.56 -8.25 -13.37
N ALA A 116 -9.07 -7.08 -12.98
CA ALA A 116 -8.74 -5.82 -13.63
C ALA A 116 -7.29 -5.43 -13.34
N TYR A 117 -6.81 -5.62 -12.11
CA TYR A 117 -5.43 -5.30 -11.76
C TYR A 117 -4.43 -6.25 -12.46
N GLN A 118 -4.81 -7.50 -12.69
CA GLN A 118 -4.11 -8.47 -13.53
C GLN A 118 -3.90 -7.85 -14.91
N GLU A 119 -4.99 -7.44 -15.55
CA GLU A 119 -5.02 -6.98 -16.93
C GLU A 119 -4.18 -5.72 -17.08
N PHE A 120 -4.33 -4.79 -16.14
CA PHE A 120 -3.54 -3.59 -16.06
C PHE A 120 -2.06 -3.92 -16.06
N CYS A 121 -1.61 -4.83 -15.20
CA CYS A 121 -0.21 -5.19 -15.09
C CYS A 121 0.36 -5.75 -16.40
N ALA A 122 -0.46 -6.49 -17.15
CA ALA A 122 -0.06 -7.08 -18.44
C ALA A 122 0.22 -5.99 -19.48
N GLN A 123 -0.36 -4.80 -19.30
CA GLN A 123 -0.31 -3.69 -20.24
C GLN A 123 0.78 -2.69 -19.90
N GLU A 124 1.50 -2.88 -18.78
CA GLU A 124 2.52 -1.95 -18.30
C GLU A 124 3.89 -2.38 -18.77
N MET A 1 -17.70 -3.28 5.33
CA MET A 1 -17.59 -4.55 4.58
C MET A 1 -16.13 -4.95 4.47
N LYS A 2 -15.76 -6.18 4.84
CA LYS A 2 -14.48 -6.76 4.42
C LYS A 2 -14.53 -6.89 2.90
N MET A 3 -13.61 -6.24 2.20
CA MET A 3 -13.61 -6.15 0.76
C MET A 3 -12.21 -5.66 0.34
N LYS A 4 -11.79 -5.81 -0.92
CA LYS A 4 -10.39 -5.60 -1.26
C LYS A 4 -10.17 -5.22 -2.72
N LYS A 5 -10.02 -3.92 -2.99
CA LYS A 5 -9.56 -3.44 -4.30
C LYS A 5 -8.05 -3.20 -4.32
N TYR A 6 -7.57 -2.70 -5.46
CA TYR A 6 -6.16 -2.55 -5.84
C TYR A 6 -5.97 -1.20 -6.54
N THR A 7 -4.72 -0.83 -6.83
CA THR A 7 -4.33 0.41 -7.49
C THR A 7 -3.57 0.06 -8.76
N LYS A 8 -3.26 1.08 -9.55
CA LYS A 8 -2.26 0.98 -10.61
C LYS A 8 -0.86 1.09 -10.02
N THR A 9 -0.67 1.89 -8.97
CA THR A 9 0.61 2.08 -8.29
C THR A 9 1.00 0.89 -7.39
N HIS A 10 0.45 -0.30 -7.70
CA HIS A 10 0.83 -1.62 -7.23
C HIS A 10 0.72 -1.76 -5.71
N GLU A 11 -0.45 -1.43 -5.20
CA GLU A 11 -0.87 -1.56 -3.82
C GLU A 11 -2.15 -2.37 -3.76
N TRP A 12 -2.25 -3.24 -2.76
CA TRP A 12 -3.49 -3.89 -2.35
C TRP A 12 -4.11 -3.08 -1.22
N VAL A 13 -5.42 -3.25 -0.99
CA VAL A 13 -6.19 -2.48 -0.03
C VAL A 13 -7.11 -3.46 0.68
N SER A 14 -6.76 -3.90 1.89
CA SER A 14 -7.61 -4.76 2.71
C SER A 14 -8.60 -3.91 3.48
N ILE A 15 -9.74 -3.55 2.90
CA ILE A 15 -10.81 -2.94 3.69
C ILE A 15 -11.35 -4.04 4.61
N GLU A 16 -11.56 -3.70 5.88
CA GLU A 16 -12.02 -4.65 6.88
C GLU A 16 -13.32 -4.15 7.51
N ASP A 17 -13.22 -3.07 8.28
CA ASP A 17 -14.32 -2.54 9.09
C ASP A 17 -14.57 -1.12 8.61
N LYS A 18 -13.81 -0.13 9.10
CA LYS A 18 -13.79 1.25 8.59
C LYS A 18 -12.37 1.67 8.26
N VAL A 19 -11.45 0.72 8.20
CA VAL A 19 -10.04 0.92 7.98
C VAL A 19 -9.68 -0.03 6.84
N ALA A 20 -8.68 0.35 6.03
CA ALA A 20 -8.02 -0.52 5.09
C ALA A 20 -6.55 -0.59 5.48
N THR A 21 -5.97 -1.78 5.36
CA THR A 21 -4.53 -1.98 5.44
C THR A 21 -4.00 -1.89 4.01
N VAL A 22 -2.92 -1.12 3.82
CA VAL A 22 -2.21 -0.97 2.56
C VAL A 22 -0.83 -1.65 2.66
N GLY A 23 -0.43 -2.34 1.59
CA GLY A 23 0.92 -2.81 1.30
C GLY A 23 1.11 -2.82 -0.23
N ILE A 24 2.33 -3.00 -0.73
CA ILE A 24 2.55 -3.14 -2.18
C ILE A 24 2.37 -4.60 -2.60
N THR A 25 2.12 -4.85 -3.89
CA THR A 25 1.92 -6.19 -4.43
C THR A 25 3.25 -6.90 -4.80
N ASN A 26 3.24 -8.22 -5.06
CA ASN A 26 4.41 -9.00 -5.48
C ASN A 26 5.10 -8.41 -6.72
N HIS A 27 4.35 -7.97 -7.73
CA HIS A 27 4.87 -7.34 -8.95
C HIS A 27 5.73 -6.10 -8.68
N ALA A 28 5.76 -5.59 -7.44
CA ALA A 28 6.52 -4.43 -7.04
C ALA A 28 7.77 -4.82 -6.26
N GLN A 29 7.69 -5.73 -5.28
CA GLN A 29 8.92 -6.24 -4.66
C GLN A 29 9.81 -6.91 -5.71
N GLU A 30 9.25 -7.44 -6.81
CA GLU A 30 9.99 -7.99 -7.92
C GLU A 30 10.96 -6.97 -8.52
N GLN A 31 10.56 -5.70 -8.62
CA GLN A 31 11.35 -4.70 -9.32
C GLN A 31 12.46 -4.12 -8.43
N LEU A 32 12.36 -4.26 -7.11
CA LEU A 32 13.33 -3.71 -6.17
C LEU A 32 14.25 -4.80 -5.61
N GLY A 33 13.75 -6.03 -5.46
CA GLY A 33 14.47 -7.10 -4.81
C GLY A 33 14.71 -6.74 -3.35
N ASP A 34 15.98 -6.76 -2.96
CA ASP A 34 16.40 -6.39 -1.61
C ASP A 34 16.04 -4.92 -1.39
N VAL A 35 15.12 -4.67 -0.46
CA VAL A 35 14.99 -3.36 0.15
C VAL A 35 15.81 -3.38 1.44
N VAL A 36 15.65 -2.32 2.22
CA VAL A 36 16.67 -1.75 3.06
C VAL A 36 16.03 -0.67 3.93
N TYR A 37 14.99 -0.01 3.40
CA TYR A 37 14.25 1.01 4.17
C TYR A 37 12.80 1.15 3.69
N VAL A 38 11.93 1.72 4.52
CA VAL A 38 10.70 2.39 4.10
C VAL A 38 10.51 3.62 4.94
N ASP A 39 9.94 4.64 4.31
CA ASP A 39 9.50 5.84 5.00
C ASP A 39 8.04 5.64 5.44
N LEU A 40 7.56 6.24 6.53
CA LEU A 40 6.16 6.15 6.94
C LEU A 40 5.60 7.52 7.34
N PRO A 41 4.27 7.70 7.24
CA PRO A 41 3.55 8.91 7.64
C PRO A 41 3.31 8.89 9.16
N GLU A 42 2.39 9.73 9.66
CA GLU A 42 1.99 9.74 11.06
C GLU A 42 0.57 9.21 11.23
N VAL A 43 0.31 8.58 12.37
CA VAL A 43 -0.91 7.92 12.87
C VAL A 43 -2.18 8.78 13.01
N GLY A 44 -2.17 9.98 12.46
CA GLY A 44 -3.28 10.92 12.41
C GLY A 44 -3.17 11.89 11.23
N ARG A 45 -2.34 11.56 10.23
CA ARG A 45 -2.24 12.43 9.04
C ARG A 45 -3.44 12.13 8.15
N GLU A 46 -4.04 13.12 7.50
CA GLU A 46 -5.02 12.88 6.48
C GLU A 46 -4.26 12.59 5.17
N VAL A 47 -4.89 11.87 4.23
CA VAL A 47 -4.36 11.59 2.90
C VAL A 47 -5.49 11.71 1.85
N LYS A 48 -5.10 11.88 0.58
CA LYS A 48 -5.96 11.86 -0.61
C LYS A 48 -5.39 10.79 -1.55
N LYS A 49 -6.18 10.33 -2.53
CA LYS A 49 -5.96 9.04 -3.21
C LYS A 49 -4.81 8.97 -4.23
N GLY A 50 -3.83 9.84 -4.08
CA GLY A 50 -2.59 9.79 -4.83
C GLY A 50 -1.40 10.41 -4.09
N GLU A 51 -1.46 10.61 -2.77
CA GLU A 51 -0.38 11.23 -2.02
C GLU A 51 0.76 10.25 -1.78
N VAL A 52 2.01 10.73 -1.83
CA VAL A 52 3.20 9.94 -1.56
C VAL A 52 3.58 10.16 -0.10
N VAL A 53 3.35 9.15 0.72
CA VAL A 53 3.30 9.28 2.17
C VAL A 53 4.10 8.16 2.86
N ALA A 54 4.67 7.24 2.09
CA ALA A 54 5.13 5.96 2.58
C ALA A 54 6.14 5.35 1.61
N SER A 55 7.11 6.15 1.14
CA SER A 55 8.11 5.72 0.17
C SER A 55 8.80 4.42 0.60
N ILE A 56 9.40 3.75 -0.38
CA ILE A 56 10.18 2.54 -0.22
C ILE A 56 11.48 2.86 -0.94
N GLU A 57 12.59 2.98 -0.21
CA GLU A 57 13.91 3.24 -0.76
C GLU A 57 14.71 1.96 -0.58
N SER A 58 15.37 1.48 -1.63
CA SER A 58 16.03 0.19 -1.69
C SER A 58 17.54 0.37 -1.77
N VAL A 59 18.25 -0.74 -1.99
CA VAL A 59 19.69 -0.80 -2.16
C VAL A 59 20.18 0.25 -3.19
N LYS A 60 19.50 0.42 -4.33
CA LYS A 60 19.55 1.62 -5.18
C LYS A 60 18.26 1.70 -6.00
N ALA A 61 17.20 2.31 -5.47
CA ALA A 61 16.04 2.83 -6.20
C ALA A 61 15.05 3.39 -5.18
N ALA A 62 13.93 3.92 -5.70
CA ALA A 62 12.76 4.33 -4.94
C ALA A 62 11.49 3.81 -5.59
N ALA A 63 10.49 3.51 -4.76
CA ALA A 63 9.12 3.18 -5.12
C ALA A 63 8.23 4.02 -4.20
N ASP A 64 7.70 5.13 -4.71
CA ASP A 64 6.76 5.98 -4.01
C ASP A 64 5.48 5.15 -3.80
N VAL A 65 5.02 4.94 -2.57
CA VAL A 65 3.68 4.42 -2.34
C VAL A 65 2.69 5.58 -2.47
N TYR A 66 1.71 5.46 -3.36
CA TYR A 66 0.70 6.49 -3.57
C TYR A 66 -0.61 6.05 -2.91
N ALA A 67 -0.90 6.68 -1.78
CA ALA A 67 -2.08 6.54 -0.94
C ALA A 67 -3.31 6.07 -1.73
N PRO A 68 -3.84 4.86 -1.50
CA PRO A 68 -4.77 4.25 -2.44
C PRO A 68 -6.13 4.94 -2.48
N LEU A 69 -6.60 5.45 -1.33
CA LEU A 69 -7.85 6.16 -1.14
C LEU A 69 -7.54 7.47 -0.43
N SER A 70 -8.52 8.37 -0.44
CA SER A 70 -8.67 9.42 0.54
C SER A 70 -9.03 8.76 1.87
N GLY A 71 -8.68 9.40 2.98
CA GLY A 71 -8.83 8.80 4.29
C GLY A 71 -7.82 9.41 5.24
N LYS A 72 -7.61 8.82 6.41
CA LYS A 72 -6.69 9.39 7.41
C LYS A 72 -6.00 8.23 8.08
N ILE A 73 -4.68 8.32 8.21
CA ILE A 73 -3.86 7.24 8.74
C ILE A 73 -4.21 7.12 10.22
N VAL A 74 -4.23 5.89 10.72
CA VAL A 74 -4.57 5.62 12.11
C VAL A 74 -3.72 4.49 12.68
N GLU A 75 -2.88 3.84 11.86
CA GLU A 75 -1.84 2.96 12.35
C GLU A 75 -0.73 2.81 11.29
N VAL A 76 0.47 2.40 11.70
CA VAL A 76 1.69 2.34 10.88
C VAL A 76 2.44 1.05 11.27
N ASN A 77 3.22 0.47 10.35
CA ASN A 77 3.95 -0.77 10.61
C ASN A 77 5.39 -0.43 10.96
N GLU A 78 5.61 0.03 12.20
CA GLU A 78 6.92 0.45 12.75
C GLU A 78 7.98 -0.65 12.69
N LYS A 79 7.57 -1.88 12.39
CA LYS A 79 8.41 -3.01 12.04
C LYS A 79 9.30 -2.71 10.84
N LEU A 80 8.84 -1.97 9.84
CA LEU A 80 9.51 -1.89 8.53
C LEU A 80 10.81 -1.08 8.60
N ASP A 81 11.05 -0.40 9.73
CA ASP A 81 12.34 0.03 10.27
C ASP A 81 13.41 -1.06 10.13
N THR A 82 13.13 -2.26 10.65
CA THR A 82 14.08 -3.35 10.77
C THR A 82 13.64 -4.59 9.98
N GLU A 83 12.45 -4.55 9.38
CA GLU A 83 11.97 -5.53 8.43
C GLU A 83 11.39 -4.86 7.17
N PRO A 84 12.17 -4.02 6.46
CA PRO A 84 11.79 -3.51 5.16
C PRO A 84 11.86 -4.64 4.13
N GLU A 85 12.73 -5.63 4.35
CA GLU A 85 12.86 -6.82 3.54
C GLU A 85 11.61 -7.70 3.64
N LEU A 86 10.75 -7.53 4.65
CA LEU A 86 9.48 -8.24 4.74
C LEU A 86 8.56 -7.91 3.56
N ILE A 87 8.75 -6.76 2.88
CA ILE A 87 7.98 -6.51 1.67
C ILE A 87 8.32 -7.54 0.57
N ASN A 88 9.42 -8.30 0.69
CA ASN A 88 9.65 -9.52 -0.08
C ASN A 88 8.97 -10.71 0.59
N LYS A 89 9.31 -10.94 1.86
CA LYS A 89 8.97 -12.15 2.60
C LYS A 89 7.47 -12.35 2.74
N ASP A 90 6.70 -11.26 2.82
CA ASP A 90 5.25 -11.29 2.78
C ASP A 90 4.69 -9.90 2.45
N PRO A 91 4.72 -9.43 1.19
CA PRO A 91 4.28 -8.08 0.82
C PRO A 91 2.82 -7.81 1.16
N GLU A 92 2.04 -8.88 1.39
CA GLU A 92 0.62 -8.80 1.63
C GLU A 92 0.25 -9.46 2.96
N GLY A 93 1.24 -9.77 3.80
CA GLY A 93 1.06 -10.21 5.17
C GLY A 93 1.80 -9.24 6.08
N GLU A 94 2.91 -9.66 6.65
CA GLU A 94 3.65 -8.89 7.66
C GLU A 94 4.34 -7.66 7.05
N GLY A 95 4.53 -7.62 5.74
CA GLY A 95 5.08 -6.49 4.99
C GLY A 95 4.05 -5.41 4.62
N TRP A 96 2.95 -5.24 5.37
CA TRP A 96 2.09 -4.07 5.21
C TRP A 96 2.85 -2.79 5.59
N LEU A 97 2.32 -1.63 5.22
CA LEU A 97 2.97 -0.33 5.41
C LEU A 97 2.21 0.45 6.49
N PHE A 98 0.93 0.73 6.26
CA PHE A 98 0.10 1.53 7.17
C PHE A 98 -1.36 1.09 7.11
N LYS A 99 -2.17 1.57 8.05
CA LYS A 99 -3.62 1.41 8.08
C LYS A 99 -4.26 2.79 8.13
N MET A 100 -5.37 2.95 7.42
CA MET A 100 -6.01 4.23 7.20
C MET A 100 -7.52 4.08 7.25
N GLU A 101 -8.22 5.04 7.85
CA GLU A 101 -9.67 5.08 7.94
C GLU A 101 -10.20 5.50 6.58
N ILE A 102 -11.25 4.83 6.10
CA ILE A 102 -11.96 5.23 4.90
C ILE A 102 -13.04 6.25 5.31
N SER A 103 -12.95 7.48 4.81
CA SER A 103 -14.04 8.43 4.92
C SER A 103 -15.06 8.22 3.79
N ASP A 104 -14.69 7.52 2.73
CA ASP A 104 -15.31 7.62 1.43
C ASP A 104 -15.29 6.21 0.84
N GLU A 105 -16.32 5.40 1.15
CA GLU A 105 -16.45 4.05 0.67
C GLU A 105 -16.88 4.03 -0.82
N GLY A 106 -17.30 5.17 -1.36
CA GLY A 106 -17.66 5.35 -2.76
C GLY A 106 -16.47 5.03 -3.62
N GLU A 107 -15.37 5.74 -3.37
CA GLU A 107 -14.15 5.69 -4.16
C GLU A 107 -13.40 4.36 -4.02
N LEU A 108 -13.89 3.44 -3.19
CA LEU A 108 -13.42 2.06 -3.28
C LEU A 108 -13.75 1.48 -4.65
N GLU A 109 -14.91 1.81 -5.20
CA GLU A 109 -15.38 1.37 -6.51
C GLU A 109 -14.84 2.28 -7.62
N ASP A 110 -14.14 3.37 -7.28
CA ASP A 110 -13.35 4.15 -8.23
C ASP A 110 -12.07 3.39 -8.60
N LEU A 111 -11.65 2.40 -7.78
CA LEU A 111 -10.42 1.62 -7.96
C LEU A 111 -10.63 0.40 -8.88
N LEU A 112 -9.75 -0.60 -8.77
CA LEU A 112 -9.66 -1.79 -9.61
C LEU A 112 -10.07 -3.02 -8.80
N ASP A 113 -10.89 -3.89 -9.39
CA ASP A 113 -11.07 -5.27 -8.92
C ASP A 113 -9.74 -6.02 -9.06
N GLU A 114 -9.67 -7.24 -8.53
CA GLU A 114 -8.52 -8.14 -8.62
C GLU A 114 -8.26 -8.51 -10.09
N GLN A 115 -9.29 -8.90 -10.83
CA GLN A 115 -9.20 -9.21 -12.25
C GLN A 115 -8.82 -7.98 -13.08
N ALA A 116 -9.38 -6.82 -12.74
CA ALA A 116 -9.07 -5.56 -13.42
C ALA A 116 -7.63 -5.13 -13.10
N TYR A 117 -7.16 -5.42 -11.88
CA TYR A 117 -5.77 -5.23 -11.50
C TYR A 117 -4.87 -6.18 -12.29
N GLN A 118 -5.25 -7.45 -12.45
CA GLN A 118 -4.55 -8.42 -13.30
C GLN A 118 -4.40 -7.85 -14.72
N GLU A 119 -5.46 -7.25 -15.26
CA GLU A 119 -5.42 -6.59 -16.55
C GLU A 119 -4.36 -5.50 -16.58
N PHE A 120 -4.33 -4.63 -15.57
CA PHE A 120 -3.31 -3.60 -15.45
C PHE A 120 -1.91 -4.19 -15.24
N CYS A 121 -1.81 -5.39 -14.67
CA CYS A 121 -0.58 -6.18 -14.55
C CYS A 121 -0.10 -6.75 -15.89
N ALA A 122 -0.88 -6.63 -16.97
CA ALA A 122 -0.43 -6.85 -18.34
C ALA A 122 -0.03 -5.54 -19.04
N GLN A 123 -0.40 -4.38 -18.48
CA GLN A 123 -0.02 -3.07 -18.98
C GLN A 123 1.32 -2.59 -18.41
N GLU A 124 1.98 -3.34 -17.53
CA GLU A 124 3.04 -2.76 -16.72
C GLU A 124 3.97 -3.83 -16.14
N MET A 1 -19.15 -7.34 6.83
CA MET A 1 -18.47 -6.47 5.86
C MET A 1 -16.99 -6.81 5.90
N LYS A 2 -16.35 -6.72 4.73
CA LYS A 2 -14.92 -6.94 4.47
C LYS A 2 -14.80 -6.79 2.96
N MET A 3 -13.80 -6.07 2.45
CA MET A 3 -13.71 -5.72 1.05
C MET A 3 -12.28 -5.28 0.70
N LYS A 4 -11.89 -5.34 -0.57
CA LYS A 4 -10.48 -5.20 -0.94
C LYS A 4 -10.36 -4.82 -2.41
N LYS A 5 -9.66 -3.72 -2.70
CA LYS A 5 -9.33 -3.28 -4.07
C LYS A 5 -7.82 -3.02 -4.19
N TYR A 6 -7.33 -2.56 -5.35
CA TYR A 6 -5.91 -2.36 -5.69
C TYR A 6 -5.69 -1.00 -6.37
N THR A 7 -4.46 -0.62 -6.74
CA THR A 7 -4.20 0.57 -7.58
C THR A 7 -3.14 0.29 -8.64
N LYS A 8 -2.96 1.29 -9.52
CA LYS A 8 -2.02 1.32 -10.65
C LYS A 8 -0.60 1.70 -10.23
N THR A 9 -0.36 2.03 -8.96
CA THR A 9 0.99 2.10 -8.39
C THR A 9 1.20 0.82 -7.58
N HIS A 10 0.88 -0.35 -8.17
CA HIS A 10 1.24 -1.66 -7.66
C HIS A 10 0.96 -1.77 -6.17
N GLU A 11 -0.29 -1.52 -5.78
CA GLU A 11 -0.72 -1.32 -4.41
C GLU A 11 -1.96 -2.17 -4.16
N TRP A 12 -2.17 -2.57 -2.92
CA TRP A 12 -3.40 -3.21 -2.46
C TRP A 12 -4.03 -2.45 -1.28
N VAL A 13 -5.30 -2.72 -1.02
CA VAL A 13 -6.11 -2.27 0.11
C VAL A 13 -6.68 -3.53 0.81
N SER A 14 -7.12 -3.39 2.06
CA SER A 14 -7.75 -4.43 2.86
C SER A 14 -8.67 -3.72 3.86
N ILE A 15 -9.94 -3.58 3.54
CA ILE A 15 -10.92 -2.91 4.38
C ILE A 15 -11.65 -4.00 5.13
N GLU A 16 -11.19 -4.27 6.34
CA GLU A 16 -11.87 -5.22 7.20
C GLU A 16 -13.10 -4.57 7.83
N ASP A 17 -12.97 -3.38 8.44
CA ASP A 17 -14.05 -2.76 9.23
C ASP A 17 -14.33 -1.35 8.71
N LYS A 18 -13.41 -0.40 8.96
CA LYS A 18 -13.51 1.01 8.54
C LYS A 18 -12.16 1.55 8.04
N VAL A 19 -11.19 0.67 7.84
CA VAL A 19 -9.79 1.03 7.73
C VAL A 19 -9.21 0.13 6.64
N ALA A 20 -8.66 0.71 5.57
CA ALA A 20 -7.84 -0.04 4.62
C ALA A 20 -6.46 -0.14 5.25
N THR A 21 -6.04 -1.38 5.47
CA THR A 21 -4.62 -1.70 5.50
C THR A 21 -4.11 -1.53 4.06
N VAL A 22 -2.94 -0.91 3.90
CA VAL A 22 -2.28 -0.67 2.62
C VAL A 22 -0.89 -1.31 2.62
N GLY A 23 -0.50 -1.86 1.48
CA GLY A 23 0.85 -2.31 1.17
C GLY A 23 1.02 -2.35 -0.35
N ILE A 24 2.22 -2.67 -0.82
CA ILE A 24 2.46 -2.86 -2.25
C ILE A 24 2.40 -4.34 -2.62
N THR A 25 2.11 -4.61 -3.89
CA THR A 25 1.96 -5.95 -4.44
C THR A 25 3.31 -6.67 -4.65
N ASN A 26 3.26 -7.97 -4.95
CA ASN A 26 4.44 -8.81 -5.19
C ASN A 26 5.12 -8.45 -6.53
N HIS A 27 4.38 -7.87 -7.49
CA HIS A 27 4.96 -7.28 -8.69
C HIS A 27 5.84 -6.07 -8.33
N ALA A 28 5.53 -5.33 -7.27
CA ALA A 28 6.29 -4.15 -6.87
C ALA A 28 7.69 -4.50 -6.38
N GLN A 29 7.77 -5.50 -5.49
CA GLN A 29 9.05 -5.93 -4.94
C GLN A 29 9.95 -6.50 -6.04
N GLU A 30 9.37 -6.90 -7.18
CA GLU A 30 10.08 -7.35 -8.38
C GLU A 30 10.83 -6.21 -9.10
N GLN A 31 10.77 -4.95 -8.63
CA GLN A 31 11.73 -3.92 -8.97
C GLN A 31 12.59 -3.41 -7.82
N LEU A 32 12.06 -3.43 -6.59
CA LEU A 32 12.80 -2.98 -5.42
C LEU A 32 13.89 -3.96 -5.01
N GLY A 33 13.57 -5.25 -4.96
CA GLY A 33 14.43 -6.26 -4.36
C GLY A 33 14.71 -5.95 -2.90
N ASP A 34 15.91 -6.32 -2.46
CA ASP A 34 16.44 -6.18 -1.11
C ASP A 34 16.24 -4.76 -0.60
N VAL A 35 15.39 -4.59 0.42
CA VAL A 35 15.14 -3.27 0.99
C VAL A 35 15.77 -3.15 2.37
N VAL A 36 15.83 -1.90 2.79
CA VAL A 36 16.76 -1.35 3.75
C VAL A 36 16.10 -0.16 4.44
N TYR A 37 15.17 0.53 3.77
CA TYR A 37 14.44 1.63 4.37
C TYR A 37 13.02 1.70 3.83
N VAL A 38 12.07 2.06 4.70
CA VAL A 38 10.68 2.33 4.38
C VAL A 38 10.25 3.55 5.16
N ASP A 39 9.73 4.53 4.44
CA ASP A 39 9.07 5.66 5.04
C ASP A 39 7.68 5.23 5.56
N LEU A 40 7.30 5.72 6.73
CA LEU A 40 5.98 5.53 7.31
C LEU A 40 5.49 6.89 7.81
N PRO A 41 4.20 7.20 7.62
CA PRO A 41 3.63 8.49 7.98
C PRO A 41 3.30 8.58 9.48
N GLU A 42 2.77 9.72 9.92
CA GLU A 42 2.13 9.84 11.22
C GLU A 42 0.76 9.16 11.19
N VAL A 43 0.36 8.54 12.30
CA VAL A 43 -0.89 7.82 12.56
C VAL A 43 -2.17 8.70 12.59
N GLY A 44 -2.10 9.89 12.02
CA GLY A 44 -3.16 10.89 11.97
C GLY A 44 -3.01 11.84 10.78
N ARG A 45 -2.15 11.52 9.80
CA ARG A 45 -1.97 12.39 8.65
C ARG A 45 -3.16 12.21 7.70
N GLU A 46 -3.76 13.29 7.21
CA GLU A 46 -4.75 13.21 6.13
C GLU A 46 -4.00 13.04 4.80
N VAL A 47 -4.65 12.40 3.82
CA VAL A 47 -4.08 12.21 2.49
C VAL A 47 -5.17 12.31 1.41
N LYS A 48 -4.73 12.27 0.16
CA LYS A 48 -5.52 12.04 -1.05
C LYS A 48 -5.11 10.69 -1.63
N LYS A 49 -5.85 10.21 -2.63
CA LYS A 49 -5.70 8.92 -3.31
C LYS A 49 -4.44 8.78 -4.18
N GLY A 50 -3.46 9.63 -3.96
CA GLY A 50 -2.19 9.54 -4.64
C GLY A 50 -1.16 10.42 -3.96
N GLU A 51 -0.91 10.17 -2.68
CA GLU A 51 0.14 10.82 -1.92
C GLU A 51 1.13 9.75 -1.44
N VAL A 52 2.42 9.99 -1.65
CA VAL A 52 3.55 9.06 -1.53
C VAL A 52 3.99 8.79 -0.09
N VAL A 53 3.09 8.89 0.88
CA VAL A 53 3.37 8.87 2.31
C VAL A 53 3.98 7.55 2.87
N ALA A 54 4.44 6.64 2.02
CA ALA A 54 5.18 5.45 2.41
C ALA A 54 6.21 5.11 1.34
N SER A 55 7.05 6.09 1.01
CA SER A 55 8.16 5.87 0.08
C SER A 55 9.03 4.71 0.57
N ILE A 56 9.80 4.13 -0.35
CA ILE A 56 10.65 3.00 -0.05
C ILE A 56 11.96 3.22 -0.81
N GLU A 57 13.10 2.99 -0.17
CA GLU A 57 14.42 3.09 -0.78
C GLU A 57 15.16 1.81 -0.49
N SER A 58 15.38 1.01 -1.53
CA SER A 58 16.04 -0.29 -1.51
C SER A 58 17.51 -0.16 -1.94
N VAL A 59 18.14 -1.28 -2.27
CA VAL A 59 19.50 -1.33 -2.80
C VAL A 59 19.76 -0.30 -3.91
N LYS A 60 18.79 0.04 -4.77
CA LYS A 60 18.81 1.28 -5.56
C LYS A 60 17.48 1.66 -6.23
N ALA A 61 16.34 1.08 -5.85
CA ALA A 61 15.04 1.58 -6.29
C ALA A 61 14.57 2.56 -5.22
N ALA A 62 14.01 3.69 -5.66
CA ALA A 62 13.17 4.55 -4.84
C ALA A 62 11.76 4.40 -5.38
N ALA A 63 10.80 4.03 -4.55
CA ALA A 63 9.46 3.61 -4.96
C ALA A 63 8.43 4.38 -4.16
N ASP A 64 7.98 5.51 -4.72
CA ASP A 64 6.90 6.34 -4.19
C ASP A 64 5.63 5.48 -4.08
N VAL A 65 5.20 5.12 -2.87
CA VAL A 65 3.97 4.36 -2.70
C VAL A 65 2.82 5.36 -2.61
N TYR A 66 2.14 5.68 -3.71
CA TYR A 66 1.08 6.67 -3.63
C TYR A 66 -0.23 6.06 -3.15
N ALA A 67 -0.60 6.43 -1.93
CA ALA A 67 -1.70 5.93 -1.14
C ALA A 67 -3.01 5.74 -1.94
N PRO A 68 -3.88 4.79 -1.57
CA PRO A 68 -4.90 4.30 -2.48
C PRO A 68 -6.16 5.14 -2.59
N LEU A 69 -6.65 5.76 -1.51
CA LEU A 69 -7.96 6.41 -1.43
C LEU A 69 -7.86 7.59 -0.49
N SER A 70 -8.48 8.72 -0.81
CA SER A 70 -8.61 9.81 0.15
C SER A 70 -9.16 9.27 1.47
N GLY A 71 -8.49 9.62 2.54
CA GLY A 71 -8.57 8.95 3.82
C GLY A 71 -7.47 9.51 4.69
N LYS A 72 -7.29 8.96 5.87
CA LYS A 72 -6.48 9.56 6.93
C LYS A 72 -5.79 8.39 7.61
N ILE A 73 -4.48 8.42 7.76
CA ILE A 73 -3.71 7.36 8.39
C ILE A 73 -4.23 7.20 9.82
N VAL A 74 -4.31 5.95 10.30
CA VAL A 74 -4.66 5.65 11.69
C VAL A 74 -3.94 4.42 12.24
N GLU A 75 -3.11 3.68 11.48
CA GLU A 75 -2.19 2.71 12.06
C GLU A 75 -0.92 2.66 11.18
N VAL A 76 0.22 2.24 11.72
CA VAL A 76 1.50 2.16 11.00
C VAL A 76 2.23 0.87 11.40
N ASN A 77 3.08 0.34 10.51
CA ASN A 77 3.73 -0.94 10.70
C ASN A 77 5.19 -0.71 11.07
N GLU A 78 5.46 -0.38 12.34
CA GLU A 78 6.81 -0.10 12.85
C GLU A 78 7.80 -1.26 12.62
N LYS A 79 7.26 -2.45 12.31
CA LYS A 79 7.99 -3.62 11.84
C LYS A 79 8.92 -3.29 10.69
N LEU A 80 8.50 -2.44 9.75
CA LEU A 80 9.20 -2.20 8.50
C LEU A 80 10.47 -1.36 8.70
N ASP A 81 10.79 -0.90 9.90
CA ASP A 81 12.15 -0.46 10.23
C ASP A 81 13.06 -1.68 10.27
N THR A 82 12.64 -2.71 11.00
CA THR A 82 13.53 -3.78 11.45
C THR A 82 13.52 -4.93 10.43
N GLU A 83 12.34 -5.24 9.86
CA GLU A 83 12.16 -6.19 8.77
C GLU A 83 11.58 -5.44 7.53
N PRO A 84 12.35 -4.53 6.89
CA PRO A 84 11.94 -3.77 5.73
C PRO A 84 11.75 -4.69 4.52
N GLU A 85 12.67 -5.63 4.26
CA GLU A 85 12.67 -6.50 3.08
C GLU A 85 11.41 -7.37 3.07
N LEU A 86 10.52 -7.34 4.09
CA LEU A 86 9.23 -8.03 4.06
C LEU A 86 8.33 -7.61 2.91
N ILE A 87 8.64 -6.52 2.21
CA ILE A 87 8.03 -6.24 0.93
C ILE A 87 8.21 -7.45 -0.01
N ASN A 88 9.39 -8.10 0.03
CA ASN A 88 9.70 -9.31 -0.70
C ASN A 88 8.91 -10.48 -0.11
N LYS A 89 9.08 -10.69 1.20
CA LYS A 89 8.70 -11.91 1.90
C LYS A 89 7.20 -12.13 1.94
N ASP A 90 6.43 -11.09 2.25
CA ASP A 90 4.98 -11.17 2.28
C ASP A 90 4.40 -9.79 2.01
N PRO A 91 4.45 -9.32 0.75
CA PRO A 91 4.09 -7.95 0.41
C PRO A 91 2.67 -7.60 0.83
N GLU A 92 1.80 -8.61 0.98
CA GLU A 92 0.39 -8.45 1.26
C GLU A 92 -0.01 -9.08 2.60
N GLY A 93 0.98 -9.51 3.39
CA GLY A 93 0.83 -10.09 4.71
C GLY A 93 1.48 -9.18 5.75
N GLU A 94 2.59 -9.60 6.34
CA GLU A 94 3.35 -8.80 7.32
C GLU A 94 3.93 -7.54 6.68
N GLY A 95 4.24 -7.54 5.36
CA GLY A 95 4.86 -6.42 4.65
C GLY A 95 3.93 -5.24 4.34
N TRP A 96 2.85 -5.03 5.11
CA TRP A 96 2.04 -3.81 4.98
C TRP A 96 2.83 -2.59 5.43
N LEU A 97 2.38 -1.39 5.06
CA LEU A 97 3.08 -0.14 5.36
C LEU A 97 2.31 0.58 6.47
N PHE A 98 1.09 1.02 6.18
CA PHE A 98 0.24 1.77 7.08
C PHE A 98 -1.21 1.31 6.91
N LYS A 99 -2.10 1.84 7.74
CA LYS A 99 -3.53 1.67 7.63
C LYS A 99 -4.19 3.02 7.75
N MET A 100 -5.36 3.19 7.15
CA MET A 100 -6.02 4.48 7.03
C MET A 100 -7.53 4.29 7.11
N GLU A 101 -8.19 5.13 7.89
CA GLU A 101 -9.65 5.29 7.91
C GLU A 101 -10.07 5.66 6.48
N ILE A 102 -11.02 4.91 5.94
CA ILE A 102 -11.63 5.24 4.68
C ILE A 102 -12.61 6.39 4.93
N SER A 103 -12.27 7.58 4.45
CA SER A 103 -13.22 8.68 4.41
C SER A 103 -14.36 8.38 3.43
N ASP A 104 -14.17 7.47 2.48
CA ASP A 104 -14.94 7.42 1.24
C ASP A 104 -14.99 5.97 0.74
N GLU A 105 -15.97 5.16 1.18
CA GLU A 105 -16.12 3.77 0.71
C GLU A 105 -16.77 3.72 -0.68
N GLY A 106 -17.31 4.85 -1.16
CA GLY A 106 -17.87 4.95 -2.50
C GLY A 106 -16.78 4.80 -3.53
N GLU A 107 -15.64 5.42 -3.25
CA GLU A 107 -14.49 5.46 -4.14
C GLU A 107 -13.91 4.08 -4.38
N LEU A 108 -14.14 3.09 -3.50
CA LEU A 108 -13.65 1.73 -3.65
C LEU A 108 -14.01 1.12 -5.01
N GLU A 109 -15.14 1.51 -5.59
CA GLU A 109 -15.61 0.94 -6.86
C GLU A 109 -14.88 1.53 -8.07
N ASP A 110 -14.11 2.61 -7.88
CA ASP A 110 -13.19 3.09 -8.89
C ASP A 110 -11.95 2.19 -8.98
N LEU A 111 -11.52 1.64 -7.84
CA LEU A 111 -10.28 0.89 -7.73
C LEU A 111 -10.50 -0.46 -8.40
N LEU A 112 -9.39 -1.06 -8.77
CA LEU A 112 -9.39 -2.32 -9.49
C LEU A 112 -9.77 -3.39 -8.47
N ASP A 113 -10.73 -4.26 -8.81
CA ASP A 113 -10.95 -5.51 -8.09
C ASP A 113 -9.76 -6.43 -8.40
N GLU A 114 -9.84 -7.71 -8.06
CA GLU A 114 -8.75 -8.67 -8.19
C GLU A 114 -8.45 -9.08 -9.63
N GLN A 115 -9.48 -9.27 -10.46
CA GLN A 115 -9.31 -9.57 -11.86
C GLN A 115 -8.87 -8.30 -12.58
N ALA A 116 -9.56 -7.18 -12.33
CA ALA A 116 -9.23 -5.91 -12.95
C ALA A 116 -7.80 -5.46 -12.60
N TYR A 117 -7.36 -5.71 -11.36
CA TYR A 117 -5.99 -5.49 -10.92
C TYR A 117 -5.03 -6.23 -11.84
N GLN A 118 -5.23 -7.54 -12.02
CA GLN A 118 -4.39 -8.38 -12.88
C GLN A 118 -4.34 -7.85 -14.31
N GLU A 119 -5.47 -7.38 -14.80
CA GLU A 119 -5.63 -6.82 -16.12
C GLU A 119 -4.85 -5.50 -16.27
N PHE A 120 -4.77 -4.67 -15.22
CA PHE A 120 -3.84 -3.54 -15.22
C PHE A 120 -2.40 -4.04 -15.07
N CYS A 121 -2.15 -5.05 -14.23
CA CYS A 121 -0.84 -5.59 -13.90
C CYS A 121 -0.13 -6.32 -15.06
N ALA A 122 -0.73 -6.31 -16.26
CA ALA A 122 -0.04 -6.60 -17.51
C ALA A 122 0.54 -5.32 -18.13
N GLN A 123 -0.23 -4.22 -18.11
CA GLN A 123 0.07 -2.93 -18.73
C GLN A 123 0.72 -1.92 -17.78
N GLU A 124 0.98 -2.31 -16.53
CA GLU A 124 1.71 -1.51 -15.54
C GLU A 124 3.12 -1.28 -16.04
N MET A 1 -17.48 -1.99 3.48
CA MET A 1 -17.01 -2.84 4.59
C MET A 1 -16.55 -4.19 4.03
N LYS A 2 -15.51 -4.79 4.61
CA LYS A 2 -15.07 -6.16 4.34
C LYS A 2 -14.89 -6.44 2.83
N MET A 3 -13.83 -5.86 2.25
CA MET A 3 -13.52 -5.90 0.81
C MET A 3 -11.99 -5.92 0.69
N LYS A 4 -11.40 -6.36 -0.43
CA LYS A 4 -10.04 -5.94 -0.75
C LYS A 4 -9.93 -5.56 -2.20
N LYS A 5 -9.61 -4.30 -2.50
CA LYS A 5 -9.32 -3.86 -3.87
C LYS A 5 -7.87 -3.45 -4.06
N TYR A 6 -7.53 -3.03 -5.28
CA TYR A 6 -6.18 -2.76 -5.77
C TYR A 6 -6.12 -1.39 -6.45
N THR A 7 -4.92 -0.92 -6.79
CA THR A 7 -4.65 0.34 -7.44
C THR A 7 -3.99 0.09 -8.79
N LYS A 8 -3.59 1.17 -9.47
CA LYS A 8 -2.65 1.15 -10.58
C LYS A 8 -1.28 1.70 -10.19
N THR A 9 -1.00 1.93 -8.91
CA THR A 9 0.31 2.36 -8.40
C THR A 9 1.05 1.21 -7.70
N HIS A 10 0.62 -0.04 -7.95
CA HIS A 10 1.20 -1.28 -7.46
C HIS A 10 0.93 -1.48 -5.95
N GLU A 11 -0.29 -1.20 -5.49
CA GLU A 11 -0.71 -1.28 -4.09
C GLU A 11 -2.05 -2.04 -3.97
N TRP A 12 -2.16 -2.89 -2.95
CA TRP A 12 -3.38 -3.58 -2.54
C TRP A 12 -3.97 -2.90 -1.30
N VAL A 13 -5.24 -3.19 -0.99
CA VAL A 13 -6.05 -2.45 -0.03
C VAL A 13 -7.02 -3.43 0.65
N SER A 14 -6.72 -3.90 1.85
CA SER A 14 -7.64 -4.74 2.65
C SER A 14 -8.57 -3.87 3.47
N ILE A 15 -9.74 -3.52 2.97
CA ILE A 15 -10.78 -2.86 3.76
C ILE A 15 -11.37 -3.91 4.71
N GLU A 16 -11.26 -3.66 6.02
CA GLU A 16 -11.86 -4.48 7.05
C GLU A 16 -13.17 -3.81 7.47
N ASP A 17 -13.10 -2.71 8.21
CA ASP A 17 -14.29 -2.03 8.72
C ASP A 17 -14.38 -0.64 8.10
N LYS A 18 -14.08 0.40 8.87
CA LYS A 18 -13.83 1.75 8.37
C LYS A 18 -12.34 1.98 8.14
N VAL A 19 -11.52 0.93 8.12
CA VAL A 19 -10.08 1.02 7.92
C VAL A 19 -9.72 0.04 6.80
N ALA A 20 -8.64 0.35 6.07
CA ALA A 20 -7.96 -0.53 5.14
C ALA A 20 -6.51 -0.65 5.56
N THR A 21 -5.98 -1.87 5.51
CA THR A 21 -4.53 -2.09 5.46
C THR A 21 -4.08 -1.82 4.03
N VAL A 22 -2.94 -1.14 3.86
CA VAL A 22 -2.29 -0.97 2.57
C VAL A 22 -0.89 -1.60 2.62
N GLY A 23 -0.47 -2.20 1.51
CA GLY A 23 0.91 -2.56 1.20
C GLY A 23 1.10 -2.46 -0.32
N ILE A 24 2.34 -2.47 -0.79
CA ILE A 24 2.59 -2.64 -2.22
C ILE A 24 2.40 -4.10 -2.61
N THR A 25 2.19 -4.38 -3.90
CA THR A 25 1.97 -5.72 -4.42
C THR A 25 3.31 -6.42 -4.70
N ASN A 26 3.27 -7.74 -4.92
CA ASN A 26 4.46 -8.51 -5.30
C ASN A 26 5.12 -7.95 -6.56
N HIS A 27 4.34 -7.43 -7.52
CA HIS A 27 4.88 -6.78 -8.73
C HIS A 27 5.78 -5.58 -8.39
N ALA A 28 5.64 -4.97 -7.22
CA ALA A 28 6.44 -3.83 -6.82
C ALA A 28 7.76 -4.27 -6.19
N GLN A 29 7.75 -5.19 -5.22
CA GLN A 29 8.99 -5.68 -4.62
C GLN A 29 9.94 -6.23 -5.68
N GLU A 30 9.40 -6.74 -6.79
CA GLU A 30 10.14 -7.21 -7.96
C GLU A 30 11.08 -6.15 -8.56
N GLN A 31 10.82 -4.85 -8.32
CA GLN A 31 11.64 -3.75 -8.80
C GLN A 31 12.39 -3.04 -7.67
N LEU A 32 12.07 -3.32 -6.40
CA LEU A 32 12.83 -2.81 -5.26
C LEU A 32 14.00 -3.74 -4.92
N GLY A 33 13.76 -5.05 -4.89
CA GLY A 33 14.73 -6.00 -4.39
C GLY A 33 14.95 -5.82 -2.89
N ASP A 34 16.17 -6.14 -2.46
CA ASP A 34 16.58 -6.16 -1.06
C ASP A 34 16.36 -4.77 -0.45
N VAL A 35 15.45 -4.63 0.52
CA VAL A 35 15.19 -3.33 1.15
C VAL A 35 15.80 -3.29 2.55
N VAL A 36 15.83 -2.08 3.04
CA VAL A 36 16.81 -1.54 3.95
C VAL A 36 16.20 -0.33 4.63
N TYR A 37 15.30 0.40 3.95
CA TYR A 37 14.52 1.43 4.62
C TYR A 37 13.13 1.59 3.97
N VAL A 38 12.16 2.05 4.76
CA VAL A 38 10.76 2.26 4.41
C VAL A 38 10.32 3.49 5.17
N ASP A 39 9.91 4.51 4.42
CA ASP A 39 9.32 5.69 4.99
C ASP A 39 7.93 5.33 5.55
N LEU A 40 7.58 5.90 6.71
CA LEU A 40 6.29 5.68 7.36
C LEU A 40 5.69 7.05 7.69
N PRO A 41 4.39 7.26 7.46
CA PRO A 41 3.70 8.51 7.74
C PRO A 41 3.38 8.66 9.23
N GLU A 42 2.62 9.69 9.58
CA GLU A 42 2.07 9.87 10.91
C GLU A 42 0.72 9.19 11.07
N VAL A 43 0.35 8.86 12.30
CA VAL A 43 -0.84 8.07 12.68
C VAL A 43 -2.16 8.87 12.59
N GLY A 44 -2.11 10.03 11.93
CA GLY A 44 -3.20 10.96 11.73
C GLY A 44 -3.00 11.80 10.47
N ARG A 45 -2.05 11.42 9.60
CA ARG A 45 -1.80 12.15 8.37
C ARG A 45 -3.03 11.97 7.48
N GLU A 46 -3.70 13.06 7.11
CA GLU A 46 -4.81 12.99 6.18
C GLU A 46 -4.19 12.83 4.78
N VAL A 47 -4.81 12.03 3.91
CA VAL A 47 -4.25 11.64 2.62
C VAL A 47 -5.33 11.63 1.54
N LYS A 48 -4.91 11.76 0.28
CA LYS A 48 -5.71 11.52 -0.90
C LYS A 48 -5.30 10.19 -1.53
N LYS A 49 -6.08 9.75 -2.51
CA LYS A 49 -5.85 8.55 -3.31
C LYS A 49 -4.60 8.54 -4.20
N GLY A 50 -3.70 9.48 -3.98
CA GLY A 50 -2.44 9.57 -4.69
C GLY A 50 -1.37 10.29 -3.88
N GLU A 51 -1.49 10.25 -2.55
CA GLU A 51 -0.57 10.91 -1.64
C GLU A 51 0.65 10.02 -1.43
N VAL A 52 1.86 10.53 -1.68
CA VAL A 52 3.08 9.78 -1.40
C VAL A 52 3.38 9.98 0.08
N VAL A 53 3.21 8.93 0.87
CA VAL A 53 3.27 8.98 2.33
C VAL A 53 4.01 7.78 2.91
N ALA A 54 4.63 6.96 2.08
CA ALA A 54 5.20 5.69 2.49
C ALA A 54 6.28 5.24 1.50
N SER A 55 7.23 6.13 1.21
CA SER A 55 8.38 5.84 0.38
C SER A 55 9.07 4.54 0.76
N ILE A 56 9.87 4.00 -0.16
CA ILE A 56 10.63 2.80 0.10
C ILE A 56 11.99 2.91 -0.59
N GLU A 57 13.06 3.10 0.19
CA GLU A 57 14.43 3.24 -0.30
C GLU A 57 15.12 1.90 -0.11
N SER A 58 15.20 1.11 -1.18
CA SER A 58 15.94 -0.14 -1.19
C SER A 58 17.42 0.11 -1.49
N VAL A 59 18.16 -0.94 -1.87
CA VAL A 59 19.52 -0.88 -2.39
C VAL A 59 19.71 0.28 -3.37
N LYS A 60 18.75 0.53 -4.28
CA LYS A 60 18.77 1.66 -5.21
C LYS A 60 17.42 1.90 -5.91
N ALA A 61 16.30 1.41 -5.38
CA ALA A 61 14.98 1.91 -5.77
C ALA A 61 14.55 2.95 -4.75
N ALA A 62 13.60 3.79 -5.15
CA ALA A 62 12.88 4.74 -4.33
C ALA A 62 11.45 4.70 -4.81
N ALA A 63 10.68 3.74 -4.30
CA ALA A 63 9.29 3.57 -4.67
C ALA A 63 8.47 4.58 -3.87
N ASP A 64 7.80 5.50 -4.56
CA ASP A 64 6.78 6.34 -3.97
C ASP A 64 5.53 5.45 -3.83
N VAL A 65 5.13 5.11 -2.61
CA VAL A 65 3.85 4.45 -2.38
C VAL A 65 2.75 5.54 -2.42
N TYR A 66 1.80 5.47 -3.37
CA TYR A 66 0.74 6.44 -3.56
C TYR A 66 -0.59 5.96 -2.96
N ALA A 67 -0.89 6.44 -1.74
CA ALA A 67 -1.99 6.01 -0.90
C ALA A 67 -3.28 5.72 -1.67
N PRO A 68 -4.00 4.61 -1.41
CA PRO A 68 -4.99 4.08 -2.34
C PRO A 68 -6.31 4.86 -2.38
N LEU A 69 -6.80 5.35 -1.24
CA LEU A 69 -8.04 6.10 -1.13
C LEU A 69 -7.71 7.45 -0.54
N SER A 70 -8.65 8.39 -0.65
CA SER A 70 -8.71 9.51 0.27
C SER A 70 -9.13 9.00 1.65
N GLY A 71 -8.47 9.48 2.71
CA GLY A 71 -8.65 8.96 4.05
C GLY A 71 -7.70 9.61 5.04
N LYS A 72 -7.52 9.01 6.21
CA LYS A 72 -6.54 9.46 7.20
C LYS A 72 -5.81 8.23 7.72
N ILE A 73 -4.48 8.26 7.73
CA ILE A 73 -3.65 7.20 8.33
C ILE A 73 -4.05 7.07 9.80
N VAL A 74 -4.01 5.85 10.35
CA VAL A 74 -4.32 5.58 11.75
C VAL A 74 -3.49 4.43 12.34
N GLU A 75 -2.64 3.76 11.56
CA GLU A 75 -1.67 2.80 12.09
C GLU A 75 -0.50 2.75 11.11
N VAL A 76 0.70 2.40 11.57
CA VAL A 76 1.89 2.22 10.75
C VAL A 76 2.56 0.92 11.20
N ASN A 77 3.25 0.22 10.31
CA ASN A 77 3.86 -1.07 10.62
C ASN A 77 5.29 -0.83 11.09
N GLU A 78 5.49 -0.55 12.38
CA GLU A 78 6.81 -0.19 12.91
C GLU A 78 7.84 -1.32 12.75
N LYS A 79 7.34 -2.52 12.48
CA LYS A 79 8.10 -3.68 12.07
C LYS A 79 9.01 -3.37 10.88
N LEU A 80 8.56 -2.54 9.94
CA LEU A 80 9.28 -2.27 8.70
C LEU A 80 10.52 -1.40 8.94
N ASP A 81 10.71 -0.83 10.13
CA ASP A 81 11.99 -0.19 10.47
C ASP A 81 13.08 -1.26 10.59
N THR A 82 12.76 -2.39 11.22
CA THR A 82 13.73 -3.42 11.56
C THR A 82 13.76 -4.53 10.51
N GLU A 83 12.60 -4.95 9.99
CA GLU A 83 12.43 -5.90 8.88
C GLU A 83 11.72 -5.20 7.70
N PRO A 84 12.39 -4.30 6.97
CA PRO A 84 11.85 -3.62 5.80
C PRO A 84 11.72 -4.60 4.63
N GLU A 85 12.70 -5.51 4.45
CA GLU A 85 12.77 -6.45 3.33
C GLU A 85 11.53 -7.36 3.28
N LEU A 86 10.71 -7.43 4.34
CA LEU A 86 9.51 -8.27 4.39
C LEU A 86 8.51 -7.97 3.27
N ILE A 87 8.59 -6.78 2.67
CA ILE A 87 7.78 -6.45 1.51
C ILE A 87 8.12 -7.35 0.31
N ASN A 88 9.35 -7.89 0.25
CA ASN A 88 9.72 -8.95 -0.70
C ASN A 88 8.87 -10.18 -0.43
N LYS A 89 8.97 -10.63 0.82
CA LYS A 89 8.55 -11.91 1.34
C LYS A 89 7.04 -12.03 1.28
N ASP A 90 6.36 -11.16 2.02
CA ASP A 90 4.95 -11.30 2.35
C ASP A 90 4.30 -9.92 2.19
N PRO A 91 4.32 -9.32 0.98
CA PRO A 91 3.93 -7.92 0.77
C PRO A 91 2.48 -7.63 1.14
N GLU A 92 1.66 -8.67 1.29
CA GLU A 92 0.23 -8.66 1.45
C GLU A 92 -0.19 -9.41 2.72
N GLY A 93 0.79 -9.81 3.54
CA GLY A 93 0.59 -10.33 4.87
C GLY A 93 1.30 -9.42 5.87
N GLU A 94 2.52 -9.76 6.25
CA GLU A 94 3.24 -9.09 7.33
C GLU A 94 3.98 -7.84 6.84
N GLY A 95 4.23 -7.72 5.53
CA GLY A 95 4.92 -6.57 4.93
C GLY A 95 3.98 -5.44 4.54
N TRP A 96 2.89 -5.21 5.27
CA TRP A 96 2.07 -4.01 5.11
C TRP A 96 2.89 -2.78 5.52
N LEU A 97 2.45 -1.59 5.07
CA LEU A 97 3.15 -0.33 5.33
C LEU A 97 2.37 0.43 6.40
N PHE A 98 1.11 0.79 6.10
CA PHE A 98 0.26 1.55 7.00
C PHE A 98 -1.19 1.06 6.94
N LYS A 99 -2.00 1.50 7.91
CA LYS A 99 -3.45 1.40 7.86
C LYS A 99 -4.03 2.79 7.87
N MET A 100 -5.19 2.94 7.26
CA MET A 100 -5.85 4.21 7.08
C MET A 100 -7.36 4.04 7.17
N GLU A 101 -8.03 4.99 7.81
CA GLU A 101 -9.48 5.14 7.79
C GLU A 101 -9.90 5.43 6.36
N ILE A 102 -10.76 4.58 5.81
CA ILE A 102 -11.50 4.88 4.61
C ILE A 102 -12.56 5.92 4.98
N SER A 103 -12.27 7.18 4.71
CA SER A 103 -13.18 8.27 5.03
C SER A 103 -14.36 8.33 4.04
N ASP A 104 -14.31 7.56 2.95
CA ASP A 104 -15.30 7.51 1.88
C ASP A 104 -15.25 6.10 1.27
N GLU A 105 -16.11 5.15 1.70
CA GLU A 105 -16.12 3.79 1.13
C GLU A 105 -16.71 3.79 -0.31
N GLY A 106 -17.27 4.91 -0.73
CA GLY A 106 -17.75 5.12 -2.09
C GLY A 106 -16.60 5.05 -3.08
N GLU A 107 -15.46 5.64 -2.69
CA GLU A 107 -14.24 5.72 -3.48
C GLU A 107 -13.60 4.36 -3.69
N LEU A 108 -14.05 3.29 -3.01
CA LEU A 108 -13.55 1.96 -3.31
C LEU A 108 -13.98 1.51 -4.70
N GLU A 109 -15.03 2.11 -5.29
CA GLU A 109 -15.41 1.78 -6.67
C GLU A 109 -14.41 2.36 -7.68
N ASP A 110 -13.59 3.33 -7.28
CA ASP A 110 -12.54 3.90 -8.14
C ASP A 110 -11.30 2.98 -8.17
N LEU A 111 -11.15 2.08 -7.18
CA LEU A 111 -10.12 1.05 -7.14
C LEU A 111 -10.45 -0.08 -8.10
N LEU A 112 -9.55 -1.06 -8.24
CA LEU A 112 -9.67 -2.20 -9.14
C LEU A 112 -9.98 -3.47 -8.37
N ASP A 113 -10.71 -4.38 -9.01
CA ASP A 113 -10.83 -5.77 -8.61
C ASP A 113 -9.48 -6.45 -8.82
N GLU A 114 -9.33 -7.67 -8.31
CA GLU A 114 -8.11 -8.46 -8.38
C GLU A 114 -7.85 -8.89 -9.82
N GLN A 115 -8.87 -9.44 -10.50
CA GLN A 115 -8.79 -9.81 -11.90
C GLN A 115 -8.50 -8.58 -12.78
N ALA A 116 -9.16 -7.46 -12.47
CA ALA A 116 -8.98 -6.21 -13.20
C ALA A 116 -7.57 -5.65 -13.02
N TYR A 117 -7.00 -5.79 -11.81
CA TYR A 117 -5.61 -5.43 -11.53
C TYR A 117 -4.65 -6.36 -12.27
N GLN A 118 -4.96 -7.65 -12.36
CA GLN A 118 -4.20 -8.60 -13.16
C GLN A 118 -4.18 -8.18 -14.62
N GLU A 119 -5.33 -7.83 -15.20
CA GLU A 119 -5.40 -7.43 -16.60
C GLU A 119 -4.68 -6.08 -16.83
N PHE A 120 -4.59 -5.21 -15.81
CA PHE A 120 -3.71 -4.04 -15.85
C PHE A 120 -2.23 -4.43 -15.90
N CYS A 121 -1.85 -5.60 -15.37
CA CYS A 121 -0.52 -6.16 -15.59
C CYS A 121 -0.39 -6.55 -17.07
N ALA A 122 -1.37 -7.25 -17.63
CA ALA A 122 -1.33 -7.67 -19.03
C ALA A 122 -1.32 -6.47 -20.00
N GLN A 123 -1.75 -5.29 -19.56
CA GLN A 123 -1.67 -4.03 -20.28
C GLN A 123 -0.31 -3.34 -20.12
N GLU A 124 0.52 -3.73 -19.15
CA GLU A 124 1.75 -3.01 -18.83
C GLU A 124 2.83 -3.34 -19.86
N MET A 1 -19.62 -7.80 2.82
CA MET A 1 -19.19 -7.67 4.22
C MET A 1 -17.68 -7.74 4.26
N LYS A 2 -16.99 -6.62 4.51
CA LYS A 2 -15.53 -6.43 4.35
C LYS A 2 -15.13 -6.54 2.86
N MET A 3 -14.00 -5.98 2.45
CA MET A 3 -13.64 -5.79 1.04
C MET A 3 -12.14 -5.59 0.85
N LYS A 4 -11.66 -5.64 -0.39
CA LYS A 4 -10.24 -5.67 -0.75
C LYS A 4 -10.06 -5.23 -2.21
N LYS A 5 -10.26 -3.96 -2.55
CA LYS A 5 -9.93 -3.47 -3.91
C LYS A 5 -8.43 -3.15 -4.08
N TYR A 6 -8.00 -2.77 -5.29
CA TYR A 6 -6.60 -2.59 -5.72
C TYR A 6 -6.41 -1.28 -6.48
N THR A 7 -5.16 -0.80 -6.61
CA THR A 7 -4.83 0.48 -7.20
C THR A 7 -4.28 0.27 -8.60
N LYS A 8 -4.00 1.40 -9.22
CA LYS A 8 -3.29 1.54 -10.48
C LYS A 8 -1.83 1.95 -10.20
N THR A 9 -1.32 1.75 -8.98
CA THR A 9 0.03 2.10 -8.54
C THR A 9 0.65 0.92 -7.76
N HIS A 10 0.50 -0.31 -8.26
CA HIS A 10 1.03 -1.55 -7.67
C HIS A 10 0.89 -1.59 -6.14
N GLU A 11 -0.35 -1.42 -5.68
CA GLU A 11 -0.76 -1.41 -4.29
C GLU A 11 -2.15 -2.07 -4.22
N TRP A 12 -2.35 -2.96 -3.25
CA TRP A 12 -3.66 -3.49 -2.87
C TRP A 12 -4.23 -2.65 -1.73
N VAL A 13 -5.47 -2.91 -1.34
CA VAL A 13 -6.16 -2.26 -0.23
C VAL A 13 -6.95 -3.34 0.48
N SER A 14 -7.12 -3.23 1.80
CA SER A 14 -7.82 -4.22 2.62
C SER A 14 -8.72 -3.57 3.65
N ILE A 15 -9.99 -3.33 3.31
CA ILE A 15 -10.95 -2.61 4.14
C ILE A 15 -11.76 -3.66 4.89
N GLU A 16 -11.43 -3.82 6.17
CA GLU A 16 -12.21 -4.67 7.06
C GLU A 16 -13.46 -3.92 7.51
N ASP A 17 -13.33 -2.96 8.44
CA ASP A 17 -14.49 -2.21 8.90
C ASP A 17 -14.42 -0.80 8.32
N LYS A 18 -13.66 0.09 8.96
CA LYS A 18 -13.55 1.49 8.57
C LYS A 18 -12.11 1.87 8.25
N VAL A 19 -11.23 0.89 8.08
CA VAL A 19 -9.80 1.06 7.95
C VAL A 19 -9.33 0.15 6.83
N ALA A 20 -8.63 0.68 5.83
CA ALA A 20 -7.82 -0.09 4.90
C ALA A 20 -6.43 -0.25 5.48
N THR A 21 -5.79 -1.32 5.03
CA THR A 21 -4.35 -1.46 5.02
C THR A 21 -3.89 -1.33 3.57
N VAL A 22 -2.64 -0.92 3.35
CA VAL A 22 -1.88 -0.84 2.11
C VAL A 22 -0.55 -1.57 2.40
N GLY A 23 0.01 -2.31 1.45
CA GLY A 23 1.34 -2.91 1.65
C GLY A 23 2.13 -3.35 0.43
N ILE A 24 1.92 -2.61 -0.64
CA ILE A 24 2.30 -2.80 -2.01
C ILE A 24 2.08 -4.22 -2.55
N THR A 25 2.06 -4.40 -3.86
CA THR A 25 1.80 -5.71 -4.45
C THR A 25 3.12 -6.46 -4.73
N ASN A 26 3.03 -7.74 -5.08
CA ASN A 26 4.22 -8.55 -5.35
C ASN A 26 4.96 -8.08 -6.61
N HIS A 27 4.23 -7.55 -7.60
CA HIS A 27 4.80 -6.88 -8.78
C HIS A 27 5.66 -5.68 -8.38
N ALA A 28 5.43 -5.08 -7.22
CA ALA A 28 6.20 -3.95 -6.74
C ALA A 28 7.56 -4.42 -6.19
N GLN A 29 7.58 -5.38 -5.23
CA GLN A 29 8.81 -5.86 -4.59
C GLN A 29 9.82 -6.38 -5.61
N GLU A 30 9.35 -6.83 -6.77
CA GLU A 30 10.14 -7.30 -7.89
C GLU A 30 11.14 -6.22 -8.35
N GLN A 31 10.62 -5.02 -8.64
CA GLN A 31 11.36 -3.93 -9.26
C GLN A 31 12.52 -3.50 -8.35
N LEU A 32 12.22 -3.25 -7.07
CA LEU A 32 13.18 -2.84 -6.05
C LEU A 32 14.16 -3.99 -5.77
N GLY A 33 13.65 -5.22 -5.76
CA GLY A 33 14.32 -6.41 -5.29
C GLY A 33 14.51 -6.32 -3.80
N ASP A 34 15.77 -6.34 -3.36
CA ASP A 34 16.07 -6.08 -1.97
C ASP A 34 15.69 -4.65 -1.61
N VAL A 35 15.53 -4.41 -0.32
CA VAL A 35 15.32 -3.10 0.26
C VAL A 35 16.26 -2.97 1.47
N VAL A 36 16.08 -1.89 2.20
CA VAL A 36 16.92 -1.35 3.25
C VAL A 36 16.09 -0.41 4.13
N TYR A 37 15.14 0.33 3.55
CA TYR A 37 14.35 1.32 4.30
C TYR A 37 12.94 1.55 3.72
N VAL A 38 12.08 2.19 4.51
CA VAL A 38 10.69 2.51 4.22
C VAL A 38 10.31 3.70 5.07
N ASP A 39 9.85 4.72 4.36
CA ASP A 39 9.28 5.93 4.91
C ASP A 39 7.85 5.63 5.33
N LEU A 40 7.40 6.16 6.47
CA LEU A 40 6.05 5.96 6.97
C LEU A 40 5.50 7.26 7.54
N PRO A 41 4.19 7.52 7.37
CA PRO A 41 3.52 8.71 7.86
C PRO A 41 3.20 8.59 9.36
N GLU A 42 2.61 9.64 9.94
CA GLU A 42 2.17 9.69 11.33
C GLU A 42 0.74 9.13 11.45
N VAL A 43 0.32 8.73 12.66
CA VAL A 43 -0.88 7.95 12.97
C VAL A 43 -2.20 8.74 12.95
N GLY A 44 -2.16 9.92 12.34
CA GLY A 44 -3.26 10.86 12.15
C GLY A 44 -3.08 11.75 10.93
N ARG A 45 -2.11 11.47 10.06
CA ARG A 45 -1.88 12.30 8.87
C ARG A 45 -3.01 12.11 7.86
N GLU A 46 -3.65 13.18 7.37
CA GLU A 46 -4.52 13.06 6.20
C GLU A 46 -3.70 12.89 4.92
N VAL A 47 -4.24 12.12 3.97
CA VAL A 47 -3.64 11.80 2.68
C VAL A 47 -4.75 11.71 1.63
N LYS A 48 -4.49 12.13 0.39
CA LYS A 48 -5.38 11.87 -0.73
C LYS A 48 -5.14 10.49 -1.34
N LYS A 49 -6.01 10.09 -2.26
CA LYS A 49 -5.96 8.87 -3.07
C LYS A 49 -4.78 8.75 -4.04
N GLY A 50 -3.78 9.61 -3.90
CA GLY A 50 -2.61 9.60 -4.75
C GLY A 50 -1.54 10.45 -4.10
N GLU A 51 -1.04 10.02 -2.95
CA GLU A 51 -0.08 10.77 -2.16
C GLU A 51 0.96 9.79 -1.59
N VAL A 52 2.23 10.04 -1.93
CA VAL A 52 3.45 9.22 -1.81
C VAL A 52 3.96 9.08 -0.36
N VAL A 53 3.05 9.00 0.61
CA VAL A 53 3.37 9.12 2.03
C VAL A 53 4.15 7.94 2.62
N ALA A 54 4.61 6.96 1.83
CA ALA A 54 5.36 5.83 2.32
C ALA A 54 6.41 5.37 1.31
N SER A 55 7.28 6.29 0.90
CA SER A 55 8.33 6.03 -0.08
C SER A 55 9.27 4.90 0.36
N ILE A 56 10.02 4.40 -0.61
CA ILE A 56 10.78 3.16 -0.51
C ILE A 56 12.19 3.46 -1.02
N GLU A 57 13.22 3.39 -0.19
CA GLU A 57 14.62 3.40 -0.66
C GLU A 57 15.14 1.97 -0.55
N SER A 58 15.67 1.44 -1.65
CA SER A 58 16.27 0.12 -1.81
C SER A 58 17.79 0.28 -1.96
N VAL A 59 18.39 -0.80 -2.40
CA VAL A 59 19.79 -0.94 -2.75
C VAL A 59 20.18 -0.12 -4.00
N LYS A 60 19.24 0.20 -4.89
CA LYS A 60 19.43 1.21 -5.95
C LYS A 60 18.13 1.80 -6.50
N ALA A 61 17.00 1.57 -5.85
CA ALA A 61 15.75 2.22 -6.27
C ALA A 61 15.27 3.16 -5.17
N ALA A 62 14.49 4.16 -5.56
CA ALA A 62 13.87 5.13 -4.67
C ALA A 62 12.49 5.41 -5.27
N ALA A 63 11.47 4.78 -4.70
CA ALA A 63 10.12 4.68 -5.25
C ALA A 63 9.07 5.18 -4.27
N ASP A 64 7.81 5.16 -4.68
CA ASP A 64 6.68 5.86 -4.10
C ASP A 64 5.58 4.84 -3.79
N VAL A 65 4.92 4.98 -2.64
CA VAL A 65 3.68 4.28 -2.29
C VAL A 65 2.59 5.33 -2.23
N TYR A 66 1.66 5.36 -3.18
CA TYR A 66 0.66 6.41 -3.28
C TYR A 66 -0.66 5.93 -2.65
N ALA A 67 -1.01 6.46 -1.48
CA ALA A 67 -2.20 6.07 -0.71
C ALA A 67 -3.44 5.90 -1.61
N PRO A 68 -4.32 4.92 -1.35
CA PRO A 68 -5.24 4.38 -2.35
C PRO A 68 -6.50 5.22 -2.57
N LEU A 69 -6.92 5.92 -1.52
CA LEU A 69 -8.23 6.52 -1.31
C LEU A 69 -7.97 7.70 -0.38
N SER A 70 -8.70 8.79 -0.52
CA SER A 70 -8.54 9.92 0.37
C SER A 70 -9.04 9.52 1.76
N GLY A 71 -8.20 9.75 2.77
CA GLY A 71 -8.41 9.26 4.12
C GLY A 71 -7.35 9.78 5.08
N LYS A 72 -7.26 9.20 6.26
CA LYS A 72 -6.34 9.65 7.29
C LYS A 72 -5.71 8.41 7.92
N ILE A 73 -4.38 8.41 8.03
CA ILE A 73 -3.60 7.32 8.61
C ILE A 73 -4.07 7.11 10.06
N VAL A 74 -4.10 5.86 10.53
CA VAL A 74 -4.44 5.53 11.92
C VAL A 74 -3.68 4.31 12.45
N GLU A 75 -2.75 3.69 11.69
CA GLU A 75 -1.80 2.72 12.26
C GLU A 75 -0.55 2.69 11.37
N VAL A 76 0.60 2.29 11.90
CA VAL A 76 1.82 2.03 11.13
C VAL A 76 2.42 0.68 11.56
N ASN A 77 3.24 0.06 10.72
CA ASN A 77 3.77 -1.27 10.94
C ASN A 77 5.22 -1.16 11.43
N GLU A 78 5.41 -0.97 12.74
CA GLU A 78 6.73 -0.84 13.38
C GLU A 78 7.63 -2.09 13.19
N LYS A 79 7.14 -3.15 12.56
CA LYS A 79 7.97 -4.21 11.98
C LYS A 79 8.98 -3.59 11.02
N LEU A 80 8.49 -2.81 10.06
CA LEU A 80 9.19 -2.39 8.84
C LEU A 80 10.41 -1.55 9.14
N ASP A 81 10.42 -0.87 10.29
CA ASP A 81 11.57 -0.13 10.79
C ASP A 81 12.80 -1.03 11.00
N THR A 82 12.58 -2.32 11.19
CA THR A 82 13.59 -3.32 11.53
C THR A 82 13.60 -4.50 10.54
N GLU A 83 12.50 -4.70 9.81
CA GLU A 83 12.29 -5.77 8.84
C GLU A 83 11.68 -5.14 7.57
N PRO A 84 12.44 -4.34 6.80
CA PRO A 84 12.01 -3.78 5.52
C PRO A 84 11.98 -4.85 4.41
N GLU A 85 12.43 -6.07 4.73
CA GLU A 85 12.58 -7.18 3.81
C GLU A 85 11.33 -8.08 3.78
N LEU A 86 10.36 -7.87 4.67
CA LEU A 86 9.11 -8.63 4.63
C LEU A 86 8.24 -8.24 3.45
N ILE A 87 8.43 -7.03 2.91
CA ILE A 87 7.84 -6.63 1.65
C ILE A 87 8.27 -7.59 0.53
N ASN A 88 9.43 -8.26 0.61
CA ASN A 88 9.65 -9.39 -0.29
C ASN A 88 8.79 -10.58 0.12
N LYS A 89 8.92 -10.99 1.38
CA LYS A 89 8.50 -12.30 1.86
C LYS A 89 6.99 -12.48 1.78
N ASP A 90 6.24 -11.41 2.01
CA ASP A 90 4.79 -11.39 1.86
C ASP A 90 4.36 -9.92 1.88
N PRO A 91 4.50 -9.15 0.80
CA PRO A 91 4.12 -7.73 0.84
C PRO A 91 2.65 -7.59 1.26
N GLU A 92 1.83 -8.55 0.84
CA GLU A 92 0.39 -8.52 0.97
C GLU A 92 -0.09 -9.35 2.15
N GLY A 93 0.80 -10.07 2.83
CA GLY A 93 0.50 -10.84 4.03
C GLY A 93 0.87 -10.03 5.25
N GLU A 94 2.17 -9.84 5.47
CA GLU A 94 2.74 -9.32 6.71
C GLU A 94 3.52 -8.01 6.50
N GLY A 95 3.96 -7.72 5.28
CA GLY A 95 4.82 -6.59 4.92
C GLY A 95 4.10 -5.26 4.72
N TRP A 96 2.94 -5.04 5.35
CA TRP A 96 2.18 -3.80 5.20
C TRP A 96 2.96 -2.60 5.71
N LEU A 97 2.59 -1.40 5.24
CA LEU A 97 3.32 -0.17 5.50
C LEU A 97 2.59 0.57 6.64
N PHE A 98 1.38 1.05 6.37
CA PHE A 98 0.50 1.74 7.30
C PHE A 98 -0.97 1.35 7.07
N LYS A 99 -1.85 1.67 8.02
CA LYS A 99 -3.29 1.58 7.88
C LYS A 99 -3.88 2.98 7.93
N MET A 100 -5.05 3.15 7.32
CA MET A 100 -5.73 4.43 7.28
C MET A 100 -7.24 4.23 7.33
N GLU A 101 -7.92 5.13 8.03
CA GLU A 101 -9.36 5.27 8.02
C GLU A 101 -9.78 5.71 6.62
N ILE A 102 -10.85 5.11 6.09
CA ILE A 102 -11.49 5.58 4.87
C ILE A 102 -12.32 6.84 5.16
N SER A 103 -12.55 7.65 4.13
CA SER A 103 -13.23 8.93 4.28
C SER A 103 -14.31 9.16 3.23
N ASP A 104 -14.35 8.35 2.18
CA ASP A 104 -15.44 8.27 1.23
C ASP A 104 -15.38 6.85 0.65
N GLU A 105 -16.40 6.05 0.95
CA GLU A 105 -16.52 4.65 0.57
C GLU A 105 -17.11 4.53 -0.85
N GLY A 106 -17.69 5.62 -1.34
CA GLY A 106 -18.20 5.75 -2.71
C GLY A 106 -17.08 5.59 -3.73
N GLU A 107 -15.85 5.98 -3.36
CA GLU A 107 -14.66 5.83 -4.18
C GLU A 107 -14.09 4.40 -4.15
N LEU A 108 -14.60 3.49 -3.31
CA LEU A 108 -14.01 2.15 -3.26
C LEU A 108 -14.28 1.39 -4.55
N GLU A 109 -15.49 1.50 -5.11
CA GLU A 109 -15.89 0.75 -6.31
C GLU A 109 -15.14 1.27 -7.55
N ASP A 110 -14.59 2.48 -7.46
CA ASP A 110 -13.77 3.11 -8.51
C ASP A 110 -12.40 2.44 -8.64
N LEU A 111 -12.00 1.68 -7.62
CA LEU A 111 -10.78 0.88 -7.58
C LEU A 111 -11.00 -0.49 -8.23
N LEU A 112 -9.92 -1.22 -8.44
CA LEU A 112 -9.90 -2.42 -9.25
C LEU A 112 -10.19 -3.64 -8.38
N ASP A 113 -10.73 -4.70 -8.97
CA ASP A 113 -10.76 -6.04 -8.37
C ASP A 113 -9.31 -6.59 -8.31
N GLU A 114 -9.06 -7.72 -7.65
CA GLU A 114 -7.75 -8.38 -7.61
C GLU A 114 -7.41 -8.95 -8.99
N GLN A 115 -8.38 -9.62 -9.62
CA GLN A 115 -8.31 -10.11 -10.98
C GLN A 115 -8.17 -8.94 -11.97
N ALA A 116 -8.90 -7.85 -11.74
CA ALA A 116 -8.81 -6.67 -12.61
C ALA A 116 -7.43 -6.01 -12.50
N TYR A 117 -6.86 -6.00 -11.30
CA TYR A 117 -5.50 -5.52 -11.05
C TYR A 117 -4.45 -6.38 -11.77
N GLN A 118 -4.67 -7.70 -11.85
CA GLN A 118 -3.79 -8.60 -12.60
C GLN A 118 -3.66 -8.10 -14.05
N GLU A 119 -4.78 -7.78 -14.70
CA GLU A 119 -4.75 -7.27 -16.05
C GLU A 119 -3.98 -5.94 -16.09
N PHE A 120 -4.16 -5.08 -15.09
CA PHE A 120 -3.44 -3.81 -15.02
C PHE A 120 -1.92 -4.02 -14.92
N CYS A 121 -1.45 -5.14 -14.37
CA CYS A 121 -0.05 -5.54 -14.38
C CYS A 121 0.40 -6.22 -15.67
N ALA A 122 -0.50 -6.50 -16.61
CA ALA A 122 -0.16 -7.06 -17.92
C ALA A 122 0.00 -5.97 -18.97
N GLN A 123 -0.21 -4.71 -18.59
CA GLN A 123 -0.07 -3.52 -19.41
C GLN A 123 0.95 -2.57 -18.74
N GLU A 124 1.84 -3.15 -17.94
CA GLU A 124 2.84 -2.49 -17.13
C GLU A 124 4.19 -3.14 -17.44
N MET A 1 -17.84 -3.37 3.72
CA MET A 1 -17.16 -4.26 4.68
C MET A 1 -16.20 -5.17 3.92
N LYS A 2 -15.18 -5.71 4.61
CA LYS A 2 -14.29 -6.79 4.21
C LYS A 2 -14.05 -6.82 2.69
N MET A 3 -13.22 -5.93 2.16
CA MET A 3 -13.01 -5.76 0.73
C MET A 3 -11.53 -5.45 0.50
N LYS A 4 -10.98 -5.82 -0.65
CA LYS A 4 -9.62 -5.50 -1.05
C LYS A 4 -9.63 -5.13 -2.52
N LYS A 5 -9.39 -3.85 -2.81
CA LYS A 5 -9.20 -3.32 -4.15
C LYS A 5 -7.76 -2.88 -4.35
N TYR A 6 -7.43 -2.38 -5.53
CA TYR A 6 -6.06 -2.10 -5.95
C TYR A 6 -6.00 -0.80 -6.74
N THR A 7 -4.80 -0.25 -6.91
CA THR A 7 -4.53 0.86 -7.81
C THR A 7 -3.60 0.42 -8.93
N LYS A 8 -3.31 1.39 -9.79
CA LYS A 8 -2.19 1.44 -10.71
C LYS A 8 -0.81 1.48 -10.05
N THR A 9 -0.68 1.94 -8.81
CA THR A 9 0.61 2.19 -8.18
C THR A 9 1.18 0.92 -7.54
N HIS A 10 0.79 -0.27 -8.03
CA HIS A 10 1.22 -1.58 -7.57
C HIS A 10 1.03 -1.67 -6.06
N GLU A 11 -0.22 -1.44 -5.66
CA GLU A 11 -0.67 -1.22 -4.32
C GLU A 11 -2.00 -1.95 -4.14
N TRP A 12 -2.27 -2.41 -2.91
CA TRP A 12 -3.52 -3.04 -2.48
C TRP A 12 -4.06 -2.38 -1.22
N VAL A 13 -5.38 -2.46 -1.06
CA VAL A 13 -6.17 -1.94 0.05
C VAL A 13 -6.79 -3.16 0.75
N SER A 14 -7.05 -3.08 2.06
CA SER A 14 -7.61 -4.16 2.87
C SER A 14 -8.60 -3.58 3.86
N ILE A 15 -9.74 -3.16 3.32
CA ILE A 15 -10.87 -2.58 4.01
C ILE A 15 -11.51 -3.72 4.82
N GLU A 16 -11.84 -3.50 6.09
CA GLU A 16 -12.44 -4.53 6.95
C GLU A 16 -13.75 -4.04 7.56
N ASP A 17 -13.72 -2.98 8.36
CA ASP A 17 -14.91 -2.31 8.89
C ASP A 17 -14.82 -0.85 8.48
N LYS A 18 -13.98 -0.05 9.15
CA LYS A 18 -13.80 1.38 8.90
C LYS A 18 -12.33 1.76 8.67
N VAL A 19 -11.42 0.80 8.63
CA VAL A 19 -10.00 1.00 8.39
C VAL A 19 -9.60 0.07 7.25
N ALA A 20 -8.83 0.58 6.29
CA ALA A 20 -8.10 -0.27 5.37
C ALA A 20 -6.67 -0.41 5.86
N THR A 21 -6.08 -1.59 5.71
CA THR A 21 -4.63 -1.68 5.55
C THR A 21 -4.28 -1.25 4.12
N VAL A 22 -3.12 -0.63 3.96
CA VAL A 22 -2.45 -0.28 2.72
C VAL A 22 -1.12 -1.05 2.68
N GLY A 23 -0.85 -1.72 1.57
CA GLY A 23 0.46 -2.29 1.26
C GLY A 23 0.73 -2.23 -0.24
N ILE A 24 1.95 -2.58 -0.66
CA ILE A 24 2.31 -2.68 -2.07
C ILE A 24 2.10 -4.13 -2.54
N THR A 25 1.82 -4.34 -3.83
CA THR A 25 1.63 -5.67 -4.40
C THR A 25 2.97 -6.34 -4.71
N ASN A 26 2.94 -7.63 -5.05
CA ASN A 26 4.15 -8.40 -5.37
C ASN A 26 4.90 -7.88 -6.60
N HIS A 27 4.24 -7.13 -7.49
CA HIS A 27 4.93 -6.44 -8.59
C HIS A 27 5.93 -5.40 -8.07
N ALA A 28 5.68 -4.83 -6.90
CA ALA A 28 6.53 -3.78 -6.37
C ALA A 28 7.87 -4.34 -5.87
N GLN A 29 7.82 -5.46 -5.13
CA GLN A 29 9.01 -6.10 -4.58
C GLN A 29 9.91 -6.66 -5.69
N GLU A 30 9.32 -6.94 -6.87
CA GLU A 30 9.97 -7.50 -8.02
C GLU A 30 10.95 -6.48 -8.57
N GLN A 31 10.49 -5.23 -8.71
CA GLN A 31 11.31 -4.17 -9.29
C GLN A 31 12.42 -3.76 -8.32
N LEU A 32 12.10 -3.45 -7.06
CA LEU A 32 13.11 -2.93 -6.14
C LEU A 32 14.06 -4.04 -5.69
N GLY A 33 13.59 -5.29 -5.56
CA GLY A 33 14.41 -6.39 -5.09
C GLY A 33 14.61 -6.28 -3.58
N ASP A 34 15.86 -6.44 -3.13
CA ASP A 34 16.30 -6.12 -1.77
C ASP A 34 16.08 -4.63 -1.56
N VAL A 35 15.78 -4.26 -0.32
CA VAL A 35 15.56 -2.90 0.14
C VAL A 35 16.59 -2.64 1.25
N VAL A 36 16.22 -1.78 2.21
CA VAL A 36 17.01 -1.13 3.22
C VAL A 36 16.09 -0.24 4.06
N TYR A 37 15.12 0.48 3.46
CA TYR A 37 14.28 1.40 4.22
C TYR A 37 12.88 1.58 3.65
N VAL A 38 11.92 1.94 4.51
CA VAL A 38 10.57 2.36 4.16
C VAL A 38 10.17 3.46 5.11
N ASP A 39 9.66 4.52 4.50
CA ASP A 39 9.07 5.70 5.10
C ASP A 39 7.61 5.42 5.40
N LEU A 40 7.08 6.00 6.46
CA LEU A 40 5.72 5.81 6.94
C LEU A 40 5.17 7.12 7.51
N PRO A 41 3.86 7.35 7.41
CA PRO A 41 3.22 8.56 7.91
C PRO A 41 3.04 8.60 9.43
N GLU A 42 2.46 9.69 9.94
CA GLU A 42 2.04 9.81 11.34
C GLU A 42 0.60 9.32 11.51
N VAL A 43 0.25 8.84 12.70
CA VAL A 43 -0.97 8.11 13.07
C VAL A 43 -2.27 8.96 13.12
N GLY A 44 -2.20 10.18 12.60
CA GLY A 44 -3.31 11.11 12.46
C GLY A 44 -3.18 11.99 11.21
N ARG A 45 -2.24 11.69 10.32
CA ARG A 45 -2.06 12.41 9.06
C ARG A 45 -3.23 12.10 8.15
N GLU A 46 -3.91 13.10 7.59
CA GLU A 46 -4.86 12.84 6.51
C GLU A 46 -4.07 12.65 5.23
N VAL A 47 -4.63 11.90 4.28
CA VAL A 47 -4.04 11.64 2.96
C VAL A 47 -5.13 11.60 1.90
N LYS A 48 -4.72 11.56 0.64
CA LYS A 48 -5.59 11.50 -0.53
C LYS A 48 -5.26 10.27 -1.34
N LYS A 49 -6.14 9.91 -2.27
CA LYS A 49 -5.99 8.77 -3.18
C LYS A 49 -4.79 8.80 -4.14
N GLY A 50 -3.90 9.76 -3.98
CA GLY A 50 -2.59 9.79 -4.61
C GLY A 50 -1.68 10.65 -3.76
N GLU A 51 -1.21 10.11 -2.64
CA GLU A 51 -0.33 10.80 -1.69
C GLU A 51 0.84 9.89 -1.31
N VAL A 52 2.06 10.25 -1.68
CA VAL A 52 3.30 9.57 -1.32
C VAL A 52 3.61 9.88 0.14
N VAL A 53 3.14 8.97 1.00
CA VAL A 53 3.35 9.03 2.43
C VAL A 53 4.19 7.86 2.93
N ALA A 54 4.56 6.92 2.06
CA ALA A 54 5.23 5.71 2.46
C ALA A 54 6.27 5.25 1.42
N SER A 55 7.18 6.15 1.06
CA SER A 55 8.25 5.88 0.12
C SER A 55 9.10 4.68 0.57
N ILE A 56 9.75 4.03 -0.38
CA ILE A 56 10.52 2.82 -0.16
C ILE A 56 11.88 3.06 -0.78
N GLU A 57 12.87 3.49 0.01
CA GLU A 57 14.23 3.60 -0.46
C GLU A 57 14.84 2.22 -0.36
N SER A 58 15.06 1.59 -1.51
CA SER A 58 15.78 0.35 -1.66
C SER A 58 17.26 0.62 -1.86
N VAL A 59 18.00 -0.44 -2.21
CA VAL A 59 19.44 -0.42 -2.42
C VAL A 59 19.85 0.67 -3.42
N LYS A 60 19.00 1.05 -4.38
CA LYS A 60 19.31 2.13 -5.32
C LYS A 60 18.10 2.67 -6.09
N ALA A 61 16.92 2.62 -5.50
CA ALA A 61 15.70 3.17 -6.10
C ALA A 61 14.76 3.63 -5.00
N ALA A 62 13.79 4.48 -5.35
CA ALA A 62 12.74 4.97 -4.47
C ALA A 62 11.41 4.75 -5.18
N ALA A 63 10.63 3.75 -4.75
CA ALA A 63 9.21 3.70 -5.09
C ALA A 63 8.51 4.66 -4.15
N ASP A 64 7.85 5.67 -4.69
CA ASP A 64 6.87 6.47 -4.01
C ASP A 64 5.62 5.61 -3.96
N VAL A 65 5.00 5.50 -2.77
CA VAL A 65 3.85 4.61 -2.56
C VAL A 65 2.64 5.50 -2.31
N TYR A 66 1.72 5.61 -3.28
CA TYR A 66 0.74 6.69 -3.31
C TYR A 66 -0.60 6.21 -2.77
N ALA A 67 -0.94 6.68 -1.56
CA ALA A 67 -2.10 6.30 -0.78
C ALA A 67 -3.32 6.05 -1.67
N PRO A 68 -3.95 4.87 -1.63
CA PRO A 68 -4.84 4.44 -2.71
C PRO A 68 -6.24 5.05 -2.65
N LEU A 69 -6.68 5.49 -1.48
CA LEU A 69 -7.95 6.16 -1.23
C LEU A 69 -7.61 7.38 -0.39
N SER A 70 -8.52 8.34 -0.36
CA SER A 70 -8.46 9.44 0.58
C SER A 70 -8.93 8.96 1.95
N GLY A 71 -8.44 9.53 3.05
CA GLY A 71 -8.70 9.02 4.38
C GLY A 71 -7.68 9.56 5.37
N LYS A 72 -7.55 8.95 6.55
CA LYS A 72 -6.57 9.37 7.55
C LYS A 72 -5.83 8.18 8.08
N ILE A 73 -4.50 8.27 8.14
CA ILE A 73 -3.60 7.28 8.70
C ILE A 73 -3.94 7.13 10.18
N VAL A 74 -3.96 5.89 10.69
CA VAL A 74 -4.26 5.62 12.10
C VAL A 74 -3.54 4.36 12.62
N GLU A 75 -2.73 3.66 11.82
CA GLU A 75 -1.75 2.69 12.35
C GLU A 75 -0.59 2.66 11.35
N VAL A 76 0.64 2.32 11.76
CA VAL A 76 1.78 2.11 10.87
C VAL A 76 2.53 0.83 11.27
N ASN A 77 3.42 0.32 10.41
CA ASN A 77 4.05 -0.98 10.61
C ASN A 77 5.52 -0.75 10.93
N GLU A 78 5.84 -0.43 12.19
CA GLU A 78 7.21 -0.18 12.64
C GLU A 78 8.12 -1.39 12.42
N LYS A 79 7.54 -2.56 12.17
CA LYS A 79 8.25 -3.74 11.71
C LYS A 79 9.05 -3.50 10.45
N LEU A 80 8.60 -2.61 9.57
CA LEU A 80 9.29 -2.34 8.31
C LEU A 80 10.61 -1.60 8.59
N ASP A 81 10.82 -1.06 9.80
CA ASP A 81 12.10 -0.49 10.26
C ASP A 81 13.17 -1.56 10.48
N THR A 82 12.78 -2.83 10.59
CA THR A 82 13.68 -3.94 10.92
C THR A 82 13.54 -5.12 9.94
N GLU A 83 12.44 -5.17 9.19
CA GLU A 83 12.23 -6.06 8.04
C GLU A 83 11.63 -5.22 6.91
N PRO A 84 12.42 -4.33 6.30
CA PRO A 84 12.08 -3.72 5.02
C PRO A 84 12.04 -4.81 3.95
N GLU A 85 12.65 -5.97 4.24
CA GLU A 85 12.64 -7.13 3.38
C GLU A 85 11.41 -7.99 3.57
N LEU A 86 10.52 -7.71 4.53
CA LEU A 86 9.27 -8.44 4.56
C LEU A 86 8.39 -8.14 3.35
N ILE A 87 8.68 -7.04 2.67
CA ILE A 87 8.08 -6.70 1.40
C ILE A 87 8.44 -7.77 0.34
N ASN A 88 9.65 -8.36 0.38
CA ASN A 88 9.94 -9.52 -0.46
C ASN A 88 9.08 -10.69 -0.01
N LYS A 89 9.15 -10.97 1.29
CA LYS A 89 8.71 -12.24 1.85
C LYS A 89 7.22 -12.45 1.66
N ASP A 90 6.42 -11.38 1.77
CA ASP A 90 4.96 -11.42 1.65
C ASP A 90 4.46 -9.96 1.63
N PRO A 91 4.52 -9.27 0.48
CA PRO A 91 4.10 -7.88 0.40
C PRO A 91 2.60 -7.71 0.57
N GLU A 92 1.82 -8.79 0.46
CA GLU A 92 0.38 -8.81 0.62
C GLU A 92 0.03 -9.86 1.69
N GLY A 93 0.80 -9.84 2.79
CA GLY A 93 0.47 -10.48 4.06
C GLY A 93 0.99 -9.56 5.15
N GLU A 94 2.15 -9.94 5.69
CA GLU A 94 2.76 -9.28 6.82
C GLU A 94 3.43 -7.96 6.44
N GLY A 95 3.87 -7.78 5.19
CA GLY A 95 4.65 -6.63 4.76
C GLY A 95 3.81 -5.43 4.38
N TRP A 96 2.74 -5.13 5.13
CA TRP A 96 1.96 -3.91 4.94
C TRP A 96 2.77 -2.69 5.37
N LEU A 97 2.33 -1.50 4.97
CA LEU A 97 3.02 -0.24 5.24
C LEU A 97 2.33 0.43 6.42
N PHE A 98 1.07 0.82 6.23
CA PHE A 98 0.28 1.56 7.19
C PHE A 98 -1.19 1.20 7.07
N LYS A 99 -2.01 1.71 7.98
CA LYS A 99 -3.46 1.57 7.96
C LYS A 99 -4.09 2.94 8.08
N MET A 100 -5.29 3.07 7.55
CA MET A 100 -5.98 4.33 7.49
C MET A 100 -7.50 4.15 7.56
N GLU A 101 -8.15 4.99 8.37
CA GLU A 101 -9.59 5.19 8.40
C GLU A 101 -10.04 5.53 6.99
N ILE A 102 -11.01 4.79 6.44
CA ILE A 102 -11.62 5.15 5.17
C ILE A 102 -12.52 6.35 5.43
N SER A 103 -12.39 7.42 4.63
CA SER A 103 -13.41 8.45 4.64
C SER A 103 -14.64 7.94 3.88
N ASP A 104 -14.42 7.26 2.75
CA ASP A 104 -15.41 7.07 1.71
C ASP A 104 -15.25 5.67 1.14
N GLU A 105 -15.96 4.68 1.69
CA GLU A 105 -16.04 3.33 1.14
C GLU A 105 -16.58 3.32 -0.32
N GLY A 106 -17.08 4.46 -0.78
CA GLY A 106 -17.67 4.64 -2.10
C GLY A 106 -16.66 5.06 -3.15
N GLU A 107 -15.47 5.51 -2.74
CA GLU A 107 -14.38 5.80 -3.65
C GLU A 107 -13.72 4.49 -4.12
N LEU A 108 -13.97 3.38 -3.42
CA LEU A 108 -13.43 2.07 -3.78
C LEU A 108 -13.90 1.64 -5.17
N GLU A 109 -15.08 2.09 -5.62
CA GLU A 109 -15.62 1.71 -6.93
C GLU A 109 -15.29 2.77 -7.99
N ASP A 110 -14.18 3.47 -7.77
CA ASP A 110 -13.35 3.98 -8.86
C ASP A 110 -11.93 3.36 -8.84
N LEU A 111 -11.62 2.46 -7.90
CA LEU A 111 -10.42 1.62 -7.95
C LEU A 111 -10.69 0.39 -8.80
N LEU A 112 -9.68 -0.47 -8.88
CA LEU A 112 -9.65 -1.64 -9.73
C LEU A 112 -10.21 -2.80 -8.92
N ASP A 113 -11.20 -3.50 -9.50
CA ASP A 113 -11.56 -4.85 -9.09
C ASP A 113 -10.42 -5.81 -9.42
N GLU A 114 -10.59 -7.08 -9.08
CA GLU A 114 -9.55 -8.10 -9.14
C GLU A 114 -9.18 -8.45 -10.58
N GLN A 115 -10.16 -8.73 -11.45
CA GLN A 115 -9.94 -9.02 -12.84
C GLN A 115 -9.27 -7.81 -13.51
N ALA A 116 -9.76 -6.60 -13.20
CA ALA A 116 -9.20 -5.35 -13.70
C ALA A 116 -7.75 -5.16 -13.22
N TYR A 117 -7.45 -5.54 -11.97
CA TYR A 117 -6.07 -5.49 -11.46
C TYR A 117 -5.21 -6.55 -12.15
N GLN A 118 -5.72 -7.76 -12.35
CA GLN A 118 -5.04 -8.88 -13.01
C GLN A 118 -4.53 -8.44 -14.38
N GLU A 119 -5.35 -7.71 -15.14
CA GLU A 119 -4.98 -7.15 -16.41
C GLU A 119 -3.69 -6.35 -16.30
N PHE A 120 -3.65 -5.36 -15.40
CA PHE A 120 -2.50 -4.50 -15.24
C PHE A 120 -1.30 -5.30 -14.70
N CYS A 121 -1.50 -6.13 -13.68
CA CYS A 121 -0.41 -6.86 -13.06
C CYS A 121 0.21 -7.92 -13.99
N ALA A 122 -0.42 -8.25 -15.11
CA ALA A 122 0.09 -9.13 -16.15
C ALA A 122 0.33 -8.37 -17.45
N GLN A 123 0.34 -7.04 -17.42
CA GLN A 123 0.76 -6.21 -18.55
C GLN A 123 2.18 -5.67 -18.35
N GLU A 124 2.80 -5.91 -17.20
CA GLU A 124 4.01 -5.25 -16.75
C GLU A 124 4.88 -6.24 -15.99
N MET A 1 -18.84 -6.55 6.38
CA MET A 1 -18.22 -6.12 5.11
C MET A 1 -16.81 -6.74 5.04
N LYS A 2 -16.29 -6.99 3.84
CA LYS A 2 -14.86 -7.15 3.57
C LYS A 2 -14.67 -6.96 2.08
N MET A 3 -13.80 -6.04 1.69
CA MET A 3 -13.52 -5.67 0.32
C MET A 3 -12.02 -5.54 0.16
N LYS A 4 -11.52 -5.56 -1.06
CA LYS A 4 -10.24 -4.95 -1.36
C LYS A 4 -10.33 -4.36 -2.74
N LYS A 5 -9.60 -3.27 -2.95
CA LYS A 5 -9.28 -2.78 -4.28
C LYS A 5 -7.76 -2.59 -4.36
N TYR A 6 -7.28 -2.22 -5.53
CA TYR A 6 -5.87 -2.13 -5.89
C TYR A 6 -5.65 -0.87 -6.73
N THR A 7 -4.40 -0.47 -6.98
CA THR A 7 -4.09 0.74 -7.73
C THR A 7 -3.05 0.46 -8.82
N LYS A 8 -2.78 1.51 -9.57
CA LYS A 8 -1.92 1.49 -10.75
C LYS A 8 -0.45 1.44 -10.36
N THR A 9 -0.06 1.91 -9.17
CA THR A 9 1.29 1.73 -8.64
C THR A 9 1.46 0.33 -7.98
N HIS A 10 0.56 -0.63 -8.27
CA HIS A 10 0.59 -2.02 -7.82
C HIS A 10 0.44 -2.10 -6.30
N GLU A 11 -0.68 -1.58 -5.80
CA GLU A 11 -1.04 -1.63 -4.39
C GLU A 11 -2.24 -2.53 -4.18
N TRP A 12 -2.49 -2.90 -2.93
CA TRP A 12 -3.69 -3.55 -2.46
C TRP A 12 -4.21 -2.82 -1.22
N VAL A 13 -5.52 -2.87 -0.94
CA VAL A 13 -6.23 -2.04 0.04
C VAL A 13 -7.19 -2.97 0.82
N SER A 14 -6.74 -3.57 1.92
CA SER A 14 -7.47 -4.55 2.73
C SER A 14 -8.60 -3.92 3.55
N ILE A 15 -9.77 -3.71 2.97
CA ILE A 15 -10.89 -3.05 3.63
C ILE A 15 -11.71 -4.11 4.36
N GLU A 16 -11.96 -3.91 5.65
CA GLU A 16 -12.57 -4.95 6.50
C GLU A 16 -13.58 -4.38 7.50
N ASP A 17 -13.49 -3.10 7.82
CA ASP A 17 -14.60 -2.31 8.35
C ASP A 17 -14.44 -0.96 7.67
N LYS A 18 -13.97 0.04 8.40
CA LYS A 18 -13.66 1.39 7.93
C LYS A 18 -12.17 1.64 7.93
N VAL A 19 -11.34 0.64 8.16
CA VAL A 19 -9.90 0.73 7.96
C VAL A 19 -9.56 -0.15 6.76
N ALA A 20 -8.59 0.31 5.97
CA ALA A 20 -7.83 -0.52 5.05
C ALA A 20 -6.42 -0.67 5.58
N THR A 21 -5.87 -1.86 5.41
CA THR A 21 -4.42 -2.03 5.40
C THR A 21 -3.89 -1.77 3.99
N VAL A 22 -2.80 -1.01 3.92
CA VAL A 22 -2.07 -0.51 2.77
C VAL A 22 -0.73 -1.24 2.63
N GLY A 23 -0.49 -1.85 1.47
CA GLY A 23 0.80 -2.38 1.04
C GLY A 23 0.89 -2.43 -0.48
N ILE A 24 2.07 -2.72 -1.01
CA ILE A 24 2.28 -2.97 -2.44
C ILE A 24 2.11 -4.47 -2.72
N THR A 25 1.62 -4.86 -3.90
CA THR A 25 1.50 -6.27 -4.27
C THR A 25 2.85 -6.86 -4.65
N ASN A 26 2.98 -8.20 -4.58
CA ASN A 26 4.07 -9.19 -4.91
C ASN A 26 4.55 -9.20 -6.36
N HIS A 27 4.34 -8.08 -7.01
CA HIS A 27 4.93 -7.65 -8.27
C HIS A 27 5.97 -6.52 -8.08
N ALA A 28 5.69 -5.56 -7.21
CA ALA A 28 6.46 -4.35 -6.97
C ALA A 28 7.80 -4.52 -6.25
N GLN A 29 7.78 -5.22 -5.11
CA GLN A 29 8.89 -5.65 -4.28
C GLN A 29 10.03 -6.17 -5.16
N GLU A 30 9.75 -7.00 -6.17
CA GLU A 30 10.70 -7.52 -7.13
C GLU A 30 11.54 -6.39 -7.78
N GLN A 31 10.85 -5.34 -8.25
CA GLN A 31 11.45 -4.22 -8.98
C GLN A 31 12.35 -3.37 -8.06
N LEU A 32 12.15 -3.41 -6.74
CA LEU A 32 13.08 -2.82 -5.79
C LEU A 32 14.16 -3.80 -5.35
N GLY A 33 13.85 -5.10 -5.35
CA GLY A 33 14.67 -6.18 -4.82
C GLY A 33 14.80 -6.05 -3.31
N ASP A 34 16.01 -6.28 -2.80
CA ASP A 34 16.35 -6.20 -1.39
C ASP A 34 16.11 -4.75 -0.95
N VAL A 35 15.12 -4.53 -0.09
CA VAL A 35 14.94 -3.24 0.53
C VAL A 35 15.80 -3.16 1.79
N VAL A 36 15.59 -2.09 2.56
CA VAL A 36 16.53 -1.43 3.41
C VAL A 36 15.74 -0.38 4.19
N TYR A 37 14.81 0.32 3.52
CA TYR A 37 14.07 1.37 4.20
C TYR A 37 12.69 1.67 3.61
N VAL A 38 11.77 2.09 4.46
CA VAL A 38 10.41 2.46 4.13
C VAL A 38 9.99 3.58 5.06
N ASP A 39 9.36 4.56 4.45
CA ASP A 39 8.79 5.75 5.03
C ASP A 39 7.34 5.46 5.37
N LEU A 40 6.86 6.02 6.48
CA LEU A 40 5.52 5.77 7.00
C LEU A 40 4.95 7.07 7.56
N PRO A 41 3.67 7.37 7.31
CA PRO A 41 3.05 8.61 7.73
C PRO A 41 2.73 8.61 9.24
N GLU A 42 2.24 9.75 9.75
CA GLU A 42 1.80 9.87 11.14
C GLU A 42 0.39 9.29 11.30
N VAL A 43 0.07 8.71 12.45
CA VAL A 43 -1.12 7.90 12.77
C VAL A 43 -2.45 8.67 12.86
N GLY A 44 -2.49 9.87 12.30
CA GLY A 44 -3.64 10.75 12.17
C GLY A 44 -3.52 11.70 10.98
N ARG A 45 -2.45 11.57 10.16
CA ARG A 45 -2.22 12.40 8.98
C ARG A 45 -3.39 12.20 8.02
N GLU A 46 -3.88 13.26 7.39
CA GLU A 46 -4.84 13.15 6.31
C GLU A 46 -4.06 12.98 5.02
N VAL A 47 -4.56 12.14 4.12
CA VAL A 47 -3.91 11.79 2.87
C VAL A 47 -4.93 11.81 1.72
N LYS A 48 -4.43 11.71 0.48
CA LYS A 48 -5.26 11.64 -0.71
C LYS A 48 -4.88 10.45 -1.55
N LYS A 49 -5.79 10.02 -2.44
CA LYS A 49 -5.70 8.87 -3.35
C LYS A 49 -4.55 8.94 -4.38
N GLY A 50 -3.63 9.88 -4.24
CA GLY A 50 -2.43 9.99 -5.03
C GLY A 50 -1.50 10.97 -4.33
N GLU A 51 -0.97 10.60 -3.16
CA GLU A 51 -0.14 11.48 -2.34
C GLU A 51 1.00 10.65 -1.75
N VAL A 52 2.25 11.08 -1.87
CA VAL A 52 3.43 10.31 -1.46
C VAL A 52 3.57 10.46 0.04
N VAL A 53 3.33 9.37 0.75
CA VAL A 53 3.27 9.37 2.20
C VAL A 53 3.94 8.14 2.80
N ALA A 54 4.46 7.22 1.96
CA ALA A 54 5.05 5.97 2.43
C ALA A 54 6.11 5.43 1.45
N SER A 55 6.99 6.32 0.97
CA SER A 55 8.08 6.01 0.05
C SER A 55 8.91 4.79 0.49
N ILE A 56 9.42 4.01 -0.45
CA ILE A 56 10.19 2.81 -0.19
C ILE A 56 11.53 3.02 -0.89
N GLU A 57 12.59 3.25 -0.13
CA GLU A 57 13.95 3.37 -0.65
C GLU A 57 14.57 2.00 -0.52
N SER A 58 15.17 1.46 -1.59
CA SER A 58 15.95 0.23 -1.53
C SER A 58 17.44 0.54 -1.61
N VAL A 59 18.26 -0.50 -1.73
CA VAL A 59 19.70 -0.43 -1.76
C VAL A 59 20.23 0.55 -2.80
N LYS A 60 19.50 0.82 -3.90
CA LYS A 60 19.83 1.92 -4.81
C LYS A 60 18.65 2.40 -5.65
N ALA A 61 17.41 2.31 -5.18
CA ALA A 61 16.24 2.81 -5.90
C ALA A 61 15.23 3.37 -4.91
N ALA A 62 14.10 3.85 -5.44
CA ALA A 62 12.97 4.41 -4.73
C ALA A 62 11.68 3.92 -5.42
N ALA A 63 10.59 3.78 -4.66
CA ALA A 63 9.22 3.73 -5.12
C ALA A 63 8.39 4.56 -4.15
N ASP A 64 7.87 5.69 -4.61
CA ASP A 64 6.94 6.52 -3.85
C ASP A 64 5.65 5.71 -3.75
N VAL A 65 5.25 5.31 -2.54
CA VAL A 65 3.90 4.81 -2.35
C VAL A 65 3.00 6.04 -2.29
N TYR A 66 2.33 6.30 -3.40
CA TYR A 66 1.19 7.19 -3.41
C TYR A 66 0.07 6.49 -2.64
N ALA A 67 -0.48 7.13 -1.61
CA ALA A 67 -1.64 6.64 -0.87
C ALA A 67 -2.77 6.30 -1.85
N PRO A 68 -3.41 5.13 -1.72
CA PRO A 68 -4.31 4.61 -2.74
C PRO A 68 -5.71 5.21 -2.72
N LEU A 69 -6.22 5.58 -1.54
CA LEU A 69 -7.50 6.24 -1.31
C LEU A 69 -7.21 7.51 -0.51
N SER A 70 -8.12 8.48 -0.57
CA SER A 70 -8.15 9.57 0.39
C SER A 70 -8.77 9.04 1.68
N GLY A 71 -8.42 9.63 2.81
CA GLY A 71 -8.68 9.06 4.12
C GLY A 71 -7.63 9.58 5.08
N LYS A 72 -7.59 9.03 6.29
CA LYS A 72 -6.72 9.56 7.34
C LYS A 72 -6.07 8.36 8.02
N ILE A 73 -4.76 8.41 8.19
CA ILE A 73 -3.95 7.30 8.69
C ILE A 73 -4.38 7.00 10.12
N VAL A 74 -4.26 5.74 10.55
CA VAL A 74 -4.51 5.34 11.93
C VAL A 74 -3.63 4.15 12.37
N GLU A 75 -2.70 3.62 11.56
CA GLU A 75 -1.67 2.70 12.05
C GLU A 75 -0.45 2.73 11.11
N VAL A 76 0.72 2.29 11.58
CA VAL A 76 1.93 2.06 10.77
C VAL A 76 2.57 0.73 11.19
N ASN A 77 3.53 0.24 10.41
CA ASN A 77 4.21 -1.05 10.63
C ASN A 77 5.70 -0.79 10.87
N GLU A 78 6.08 -0.37 12.08
CA GLU A 78 7.47 -0.19 12.50
C GLU A 78 8.30 -1.46 12.35
N LYS A 79 7.68 -2.62 12.10
CA LYS A 79 8.37 -3.84 11.73
C LYS A 79 9.28 -3.62 10.53
N LEU A 80 8.92 -2.70 9.62
CA LEU A 80 9.66 -2.42 8.39
C LEU A 80 10.95 -1.63 8.71
N ASP A 81 11.03 -0.95 9.87
CA ASP A 81 12.21 -0.21 10.38
C ASP A 81 13.37 -1.13 10.76
N THR A 82 13.16 -2.44 10.70
CA THR A 82 14.17 -3.42 11.06
C THR A 82 14.17 -4.58 10.05
N GLU A 83 12.99 -4.93 9.54
CA GLU A 83 12.72 -6.01 8.60
C GLU A 83 12.04 -5.44 7.33
N PRO A 84 12.72 -4.54 6.59
CA PRO A 84 12.20 -3.90 5.39
C PRO A 84 12.11 -4.91 4.25
N GLU A 85 12.87 -5.98 4.35
CA GLU A 85 12.81 -7.12 3.47
C GLU A 85 11.43 -7.76 3.50
N LEU A 86 10.57 -7.51 4.50
CA LEU A 86 9.30 -8.19 4.59
C LEU A 86 8.31 -7.84 3.49
N ILE A 87 8.51 -6.73 2.77
CA ILE A 87 7.73 -6.47 1.57
C ILE A 87 8.08 -7.49 0.48
N ASN A 88 9.26 -8.13 0.50
CA ASN A 88 9.55 -9.26 -0.37
C ASN A 88 8.87 -10.51 0.16
N LYS A 89 9.12 -10.80 1.44
CA LYS A 89 8.81 -12.07 2.08
C LYS A 89 7.31 -12.36 2.04
N ASP A 90 6.47 -11.35 2.27
CA ASP A 90 5.01 -11.50 2.24
C ASP A 90 4.41 -10.11 2.09
N PRO A 91 4.43 -9.50 0.89
CA PRO A 91 3.99 -8.13 0.70
C PRO A 91 2.51 -7.92 1.03
N GLU A 92 1.70 -8.98 1.06
CA GLU A 92 0.25 -8.86 1.19
C GLU A 92 -0.27 -9.66 2.40
N GLY A 93 0.60 -9.93 3.37
CA GLY A 93 0.25 -10.42 4.70
C GLY A 93 1.01 -9.61 5.74
N GLU A 94 2.28 -9.96 6.01
CA GLU A 94 3.08 -9.30 7.03
C GLU A 94 3.76 -8.00 6.57
N GLY A 95 4.25 -7.91 5.33
CA GLY A 95 5.02 -6.76 4.85
C GLY A 95 4.17 -5.57 4.42
N TRP A 96 3.17 -5.18 5.23
CA TRP A 96 2.35 -4.00 4.96
C TRP A 96 3.10 -2.75 5.44
N LEU A 97 2.59 -1.57 5.05
CA LEU A 97 3.23 -0.29 5.34
C LEU A 97 2.43 0.42 6.43
N PHE A 98 1.21 0.86 6.12
CA PHE A 98 0.37 1.63 7.05
C PHE A 98 -1.09 1.18 6.97
N LYS A 99 -1.94 1.68 7.86
CA LYS A 99 -3.39 1.52 7.80
C LYS A 99 -4.03 2.88 7.91
N MET A 100 -5.19 3.03 7.30
CA MET A 100 -5.91 4.29 7.26
C MET A 100 -7.41 4.03 7.32
N GLU A 101 -8.11 4.98 7.92
CA GLU A 101 -9.54 5.11 7.90
C GLU A 101 -9.96 5.53 6.49
N ILE A 102 -10.75 4.67 5.83
CA ILE A 102 -11.49 5.05 4.65
C ILE A 102 -12.61 6.01 5.08
N SER A 103 -12.34 7.29 4.92
CA SER A 103 -13.37 8.30 5.03
C SER A 103 -14.46 8.07 3.97
N ASP A 104 -14.06 7.58 2.79
CA ASP A 104 -14.86 7.61 1.57
C ASP A 104 -14.74 6.24 0.93
N GLU A 105 -15.53 5.26 1.38
CA GLU A 105 -15.59 3.96 0.71
C GLU A 105 -16.19 4.12 -0.70
N GLY A 106 -16.77 5.29 -0.99
CA GLY A 106 -17.40 5.61 -2.25
C GLY A 106 -16.40 5.65 -3.39
N GLU A 107 -15.12 5.95 -3.16
CA GLU A 107 -14.14 5.90 -4.23
C GLU A 107 -13.68 4.46 -4.47
N LEU A 108 -13.66 3.55 -3.47
CA LEU A 108 -13.23 2.15 -3.59
C LEU A 108 -13.73 1.51 -4.88
N GLU A 109 -15.01 1.68 -5.23
CA GLU A 109 -15.61 0.96 -6.34
C GLU A 109 -15.19 1.43 -7.73
N ASP A 110 -14.52 2.57 -7.76
CA ASP A 110 -13.78 3.01 -8.96
C ASP A 110 -12.45 2.26 -9.15
N LEU A 111 -11.74 1.91 -8.08
CA LEU A 111 -10.44 1.25 -8.16
C LEU A 111 -10.57 -0.14 -8.77
N LEU A 112 -9.40 -0.71 -9.03
CA LEU A 112 -9.24 -2.02 -9.62
C LEU A 112 -9.66 -3.04 -8.57
N ASP A 113 -10.66 -3.86 -8.88
CA ASP A 113 -10.98 -5.10 -8.18
C ASP A 113 -9.81 -6.08 -8.27
N GLU A 114 -9.93 -7.27 -7.68
CA GLU A 114 -8.86 -8.26 -7.62
C GLU A 114 -8.60 -8.89 -9.01
N GLN A 115 -9.68 -9.11 -9.76
CA GLN A 115 -9.65 -9.57 -11.12
C GLN A 115 -9.10 -8.44 -12.02
N ALA A 116 -9.60 -7.22 -11.82
CA ALA A 116 -9.23 -6.04 -12.60
C ALA A 116 -7.79 -5.60 -12.35
N TYR A 117 -7.29 -5.87 -11.15
CA TYR A 117 -5.91 -5.63 -10.76
C TYR A 117 -4.98 -6.48 -11.61
N GLN A 118 -5.30 -7.78 -11.73
CA GLN A 118 -4.58 -8.68 -12.61
C GLN A 118 -4.61 -8.14 -14.05
N GLU A 119 -5.77 -7.64 -14.48
CA GLU A 119 -5.95 -7.02 -15.77
C GLU A 119 -4.95 -5.86 -15.95
N PHE A 120 -4.81 -4.98 -14.95
CA PHE A 120 -3.83 -3.90 -14.99
C PHE A 120 -2.40 -4.44 -15.08
N CYS A 121 -2.10 -5.50 -14.33
CA CYS A 121 -0.84 -6.24 -14.43
C CYS A 121 -0.56 -6.83 -15.83
N ALA A 122 -1.54 -6.90 -16.74
CA ALA A 122 -1.36 -7.36 -18.12
C ALA A 122 -0.98 -6.21 -19.05
N GLN A 123 -1.20 -4.96 -18.64
CA GLN A 123 -0.87 -3.72 -19.34
C GLN A 123 0.16 -2.95 -18.49
N GLU A 124 1.01 -3.70 -17.78
CA GLU A 124 2.00 -3.16 -16.86
C GLU A 124 2.93 -2.17 -17.54
N MET A 1 -18.27 -6.70 6.70
CA MET A 1 -18.30 -5.73 5.57
C MET A 1 -16.95 -5.55 4.85
N LYS A 2 -15.95 -6.43 5.05
CA LYS A 2 -14.62 -6.35 4.42
C LYS A 2 -14.65 -6.14 2.90
N MET A 3 -13.61 -5.49 2.36
CA MET A 3 -13.42 -5.24 0.95
C MET A 3 -11.92 -5.23 0.65
N LYS A 4 -11.50 -5.54 -0.59
CA LYS A 4 -10.13 -5.32 -1.02
C LYS A 4 -10.11 -4.86 -2.46
N LYS A 5 -9.71 -3.62 -2.71
CA LYS A 5 -9.28 -3.19 -4.04
C LYS A 5 -7.76 -3.03 -4.13
N TYR A 6 -7.24 -2.62 -5.28
CA TYR A 6 -5.82 -2.47 -5.60
C TYR A 6 -5.55 -1.16 -6.37
N THR A 7 -4.28 -0.83 -6.67
CA THR A 7 -3.89 0.34 -7.46
C THR A 7 -2.83 -0.02 -8.50
N LYS A 8 -2.65 0.91 -9.44
CA LYS A 8 -1.68 0.83 -10.53
C LYS A 8 -0.26 1.00 -10.03
N THR A 9 -0.01 1.83 -9.00
CA THR A 9 1.24 1.82 -8.24
C THR A 9 1.32 0.55 -7.37
N HIS A 10 0.92 -0.62 -7.89
CA HIS A 10 1.12 -1.95 -7.34
C HIS A 10 0.94 -1.99 -5.81
N GLU A 11 -0.26 -1.70 -5.32
CA GLU A 11 -0.66 -1.93 -3.94
C GLU A 11 -1.97 -2.71 -3.91
N TRP A 12 -2.32 -3.19 -2.72
CA TRP A 12 -3.64 -3.62 -2.31
C TRP A 12 -4.19 -2.67 -1.25
N VAL A 13 -5.47 -2.84 -0.90
CA VAL A 13 -6.20 -2.17 0.15
C VAL A 13 -6.99 -3.28 0.86
N SER A 14 -7.15 -3.21 2.18
CA SER A 14 -7.84 -4.24 2.96
C SER A 14 -8.74 -3.62 4.00
N ILE A 15 -9.91 -3.21 3.53
CA ILE A 15 -11.03 -2.79 4.34
C ILE A 15 -11.44 -4.02 5.16
N GLU A 16 -11.78 -3.78 6.42
CA GLU A 16 -12.59 -4.69 7.22
C GLU A 16 -13.86 -3.93 7.56
N ASP A 17 -13.71 -2.96 8.46
CA ASP A 17 -14.74 -2.02 8.87
C ASP A 17 -14.27 -0.66 8.34
N LYS A 18 -13.58 0.12 9.16
CA LYS A 18 -13.08 1.46 8.92
C LYS A 18 -11.58 1.53 9.12
N VAL A 19 -10.86 0.46 8.81
CA VAL A 19 -9.42 0.51 8.64
C VAL A 19 -9.11 -0.33 7.41
N ALA A 20 -8.52 0.31 6.41
CA ALA A 20 -8.03 -0.30 5.19
C ALA A 20 -6.52 -0.44 5.30
N THR A 21 -6.06 -1.67 5.49
CA THR A 21 -4.65 -2.01 5.47
C THR A 21 -4.12 -1.89 4.05
N VAL A 22 -3.05 -1.13 3.84
CA VAL A 22 -2.24 -1.01 2.65
C VAL A 22 -1.02 -1.91 2.68
N GLY A 23 -0.57 -2.40 1.53
CA GLY A 23 0.80 -2.86 1.31
C GLY A 23 1.06 -2.84 -0.21
N ILE A 24 2.32 -2.87 -0.64
CA ILE A 24 2.64 -2.98 -2.07
C ILE A 24 2.61 -4.47 -2.46
N THR A 25 2.07 -4.81 -3.63
CA THR A 25 1.92 -6.20 -4.08
C THR A 25 3.28 -6.79 -4.50
N ASN A 26 3.32 -8.09 -4.79
CA ASN A 26 4.54 -8.76 -5.24
C ASN A 26 5.12 -8.16 -6.54
N HIS A 27 4.27 -7.68 -7.45
CA HIS A 27 4.65 -6.94 -8.65
C HIS A 27 5.53 -5.73 -8.32
N ALA A 28 5.45 -5.20 -7.10
CA ALA A 28 6.25 -4.09 -6.62
C ALA A 28 7.63 -4.54 -6.15
N GLN A 29 7.73 -5.58 -5.30
CA GLN A 29 9.05 -6.02 -4.84
C GLN A 29 9.89 -6.50 -6.02
N GLU A 30 9.26 -6.85 -7.15
CA GLU A 30 9.88 -7.19 -8.42
C GLU A 30 10.76 -6.06 -8.98
N GLN A 31 10.51 -4.78 -8.66
CA GLN A 31 11.41 -3.70 -9.05
C GLN A 31 12.51 -3.41 -8.03
N LEU A 32 12.16 -3.42 -6.75
CA LEU A 32 13.06 -2.96 -5.69
C LEU A 32 13.95 -4.06 -5.12
N GLY A 33 13.46 -5.30 -5.08
CA GLY A 33 14.12 -6.45 -4.47
C GLY A 33 14.58 -6.15 -3.05
N ASP A 34 15.89 -6.24 -2.84
CA ASP A 34 16.56 -6.08 -1.56
C ASP A 34 16.34 -4.64 -1.09
N VAL A 35 15.60 -4.45 0.00
CA VAL A 35 15.34 -3.11 0.53
C VAL A 35 16.30 -2.82 1.69
N VAL A 36 15.97 -1.78 2.45
CA VAL A 36 16.75 -1.10 3.47
C VAL A 36 15.87 -0.08 4.17
N TYR A 37 14.88 0.54 3.49
CA TYR A 37 14.09 1.57 4.14
C TYR A 37 12.68 1.61 3.58
N VAL A 38 11.73 1.96 4.45
CA VAL A 38 10.34 2.20 4.17
C VAL A 38 9.98 3.41 5.00
N ASP A 39 9.63 4.46 4.29
CA ASP A 39 8.99 5.60 4.89
C ASP A 39 7.64 5.14 5.44
N LEU A 40 7.26 5.65 6.61
CA LEU A 40 6.02 5.39 7.28
C LEU A 40 5.46 6.73 7.76
N PRO A 41 4.15 6.94 7.59
CA PRO A 41 3.48 8.17 7.99
C PRO A 41 3.23 8.26 9.49
N GLU A 42 2.35 9.17 9.89
CA GLU A 42 2.01 9.49 11.26
C GLU A 42 0.57 9.07 11.51
N VAL A 43 0.26 8.61 12.72
CA VAL A 43 -0.98 7.89 13.06
C VAL A 43 -2.27 8.75 13.08
N GLY A 44 -2.23 9.92 12.48
CA GLY A 44 -3.33 10.85 12.35
C GLY A 44 -3.20 11.75 11.13
N ARG A 45 -2.29 11.46 10.18
CA ARG A 45 -2.11 12.32 9.00
C ARG A 45 -3.21 12.03 7.99
N GLU A 46 -3.79 13.05 7.37
CA GLU A 46 -4.73 12.84 6.26
C GLU A 46 -3.94 12.51 4.99
N VAL A 47 -4.60 11.79 4.07
CA VAL A 47 -4.03 11.37 2.80
C VAL A 47 -5.07 11.50 1.68
N LYS A 48 -4.57 11.44 0.45
CA LYS A 48 -5.34 11.29 -0.78
C LYS A 48 -5.03 9.92 -1.35
N LYS A 49 -5.85 9.48 -2.30
CA LYS A 49 -5.62 8.37 -3.22
C LYS A 49 -4.40 8.52 -4.14
N GLY A 50 -3.57 9.51 -3.90
CA GLY A 50 -2.24 9.56 -4.42
C GLY A 50 -1.45 10.50 -3.54
N GLU A 51 -0.78 9.97 -2.52
CA GLU A 51 0.03 10.75 -1.60
C GLU A 51 1.22 9.86 -1.25
N VAL A 52 2.46 10.34 -1.41
CA VAL A 52 3.71 9.56 -1.38
C VAL A 52 4.11 9.06 0.03
N VAL A 53 3.17 8.99 0.96
CA VAL A 53 3.36 8.83 2.39
C VAL A 53 3.97 7.51 2.86
N ALA A 54 4.49 6.68 1.94
CA ALA A 54 5.15 5.43 2.24
C ALA A 54 6.19 5.15 1.15
N SER A 55 7.04 6.13 0.84
CA SER A 55 8.21 5.93 -0.01
C SER A 55 9.01 4.71 0.47
N ILE A 56 9.79 4.13 -0.44
CA ILE A 56 10.57 2.94 -0.17
C ILE A 56 11.89 3.13 -0.90
N GLU A 57 12.95 3.53 -0.20
CA GLU A 57 14.28 3.52 -0.77
C GLU A 57 14.85 2.12 -0.56
N SER A 58 15.17 1.43 -1.65
CA SER A 58 15.92 0.20 -1.68
C SER A 58 17.40 0.50 -1.83
N VAL A 59 18.18 -0.54 -2.11
CA VAL A 59 19.60 -0.50 -2.38
C VAL A 59 20.00 0.73 -3.21
N LYS A 60 19.38 0.98 -4.37
CA LYS A 60 19.60 2.22 -5.12
C LYS A 60 18.40 2.56 -6.01
N ALA A 61 17.19 2.61 -5.46
CA ALA A 61 16.03 3.24 -6.09
C ALA A 61 15.06 3.72 -5.03
N ALA A 62 13.97 4.37 -5.43
CA ALA A 62 12.93 4.89 -4.55
C ALA A 62 11.58 4.65 -5.22
N ALA A 63 10.75 3.79 -4.62
CA ALA A 63 9.35 3.67 -5.00
C ALA A 63 8.53 4.55 -4.06
N ASP A 64 8.14 5.75 -4.52
CA ASP A 64 7.14 6.56 -3.84
C ASP A 64 5.84 5.75 -3.92
N VAL A 65 5.34 5.25 -2.79
CA VAL A 65 4.05 4.54 -2.77
C VAL A 65 2.97 5.62 -2.72
N TYR A 66 2.21 5.81 -3.79
CA TYR A 66 1.10 6.75 -3.76
C TYR A 66 -0.11 6.08 -3.13
N ALA A 67 -0.43 6.51 -1.91
CA ALA A 67 -1.51 6.02 -1.06
C ALA A 67 -2.78 5.70 -1.86
N PRO A 68 -3.53 4.63 -1.51
CA PRO A 68 -4.47 4.07 -2.44
C PRO A 68 -5.85 4.74 -2.41
N LEU A 69 -6.32 5.15 -1.23
CA LEU A 69 -7.60 5.82 -1.02
C LEU A 69 -7.30 7.14 -0.34
N SER A 70 -8.25 8.07 -0.42
CA SER A 70 -8.26 9.24 0.44
C SER A 70 -8.85 8.81 1.78
N GLY A 71 -8.46 9.48 2.86
CA GLY A 71 -8.74 9.03 4.22
C GLY A 71 -7.69 9.59 5.16
N LYS A 72 -7.48 8.96 6.31
CA LYS A 72 -6.49 9.42 7.28
C LYS A 72 -5.82 8.20 7.92
N ILE A 73 -4.50 8.26 8.10
CA ILE A 73 -3.73 7.20 8.74
C ILE A 73 -4.17 7.07 10.19
N VAL A 74 -4.14 5.85 10.72
CA VAL A 74 -4.50 5.54 12.10
C VAL A 74 -3.70 4.33 12.62
N GLU A 75 -2.83 3.73 11.81
CA GLU A 75 -1.85 2.74 12.22
C GLU A 75 -0.80 2.69 11.10
N VAL A 76 0.41 2.22 11.40
CA VAL A 76 1.56 2.23 10.50
C VAL A 76 2.37 0.97 10.79
N ASN A 77 3.00 0.38 9.77
CA ASN A 77 3.68 -0.90 9.97
C ASN A 77 5.10 -0.68 10.47
N GLU A 78 5.24 -0.30 11.74
CA GLU A 78 6.52 0.02 12.36
C GLU A 78 7.56 -1.11 12.32
N LYS A 79 7.13 -2.34 12.05
CA LYS A 79 8.04 -3.41 11.68
C LYS A 79 8.93 -3.04 10.51
N LEU A 80 8.37 -2.46 9.45
CA LEU A 80 9.07 -2.16 8.19
C LEU A 80 10.20 -1.15 8.39
N ASP A 81 10.19 -0.38 9.48
CA ASP A 81 11.30 0.47 9.93
C ASP A 81 12.55 -0.37 10.29
N THR A 82 12.38 -1.69 10.48
CA THR A 82 13.41 -2.60 10.95
C THR A 82 13.52 -3.87 10.09
N GLU A 83 12.43 -4.31 9.43
CA GLU A 83 12.40 -5.40 8.45
C GLU A 83 11.74 -4.91 7.13
N PRO A 84 12.36 -3.96 6.42
CA PRO A 84 11.86 -3.43 5.15
C PRO A 84 11.91 -4.49 4.04
N GLU A 85 12.56 -5.63 4.28
CA GLU A 85 12.54 -6.74 3.35
C GLU A 85 11.21 -7.47 3.32
N LEU A 86 10.30 -7.25 4.27
CA LEU A 86 9.11 -8.10 4.38
C LEU A 86 8.16 -7.98 3.18
N ILE A 87 8.31 -6.95 2.34
CA ILE A 87 7.59 -6.93 1.09
C ILE A 87 8.04 -8.08 0.17
N ASN A 88 9.31 -8.51 0.20
CA ASN A 88 9.75 -9.66 -0.61
C ASN A 88 8.94 -10.91 -0.21
N LYS A 89 8.85 -11.07 1.10
CA LYS A 89 8.38 -12.22 1.82
C LYS A 89 6.88 -12.35 1.69
N ASP A 90 6.18 -11.34 2.16
CA ASP A 90 4.75 -11.35 2.37
C ASP A 90 4.25 -9.98 1.93
N PRO A 91 4.35 -9.61 0.64
CA PRO A 91 3.91 -8.30 0.20
C PRO A 91 2.43 -8.09 0.46
N GLU A 92 1.68 -9.17 0.68
CA GLU A 92 0.24 -9.15 0.84
C GLU A 92 -0.11 -9.80 2.19
N GLY A 93 0.80 -9.72 3.17
CA GLY A 93 0.58 -10.15 4.54
C GLY A 93 1.28 -9.16 5.46
N GLU A 94 2.33 -9.61 6.17
CA GLU A 94 3.03 -8.75 7.12
C GLU A 94 3.85 -7.63 6.44
N GLY A 95 4.09 -7.68 5.13
CA GLY A 95 4.66 -6.58 4.36
C GLY A 95 3.62 -5.51 4.00
N TRP A 96 2.62 -5.30 4.87
CA TRP A 96 1.75 -4.11 4.79
C TRP A 96 2.61 -2.86 5.01
N LEU A 97 2.12 -1.68 4.61
CA LEU A 97 2.81 -0.42 4.86
C LEU A 97 1.98 0.40 5.84
N PHE A 98 0.69 0.76 5.55
CA PHE A 98 -0.01 1.49 6.63
C PHE A 98 -1.45 1.03 6.77
N LYS A 99 -2.18 1.68 7.66
CA LYS A 99 -3.60 1.44 7.90
C LYS A 99 -4.22 2.80 8.03
N MET A 100 -5.29 3.00 7.28
CA MET A 100 -5.96 4.28 7.16
C MET A 100 -7.45 4.05 7.34
N GLU A 101 -8.09 4.96 8.07
CA GLU A 101 -9.53 5.08 8.09
C GLU A 101 -9.95 5.50 6.69
N ILE A 102 -11.08 4.97 6.21
CA ILE A 102 -11.68 5.39 4.97
C ILE A 102 -12.78 6.42 5.29
N SER A 103 -13.02 7.33 4.36
CA SER A 103 -13.89 8.49 4.50
C SER A 103 -14.81 8.66 3.28
N ASP A 104 -14.53 7.97 2.18
CA ASP A 104 -15.22 8.05 0.91
C ASP A 104 -15.17 6.62 0.35
N GLU A 105 -15.96 5.68 0.89
CA GLU A 105 -15.99 4.29 0.43
C GLU A 105 -16.55 4.19 -1.01
N GLY A 106 -17.11 5.29 -1.53
CA GLY A 106 -17.52 5.40 -2.92
C GLY A 106 -16.34 5.21 -3.85
N GLU A 107 -15.18 5.75 -3.48
CA GLU A 107 -13.99 5.69 -4.31
C GLU A 107 -13.53 4.25 -4.50
N LEU A 108 -13.76 3.34 -3.55
CA LEU A 108 -13.34 1.94 -3.63
C LEU A 108 -13.68 1.32 -4.98
N GLU A 109 -14.80 1.64 -5.63
CA GLU A 109 -15.19 1.01 -6.90
C GLU A 109 -14.46 1.61 -8.11
N ASP A 110 -13.86 2.80 -7.95
CA ASP A 110 -12.98 3.44 -8.91
C ASP A 110 -11.64 2.70 -8.99
N LEU A 111 -11.18 2.09 -7.89
CA LEU A 111 -9.96 1.30 -7.88
C LEU A 111 -10.13 0.06 -8.75
N LEU A 112 -9.03 -0.64 -9.03
CA LEU A 112 -9.13 -1.93 -9.64
C LEU A 112 -9.77 -2.90 -8.64
N ASP A 113 -10.83 -3.57 -9.10
CA ASP A 113 -11.25 -4.87 -8.55
C ASP A 113 -10.10 -5.86 -8.74
N GLU A 114 -10.17 -7.06 -8.19
CA GLU A 114 -9.10 -8.06 -8.18
C GLU A 114 -8.80 -8.60 -9.59
N GLN A 115 -9.83 -8.77 -10.40
CA GLN A 115 -9.68 -9.10 -11.81
C GLN A 115 -9.00 -7.92 -12.52
N ALA A 116 -9.56 -6.71 -12.33
CA ALA A 116 -9.05 -5.52 -13.01
C ALA A 116 -7.61 -5.21 -12.58
N TYR A 117 -7.23 -5.57 -11.36
CA TYR A 117 -5.89 -5.46 -10.83
C TYR A 117 -4.94 -6.34 -11.66
N GLN A 118 -5.30 -7.62 -11.81
CA GLN A 118 -4.56 -8.55 -12.64
C GLN A 118 -4.43 -8.00 -14.05
N GLU A 119 -5.50 -7.40 -14.58
CA GLU A 119 -5.57 -6.89 -15.93
C GLU A 119 -4.59 -5.72 -16.12
N PHE A 120 -4.48 -4.80 -15.15
CA PHE A 120 -3.50 -3.74 -15.22
C PHE A 120 -2.10 -4.33 -15.09
N CYS A 121 -1.86 -5.13 -14.06
CA CYS A 121 -0.58 -5.77 -13.79
C CYS A 121 -0.26 -6.93 -14.76
N ALA A 122 -0.98 -7.01 -15.87
CA ALA A 122 -0.67 -7.79 -17.07
C ALA A 122 -0.23 -6.90 -18.25
N GLN A 123 -0.45 -5.58 -18.20
CA GLN A 123 -0.01 -4.61 -19.20
C GLN A 123 1.02 -3.62 -18.65
N GLU A 124 1.20 -3.57 -17.33
CA GLU A 124 2.05 -2.63 -16.60
C GLU A 124 3.51 -2.86 -16.98
N MET A 1 -20.25 -5.01 2.60
CA MET A 1 -19.28 -4.53 3.60
C MET A 1 -18.08 -5.47 3.66
N LYS A 2 -16.89 -4.89 3.85
CA LYS A 2 -15.56 -5.51 3.84
C LYS A 2 -15.15 -5.94 2.42
N MET A 3 -13.94 -5.56 2.00
CA MET A 3 -13.40 -5.82 0.68
C MET A 3 -11.89 -5.55 0.69
N LYS A 4 -11.17 -5.76 -0.42
CA LYS A 4 -9.72 -5.62 -0.45
C LYS A 4 -9.22 -5.27 -1.85
N LYS A 5 -9.58 -4.07 -2.36
CA LYS A 5 -9.19 -3.65 -3.73
C LYS A 5 -7.68 -3.43 -3.89
N TYR A 6 -7.25 -3.01 -5.10
CA TYR A 6 -5.85 -2.84 -5.51
C TYR A 6 -5.69 -1.54 -6.31
N THR A 7 -4.52 -0.89 -6.25
CA THR A 7 -4.27 0.35 -6.93
C THR A 7 -3.65 0.08 -8.29
N LYS A 8 -3.56 1.15 -9.06
CA LYS A 8 -2.79 1.23 -10.30
C LYS A 8 -1.30 1.23 -9.97
N THR A 9 -0.93 1.82 -8.85
CA THR A 9 0.43 2.03 -8.36
C THR A 9 0.90 0.85 -7.48
N HIS A 10 0.62 -0.38 -7.92
CA HIS A 10 1.12 -1.65 -7.35
C HIS A 10 0.96 -1.74 -5.82
N GLU A 11 -0.20 -1.40 -5.29
CA GLU A 11 -0.58 -1.60 -3.91
C GLU A 11 -1.82 -2.47 -3.84
N TRP A 12 -1.99 -3.10 -2.69
CA TRP A 12 -3.22 -3.73 -2.26
C TRP A 12 -3.81 -2.88 -1.15
N VAL A 13 -5.09 -3.11 -0.87
CA VAL A 13 -5.86 -2.43 0.15
C VAL A 13 -6.66 -3.53 0.86
N SER A 14 -7.04 -3.31 2.12
CA SER A 14 -7.67 -4.30 3.00
C SER A 14 -8.72 -3.62 3.87
N ILE A 15 -9.90 -3.40 3.32
CA ILE A 15 -11.01 -2.72 3.95
C ILE A 15 -11.73 -3.71 4.87
N GLU A 16 -11.75 -3.43 6.18
CA GLU A 16 -12.46 -4.23 7.15
C GLU A 16 -13.59 -3.40 7.75
N ASP A 17 -13.50 -2.83 8.95
CA ASP A 17 -14.65 -2.08 9.50
C ASP A 17 -14.83 -0.74 8.80
N LYS A 18 -13.84 0.13 8.97
CA LYS A 18 -13.76 1.52 8.51
C LYS A 18 -12.29 1.93 8.32
N VAL A 19 -11.36 0.98 8.42
CA VAL A 19 -9.94 1.21 8.26
C VAL A 19 -9.43 0.22 7.22
N ALA A 20 -8.75 0.72 6.19
CA ALA A 20 -8.00 -0.11 5.27
C ALA A 20 -6.57 -0.26 5.77
N THR A 21 -6.02 -1.46 5.60
CA THR A 21 -4.57 -1.65 5.59
C THR A 21 -4.08 -1.44 4.15
N VAL A 22 -2.84 -0.99 3.98
CA VAL A 22 -2.20 -0.78 2.68
C VAL A 22 -0.76 -1.33 2.73
N GLY A 23 -0.31 -1.94 1.62
CA GLY A 23 1.09 -2.22 1.32
C GLY A 23 1.26 -2.41 -0.19
N ILE A 24 2.50 -2.48 -0.68
CA ILE A 24 2.75 -2.77 -2.10
C ILE A 24 2.57 -4.27 -2.38
N THR A 25 2.20 -4.65 -3.60
CA THR A 25 1.95 -6.03 -3.97
C THR A 25 3.24 -6.81 -4.27
N ASN A 26 3.12 -8.12 -4.46
CA ASN A 26 4.24 -9.01 -4.83
C ASN A 26 4.86 -8.64 -6.18
N HIS A 27 4.16 -7.92 -7.08
CA HIS A 27 4.80 -7.36 -8.28
C HIS A 27 5.81 -6.27 -7.94
N ALA A 28 5.61 -5.53 -6.86
CA ALA A 28 6.41 -4.37 -6.53
C ALA A 28 7.73 -4.76 -5.86
N GLN A 29 7.69 -5.72 -4.91
CA GLN A 29 8.92 -6.23 -4.29
C GLN A 29 9.89 -6.76 -5.34
N GLU A 30 9.37 -7.14 -6.51
CA GLU A 30 10.12 -7.77 -7.57
C GLU A 30 11.18 -6.80 -8.11
N GLN A 31 10.74 -5.56 -8.34
CA GLN A 31 11.54 -4.47 -8.87
C GLN A 31 12.38 -3.79 -7.79
N LEU A 32 11.94 -3.81 -6.54
CA LEU A 32 12.68 -3.23 -5.42
C LEU A 32 13.80 -4.17 -5.00
N GLY A 33 13.51 -5.46 -4.92
CA GLY A 33 14.39 -6.46 -4.36
C GLY A 33 14.60 -6.22 -2.87
N ASP A 34 15.78 -6.64 -2.42
CA ASP A 34 16.35 -6.43 -1.10
C ASP A 34 16.15 -4.96 -0.71
N VAL A 35 15.35 -4.71 0.33
CA VAL A 35 15.08 -3.36 0.80
C VAL A 35 15.71 -3.16 2.17
N VAL A 36 15.65 -1.92 2.62
CA VAL A 36 16.59 -1.34 3.55
C VAL A 36 15.93 -0.14 4.20
N TYR A 37 14.93 0.46 3.54
CA TYR A 37 14.18 1.55 4.13
C TYR A 37 12.73 1.55 3.66
N VAL A 38 11.81 1.89 4.57
CA VAL A 38 10.48 2.35 4.20
C VAL A 38 10.18 3.56 5.06
N ASP A 39 9.69 4.59 4.39
CA ASP A 39 9.11 5.76 5.00
C ASP A 39 7.73 5.38 5.52
N LEU A 40 7.40 5.85 6.72
CA LEU A 40 6.11 5.60 7.35
C LEU A 40 5.57 6.94 7.85
N PRO A 41 4.31 7.25 7.56
CA PRO A 41 3.68 8.51 7.92
C PRO A 41 3.31 8.59 9.41
N GLU A 42 2.74 9.73 9.81
CA GLU A 42 2.26 9.93 11.16
C GLU A 42 0.87 9.33 11.34
N VAL A 43 0.50 9.00 12.59
CA VAL A 43 -0.65 8.13 12.90
C VAL A 43 -1.99 8.90 13.03
N GLY A 44 -2.04 10.10 12.48
CA GLY A 44 -3.19 10.99 12.49
C GLY A 44 -3.14 11.98 11.34
N ARG A 45 -2.59 11.59 10.19
CA ARG A 45 -2.34 12.50 9.06
C ARG A 45 -3.34 12.25 7.93
N GLU A 46 -3.95 13.29 7.35
CA GLU A 46 -4.78 13.13 6.16
C GLU A 46 -3.93 12.70 4.97
N VAL A 47 -4.53 11.95 4.03
CA VAL A 47 -3.98 11.60 2.73
C VAL A 47 -5.08 11.62 1.65
N LYS A 48 -4.67 11.59 0.39
CA LYS A 48 -5.50 11.51 -0.82
C LYS A 48 -5.22 10.21 -1.57
N LYS A 49 -6.05 9.93 -2.59
CA LYS A 49 -6.00 8.71 -3.41
C LYS A 49 -4.75 8.53 -4.29
N GLY A 50 -3.75 9.39 -4.15
CA GLY A 50 -2.44 9.13 -4.75
C GLY A 50 -1.37 9.92 -4.04
N GLU A 51 -1.22 9.69 -2.74
CA GLU A 51 -0.33 10.44 -1.86
C GLU A 51 0.88 9.55 -1.51
N VAL A 52 2.09 9.93 -1.91
CA VAL A 52 3.36 9.17 -1.80
C VAL A 52 3.89 9.05 -0.35
N VAL A 53 3.02 8.97 0.65
CA VAL A 53 3.37 9.12 2.06
C VAL A 53 4.12 7.94 2.69
N ALA A 54 4.60 6.98 1.91
CA ALA A 54 5.21 5.77 2.43
C ALA A 54 6.26 5.26 1.44
N SER A 55 7.18 6.13 1.03
CA SER A 55 8.18 5.79 0.03
C SER A 55 9.02 4.59 0.47
N ILE A 56 9.63 3.89 -0.48
CA ILE A 56 10.39 2.68 -0.23
C ILE A 56 11.69 2.81 -1.01
N GLU A 57 12.81 3.03 -0.32
CA GLU A 57 14.12 3.05 -0.94
C GLU A 57 14.80 1.72 -0.66
N SER A 58 15.10 0.96 -1.72
CA SER A 58 15.75 -0.36 -1.66
C SER A 58 17.24 -0.26 -1.95
N VAL A 59 17.86 -1.39 -2.34
CA VAL A 59 19.23 -1.40 -2.81
C VAL A 59 19.49 -0.24 -3.78
N LYS A 60 18.60 0.05 -4.73
CA LYS A 60 18.68 1.33 -5.45
C LYS A 60 17.38 1.80 -6.13
N ALA A 61 16.21 1.22 -5.85
CA ALA A 61 14.96 1.76 -6.38
C ALA A 61 14.33 2.64 -5.31
N ALA A 62 13.44 3.55 -5.71
CA ALA A 62 12.65 4.41 -4.84
C ALA A 62 11.20 4.34 -5.31
N ALA A 63 10.39 3.49 -4.67
CA ALA A 63 8.96 3.36 -4.95
C ALA A 63 8.17 4.29 -4.06
N ASP A 64 7.65 5.35 -4.68
CA ASP A 64 6.61 6.20 -4.18
C ASP A 64 5.38 5.33 -3.93
N VAL A 65 4.89 5.20 -2.69
CA VAL A 65 3.70 4.40 -2.42
C VAL A 65 2.50 5.33 -2.39
N TYR A 66 1.69 5.36 -3.43
CA TYR A 66 0.67 6.38 -3.58
C TYR A 66 -0.69 5.94 -3.05
N ALA A 67 -0.95 6.39 -1.82
CA ALA A 67 -2.10 6.03 -0.99
C ALA A 67 -3.37 5.74 -1.79
N PRO A 68 -4.09 4.63 -1.54
CA PRO A 68 -5.15 4.15 -2.42
C PRO A 68 -6.38 5.05 -2.49
N LEU A 69 -6.67 5.76 -1.41
CA LEU A 69 -7.92 6.47 -1.19
C LEU A 69 -7.63 7.71 -0.36
N SER A 70 -8.52 8.69 -0.43
CA SER A 70 -8.56 9.74 0.58
C SER A 70 -8.96 9.13 1.92
N GLY A 71 -8.40 9.67 3.00
CA GLY A 71 -8.60 9.13 4.34
C GLY A 71 -7.57 9.70 5.29
N LYS A 72 -7.47 9.12 6.49
CA LYS A 72 -6.53 9.56 7.52
C LYS A 72 -5.74 8.37 8.01
N ILE A 73 -4.41 8.46 8.08
CA ILE A 73 -3.61 7.40 8.67
C ILE A 73 -3.97 7.29 10.15
N VAL A 74 -4.05 6.06 10.67
CA VAL A 74 -4.38 5.79 12.06
C VAL A 74 -3.63 4.55 12.61
N GLU A 75 -2.83 3.83 11.81
CA GLU A 75 -1.88 2.83 12.30
C GLU A 75 -0.69 2.82 11.35
N VAL A 76 0.47 2.33 11.80
CA VAL A 76 1.71 2.25 11.04
C VAL A 76 2.40 0.93 11.40
N ASN A 77 3.30 0.45 10.55
CA ASN A 77 3.96 -0.84 10.74
C ASN A 77 5.42 -0.63 11.09
N GLU A 78 5.70 -0.20 12.33
CA GLU A 78 7.07 0.12 12.77
C GLU A 78 8.03 -1.08 12.70
N LYS A 79 7.50 -2.29 12.50
CA LYS A 79 8.24 -3.47 12.08
C LYS A 79 9.24 -3.16 10.98
N LEU A 80 8.81 -2.35 9.99
CA LEU A 80 9.55 -2.13 8.75
C LEU A 80 10.80 -1.24 9.02
N ASP A 81 10.92 -0.62 10.19
CA ASP A 81 12.15 0.02 10.68
C ASP A 81 13.25 -1.00 10.99
N THR A 82 12.93 -2.30 11.01
CA THR A 82 13.84 -3.36 11.42
C THR A 82 13.86 -4.50 10.40
N GLU A 83 12.70 -4.81 9.80
CA GLU A 83 12.51 -5.77 8.72
C GLU A 83 11.90 -5.01 7.54
N PRO A 84 12.67 -4.19 6.83
CA PRO A 84 12.18 -3.48 5.66
C PRO A 84 11.99 -4.52 4.56
N GLU A 85 12.94 -5.45 4.37
CA GLU A 85 12.95 -6.47 3.32
C GLU A 85 11.68 -7.33 3.34
N LEU A 86 10.82 -7.29 4.37
CA LEU A 86 9.60 -8.05 4.51
C LEU A 86 8.64 -7.82 3.34
N ILE A 87 8.82 -6.73 2.58
CA ILE A 87 8.12 -6.55 1.31
C ILE A 87 8.34 -7.78 0.43
N ASN A 88 9.54 -8.37 0.46
CA ASN A 88 9.86 -9.61 -0.24
C ASN A 88 9.13 -10.80 0.38
N LYS A 89 9.21 -10.89 1.71
CA LYS A 89 8.92 -12.07 2.51
C LYS A 89 7.43 -12.32 2.69
N ASP A 90 6.61 -11.27 2.67
CA ASP A 90 5.17 -11.34 2.90
C ASP A 90 4.57 -9.98 2.49
N PRO A 91 4.61 -9.57 1.20
CA PRO A 91 4.26 -8.21 0.80
C PRO A 91 2.81 -7.85 1.14
N GLU A 92 1.93 -8.84 1.14
CA GLU A 92 0.53 -8.67 1.49
C GLU A 92 0.20 -9.53 2.71
N GLY A 93 1.21 -9.90 3.49
CA GLY A 93 1.06 -10.27 4.88
C GLY A 93 1.60 -9.11 5.68
N GLU A 94 2.61 -9.39 6.51
CA GLU A 94 3.17 -8.42 7.46
C GLU A 94 4.04 -7.34 6.82
N GLY A 95 4.30 -7.35 5.50
CA GLY A 95 5.01 -6.27 4.83
C GLY A 95 4.09 -5.09 4.47
N TRP A 96 2.96 -4.89 5.16
CA TRP A 96 2.16 -3.68 5.03
C TRP A 96 2.97 -2.47 5.51
N LEU A 97 2.54 -1.25 5.13
CA LEU A 97 3.22 -0.02 5.56
C LEU A 97 2.36 0.64 6.63
N PHE A 98 1.09 0.94 6.34
CA PHE A 98 0.24 1.68 7.26
C PHE A 98 -1.22 1.24 7.17
N LYS A 99 -2.05 1.77 8.07
CA LYS A 99 -3.50 1.70 7.97
C LYS A 99 -4.10 3.09 8.02
N MET A 100 -5.27 3.24 7.40
CA MET A 100 -5.94 4.51 7.22
C MET A 100 -7.45 4.35 7.36
N GLU A 101 -8.13 5.32 7.97
CA GLU A 101 -9.58 5.45 7.95
C GLU A 101 -9.99 5.70 6.51
N ILE A 102 -11.00 5.00 6.02
CA ILE A 102 -11.57 5.24 4.71
C ILE A 102 -12.66 6.31 4.78
N SER A 103 -12.35 7.54 4.35
CA SER A 103 -13.37 8.59 4.25
C SER A 103 -14.42 8.30 3.16
N ASP A 104 -14.24 7.27 2.34
CA ASP A 104 -15.22 6.78 1.38
C ASP A 104 -15.08 5.26 1.37
N GLU A 105 -16.19 4.52 1.40
CA GLU A 105 -16.30 3.09 1.07
C GLU A 105 -16.86 3.00 -0.38
N GLY A 106 -17.09 4.12 -1.06
CA GLY A 106 -17.56 4.15 -2.43
C GLY A 106 -16.42 4.25 -3.44
N GLU A 107 -15.38 5.03 -3.15
CA GLU A 107 -14.25 5.23 -4.06
C GLU A 107 -13.49 3.91 -4.26
N LEU A 108 -13.57 2.99 -3.29
CA LEU A 108 -13.24 1.59 -3.35
C LEU A 108 -13.63 0.96 -4.69
N GLU A 109 -14.82 1.23 -5.24
CA GLU A 109 -15.26 0.59 -6.48
C GLU A 109 -14.65 1.23 -7.72
N ASP A 110 -13.94 2.37 -7.59
CA ASP A 110 -13.10 2.97 -8.64
C ASP A 110 -11.66 2.40 -8.62
N LEU A 111 -11.23 1.68 -7.57
CA LEU A 111 -9.99 0.91 -7.63
C LEU A 111 -10.16 -0.22 -8.65
N LEU A 112 -9.04 -0.86 -8.97
CA LEU A 112 -9.04 -2.06 -9.78
C LEU A 112 -9.53 -3.19 -8.89
N ASP A 113 -10.36 -4.07 -9.46
CA ASP A 113 -10.58 -5.41 -8.92
C ASP A 113 -9.25 -6.15 -8.91
N GLU A 114 -9.26 -7.31 -8.29
CA GLU A 114 -8.15 -8.25 -8.17
C GLU A 114 -7.78 -8.82 -9.53
N GLN A 115 -8.77 -9.04 -10.41
CA GLN A 115 -8.57 -9.48 -11.76
C GLN A 115 -8.19 -8.27 -12.64
N ALA A 116 -8.88 -7.12 -12.47
CA ALA A 116 -8.57 -5.91 -13.24
C ALA A 116 -7.15 -5.41 -12.94
N TYR A 117 -6.68 -5.63 -11.72
CA TYR A 117 -5.32 -5.30 -11.30
C TYR A 117 -4.29 -6.03 -12.17
N GLN A 118 -4.55 -7.30 -12.51
CA GLN A 118 -3.72 -8.06 -13.45
C GLN A 118 -3.87 -7.49 -14.85
N GLU A 119 -5.11 -7.21 -15.26
CA GLU A 119 -5.43 -6.73 -16.61
C GLU A 119 -4.62 -5.47 -16.94
N PHE A 120 -4.59 -4.52 -16.00
CA PHE A 120 -3.88 -3.25 -16.12
C PHE A 120 -2.41 -3.47 -16.47
N CYS A 121 -1.77 -4.36 -15.72
CA CYS A 121 -0.36 -4.70 -15.88
C CYS A 121 -0.06 -5.39 -17.22
N ALA A 122 -1.07 -6.00 -17.86
CA ALA A 122 -0.95 -6.63 -19.17
C ALA A 122 -1.17 -5.65 -20.33
N GLN A 123 -1.58 -4.39 -20.05
CA GLN A 123 -1.70 -3.35 -21.06
C GLN A 123 -0.53 -2.36 -21.00
N GLU A 124 0.26 -2.37 -19.92
CA GLU A 124 1.26 -1.36 -19.61
C GLU A 124 2.26 -1.22 -20.75
N MET A 1 -18.12 -3.67 3.26
CA MET A 1 -17.36 -4.24 4.40
C MET A 1 -16.68 -5.52 3.94
N LYS A 2 -15.45 -5.78 4.40
CA LYS A 2 -14.62 -6.94 4.01
C LYS A 2 -14.39 -6.97 2.50
N MET A 3 -13.74 -5.94 1.98
CA MET A 3 -13.36 -5.82 0.58
C MET A 3 -11.85 -5.80 0.51
N LYS A 4 -11.28 -6.15 -0.65
CA LYS A 4 -9.97 -5.66 -1.01
C LYS A 4 -9.91 -5.25 -2.48
N LYS A 5 -9.59 -3.99 -2.74
CA LYS A 5 -9.32 -3.42 -4.06
C LYS A 5 -7.85 -3.01 -4.18
N TYR A 6 -7.45 -2.47 -5.33
CA TYR A 6 -6.05 -2.32 -5.74
C TYR A 6 -5.89 -1.10 -6.66
N THR A 7 -4.67 -0.64 -6.96
CA THR A 7 -4.42 0.56 -7.75
C THR A 7 -3.29 0.33 -8.77
N LYS A 8 -3.14 1.30 -9.68
CA LYS A 8 -2.06 1.31 -10.69
C LYS A 8 -0.69 1.54 -10.05
N THR A 9 -0.58 1.97 -8.81
CA THR A 9 0.71 2.12 -8.15
C THR A 9 1.04 0.78 -7.45
N HIS A 10 0.63 -0.35 -8.07
CA HIS A 10 0.88 -1.74 -7.68
C HIS A 10 0.75 -1.92 -6.17
N GLU A 11 -0.47 -1.69 -5.71
CA GLU A 11 -0.82 -1.50 -4.32
C GLU A 11 -2.14 -2.23 -4.06
N TRP A 12 -2.25 -2.91 -2.92
CA TRP A 12 -3.43 -3.63 -2.44
C TRP A 12 -3.95 -2.99 -1.14
N VAL A 13 -5.26 -3.09 -0.92
CA VAL A 13 -5.98 -2.24 0.02
C VAL A 13 -7.01 -3.14 0.73
N SER A 14 -6.98 -3.21 2.06
CA SER A 14 -7.66 -4.26 2.83
C SER A 14 -8.69 -3.67 3.79
N ILE A 15 -9.96 -3.66 3.41
CA ILE A 15 -11.00 -2.86 4.03
C ILE A 15 -11.95 -3.77 4.82
N GLU A 16 -11.77 -3.80 6.14
CA GLU A 16 -12.61 -4.55 7.05
C GLU A 16 -13.90 -3.77 7.35
N ASP A 17 -13.82 -2.72 8.17
CA ASP A 17 -14.95 -1.97 8.73
C ASP A 17 -14.80 -0.51 8.31
N LYS A 18 -13.88 0.26 8.91
CA LYS A 18 -13.68 1.69 8.60
C LYS A 18 -12.24 2.04 8.26
N VAL A 19 -11.35 1.05 8.11
CA VAL A 19 -9.93 1.28 7.86
C VAL A 19 -9.51 0.32 6.74
N ALA A 20 -8.62 0.78 5.84
CA ALA A 20 -7.85 -0.06 4.94
C ALA A 20 -6.45 -0.25 5.49
N THR A 21 -5.95 -1.47 5.42
CA THR A 21 -4.51 -1.72 5.41
C THR A 21 -4.02 -1.43 4.00
N VAL A 22 -2.93 -0.67 3.87
CA VAL A 22 -2.19 -0.40 2.65
C VAL A 22 -0.91 -1.25 2.66
N GLY A 23 -0.64 -1.93 1.54
CA GLY A 23 0.69 -2.44 1.18
C GLY A 23 0.86 -2.47 -0.34
N ILE A 24 2.09 -2.71 -0.81
CA ILE A 24 2.38 -2.89 -2.22
C ILE A 24 2.26 -4.37 -2.61
N THR A 25 2.08 -4.69 -3.89
CA THR A 25 1.84 -6.06 -4.34
C THR A 25 3.15 -6.78 -4.69
N ASN A 26 3.09 -8.08 -5.02
CA ASN A 26 4.24 -8.83 -5.55
C ASN A 26 4.87 -8.12 -6.76
N HIS A 27 4.06 -7.55 -7.65
CA HIS A 27 4.51 -6.86 -8.86
C HIS A 27 5.46 -5.70 -8.53
N ALA A 28 5.40 -5.20 -7.30
CA ALA A 28 6.14 -4.05 -6.81
C ALA A 28 7.48 -4.44 -6.21
N GLN A 29 7.53 -5.48 -5.36
CA GLN A 29 8.78 -6.01 -4.83
C GLN A 29 9.65 -6.61 -5.94
N GLU A 30 9.04 -7.00 -7.07
CA GLU A 30 9.72 -7.49 -8.25
C GLU A 30 10.63 -6.42 -8.86
N GLN A 31 10.32 -5.14 -8.66
CA GLN A 31 11.10 -4.06 -9.25
C GLN A 31 12.23 -3.64 -8.32
N LEU A 32 11.96 -3.49 -7.02
CA LEU A 32 12.91 -2.89 -6.08
C LEU A 32 13.79 -3.94 -5.44
N GLY A 33 13.24 -5.13 -5.16
CA GLY A 33 13.96 -6.30 -4.71
C GLY A 33 14.45 -6.12 -3.29
N ASP A 34 15.76 -6.18 -3.13
CA ASP A 34 16.49 -6.05 -1.88
C ASP A 34 16.37 -4.59 -1.44
N VAL A 35 15.35 -4.29 -0.64
CA VAL A 35 15.19 -2.98 -0.02
C VAL A 35 16.22 -2.90 1.14
N VAL A 36 16.00 -1.95 2.05
CA VAL A 36 16.85 -1.48 3.12
C VAL A 36 16.02 -0.65 4.09
N TYR A 37 15.02 0.12 3.61
CA TYR A 37 14.27 1.02 4.46
C TYR A 37 12.89 1.38 3.89
N VAL A 38 11.99 1.87 4.73
CA VAL A 38 10.70 2.39 4.35
C VAL A 38 10.29 3.54 5.24
N ASP A 39 9.83 4.61 4.58
CA ASP A 39 9.21 5.76 5.19
C ASP A 39 7.76 5.42 5.52
N LEU A 40 7.32 5.78 6.70
CA LEU A 40 5.99 5.58 7.23
C LEU A 40 5.45 6.89 7.80
N PRO A 41 4.14 7.13 7.66
CA PRO A 41 3.52 8.42 7.94
C PRO A 41 3.33 8.67 9.45
N GLU A 42 2.76 9.82 9.80
CA GLU A 42 2.26 10.05 11.15
C GLU A 42 0.95 9.27 11.37
N VAL A 43 0.67 8.81 12.59
CA VAL A 43 -0.49 8.02 13.01
C VAL A 43 -1.84 8.77 12.96
N GLY A 44 -1.87 9.96 12.37
CA GLY A 44 -3.03 10.81 12.22
C GLY A 44 -2.90 11.67 10.95
N ARG A 45 -1.94 11.36 10.07
CA ARG A 45 -1.64 12.17 8.90
C ARG A 45 -2.83 12.11 7.95
N GLU A 46 -3.11 13.21 7.26
CA GLU A 46 -4.03 13.19 6.14
C GLU A 46 -3.32 12.78 4.87
N VAL A 47 -4.10 12.16 4.00
CA VAL A 47 -3.79 11.56 2.78
C VAL A 47 -4.92 11.83 1.80
N LYS A 48 -4.73 11.46 0.55
CA LYS A 48 -5.61 11.61 -0.60
C LYS A 48 -5.42 10.31 -1.38
N LYS A 49 -6.24 10.03 -2.39
CA LYS A 49 -6.15 8.83 -3.26
C LYS A 49 -4.94 8.74 -4.18
N GLY A 50 -3.95 9.57 -3.89
CA GLY A 50 -2.61 9.47 -4.35
C GLY A 50 -1.84 10.46 -3.50
N GLU A 51 -1.28 10.02 -2.37
CA GLU A 51 -0.39 10.83 -1.55
C GLU A 51 0.68 9.90 -1.00
N VAL A 52 1.91 10.41 -0.93
CA VAL A 52 3.20 9.75 -0.75
C VAL A 52 3.43 9.36 0.73
N VAL A 53 2.38 9.05 1.43
CA VAL A 53 2.43 8.88 2.87
C VAL A 53 3.25 7.63 3.28
N ALA A 54 3.85 6.86 2.35
CA ALA A 54 4.76 5.76 2.65
C ALA A 54 5.78 5.61 1.53
N SER A 55 6.73 6.51 1.45
CA SER A 55 7.85 6.35 0.54
C SER A 55 8.67 5.10 0.91
N ILE A 56 9.51 4.64 -0.01
CA ILE A 56 10.37 3.49 0.22
C ILE A 56 11.77 3.86 -0.30
N GLU A 57 12.85 3.29 0.24
CA GLU A 57 14.20 3.48 -0.30
C GLU A 57 14.91 2.14 -0.30
N SER A 58 15.39 1.72 -1.48
CA SER A 58 15.95 0.39 -1.73
C SER A 58 17.47 0.55 -1.87
N VAL A 59 18.15 -0.52 -2.32
CA VAL A 59 19.58 -0.51 -2.66
C VAL A 59 19.94 0.67 -3.56
N LYS A 60 19.02 1.07 -4.43
CA LYS A 60 19.15 2.21 -5.36
C LYS A 60 17.82 2.58 -6.04
N ALA A 61 16.66 2.14 -5.51
CA ALA A 61 15.36 2.54 -6.05
C ALA A 61 14.59 3.40 -5.07
N ALA A 62 13.72 4.27 -5.59
CA ALA A 62 12.79 5.08 -4.84
C ALA A 62 11.49 5.28 -5.66
N ALA A 63 10.36 5.02 -5.02
CA ALA A 63 9.01 4.77 -5.46
C ALA A 63 8.13 5.09 -4.27
N ASP A 64 7.40 6.20 -4.34
CA ASP A 64 6.44 6.58 -3.31
C ASP A 64 5.30 5.58 -3.34
N VAL A 65 4.85 5.08 -2.19
CA VAL A 65 3.56 4.38 -2.12
C VAL A 65 2.53 5.49 -2.12
N TYR A 66 1.64 5.52 -3.11
CA TYR A 66 0.67 6.59 -3.23
C TYR A 66 -0.65 6.04 -2.74
N ALA A 67 -1.04 6.49 -1.54
CA ALA A 67 -2.21 6.01 -0.84
C ALA A 67 -3.40 5.79 -1.77
N PRO A 68 -4.09 4.65 -1.68
CA PRO A 68 -5.04 4.21 -2.69
C PRO A 68 -6.30 5.07 -2.75
N LEU A 69 -6.65 5.71 -1.64
CA LEU A 69 -7.96 6.29 -1.39
C LEU A 69 -7.75 7.51 -0.50
N SER A 70 -8.63 8.49 -0.60
CA SER A 70 -8.55 9.65 0.27
C SER A 70 -8.99 9.23 1.68
N GLY A 71 -8.17 9.52 2.69
CA GLY A 71 -8.36 9.02 4.04
C GLY A 71 -7.32 9.56 5.00
N LYS A 72 -7.30 9.02 6.22
CA LYS A 72 -6.41 9.49 7.29
C LYS A 72 -5.67 8.32 7.87
N ILE A 73 -4.36 8.38 8.03
CA ILE A 73 -3.63 7.34 8.74
C ILE A 73 -4.22 7.23 10.15
N VAL A 74 -4.19 6.01 10.70
CA VAL A 74 -4.40 5.76 12.11
C VAL A 74 -3.52 4.61 12.64
N GLU A 75 -2.75 3.92 11.81
CA GLU A 75 -1.76 2.94 12.27
C GLU A 75 -0.63 2.90 11.25
N VAL A 76 0.55 2.47 11.67
CA VAL A 76 1.72 2.27 10.82
C VAL A 76 2.33 0.91 11.16
N ASN A 77 3.23 0.39 10.32
CA ASN A 77 3.87 -0.90 10.54
C ASN A 77 5.35 -0.73 10.85
N GLU A 78 5.69 -0.44 12.10
CA GLU A 78 7.09 -0.37 12.53
C GLU A 78 7.83 -1.71 12.40
N LYS A 79 7.20 -2.78 11.90
CA LYS A 79 7.94 -3.95 11.50
C LYS A 79 8.89 -3.57 10.37
N LEU A 80 8.45 -2.78 9.38
CA LEU A 80 9.30 -2.36 8.26
C LEU A 80 10.57 -1.62 8.68
N ASP A 81 10.66 -1.18 9.95
CA ASP A 81 11.82 -0.56 10.58
C ASP A 81 13.03 -1.50 10.56
N THR A 82 12.78 -2.81 10.75
CA THR A 82 13.80 -3.85 10.77
C THR A 82 13.49 -5.00 9.80
N GLU A 83 12.27 -5.04 9.26
CA GLU A 83 11.82 -5.98 8.25
C GLU A 83 11.43 -5.25 6.95
N PRO A 84 12.35 -4.49 6.33
CA PRO A 84 12.10 -3.88 5.04
C PRO A 84 12.17 -4.92 3.93
N GLU A 85 12.79 -6.09 4.17
CA GLU A 85 12.74 -7.20 3.22
C GLU A 85 11.37 -7.88 3.22
N LEU A 86 10.48 -7.64 4.19
CA LEU A 86 9.25 -8.39 4.30
C LEU A 86 8.32 -8.09 3.11
N ILE A 87 8.47 -6.93 2.48
CA ILE A 87 7.75 -6.63 1.25
C ILE A 87 8.16 -7.61 0.14
N ASN A 88 9.28 -8.33 0.21
CA ASN A 88 9.50 -9.51 -0.62
C ASN A 88 8.67 -10.69 -0.13
N LYS A 89 8.85 -10.98 1.16
CA LYS A 89 8.54 -12.25 1.79
C LYS A 89 7.03 -12.47 1.82
N ASP A 90 6.31 -11.49 2.35
CA ASP A 90 4.85 -11.47 2.45
C ASP A 90 4.42 -10.01 2.29
N PRO A 91 4.53 -9.43 1.08
CA PRO A 91 4.12 -8.05 0.82
C PRO A 91 2.65 -7.83 1.10
N GLU A 92 1.85 -8.90 1.07
CA GLU A 92 0.41 -8.89 1.21
C GLU A 92 0.02 -9.72 2.45
N GLY A 93 0.92 -9.72 3.45
CA GLY A 93 0.68 -10.19 4.80
C GLY A 93 1.38 -9.26 5.78
N GLU A 94 2.44 -9.74 6.44
CA GLU A 94 3.16 -9.00 7.49
C GLU A 94 4.01 -7.86 6.93
N GLY A 95 4.19 -7.75 5.62
CA GLY A 95 4.89 -6.66 4.95
C GLY A 95 3.98 -5.50 4.54
N TRP A 96 2.80 -5.34 5.16
CA TRP A 96 1.99 -4.14 5.06
C TRP A 96 2.80 -2.92 5.54
N LEU A 97 2.28 -1.71 5.31
CA LEU A 97 3.02 -0.49 5.63
C LEU A 97 2.26 0.38 6.62
N PHE A 98 1.00 0.70 6.34
CA PHE A 98 0.21 1.56 7.20
C PHE A 98 -1.26 1.23 7.07
N LYS A 99 -2.08 1.80 7.96
CA LYS A 99 -3.51 1.64 7.95
C LYS A 99 -4.15 3.02 8.05
N MET A 100 -5.23 3.22 7.31
CA MET A 100 -5.86 4.51 7.13
C MET A 100 -7.37 4.36 7.20
N GLU A 101 -8.03 5.34 7.80
CA GLU A 101 -9.46 5.49 7.89
C GLU A 101 -9.96 5.82 6.50
N ILE A 102 -10.92 5.03 6.03
CA ILE A 102 -11.59 5.27 4.76
C ILE A 102 -12.67 6.31 4.97
N SER A 103 -12.35 7.56 4.67
CA SER A 103 -13.36 8.62 4.67
C SER A 103 -14.31 8.49 3.48
N ASP A 104 -13.98 7.71 2.45
CA ASP A 104 -14.74 7.68 1.23
C ASP A 104 -14.84 6.21 0.83
N GLU A 105 -15.74 5.46 1.48
CA GLU A 105 -15.95 4.05 1.09
C GLU A 105 -16.50 3.93 -0.34
N GLY A 106 -17.02 5.02 -0.89
CA GLY A 106 -17.54 5.06 -2.24
C GLY A 106 -16.48 5.25 -3.31
N GLU A 107 -15.18 5.27 -2.97
CA GLU A 107 -14.11 5.33 -3.94
C GLU A 107 -13.50 3.96 -4.26
N LEU A 108 -13.52 2.99 -3.34
CA LEU A 108 -12.84 1.70 -3.55
C LEU A 108 -13.43 0.93 -4.72
N GLU A 109 -14.73 1.07 -4.91
CA GLU A 109 -15.46 0.58 -6.08
C GLU A 109 -14.90 1.14 -7.39
N ASP A 110 -14.30 2.33 -7.38
CA ASP A 110 -13.77 2.99 -8.58
C ASP A 110 -12.35 2.52 -8.88
N LEU A 111 -11.66 1.91 -7.92
CA LEU A 111 -10.33 1.33 -8.09
C LEU A 111 -10.43 0.00 -8.84
N LEU A 112 -9.31 -0.69 -8.96
CA LEU A 112 -9.22 -1.93 -9.71
C LEU A 112 -9.77 -3.06 -8.85
N ASP A 113 -10.71 -3.82 -9.42
CA ASP A 113 -11.07 -5.15 -8.94
C ASP A 113 -9.82 -6.04 -8.88
N GLU A 114 -9.95 -7.21 -8.28
CA GLU A 114 -8.87 -8.16 -8.04
C GLU A 114 -8.40 -8.79 -9.34
N GLN A 115 -9.34 -9.15 -10.21
CA GLN A 115 -9.12 -9.57 -11.57
C GLN A 115 -8.55 -8.38 -12.37
N ALA A 116 -9.22 -7.21 -12.31
CA ALA A 116 -8.84 -6.07 -13.13
C ALA A 116 -7.45 -5.54 -12.77
N TYR A 117 -7.05 -5.67 -11.52
CA TYR A 117 -5.72 -5.32 -11.04
C TYR A 117 -4.67 -6.20 -11.73
N GLN A 118 -4.94 -7.51 -11.82
CA GLN A 118 -4.12 -8.42 -12.59
C GLN A 118 -3.98 -7.91 -14.02
N GLU A 119 -5.07 -7.44 -14.63
CA GLU A 119 -5.05 -6.97 -16.00
C GLU A 119 -4.03 -5.84 -16.16
N PHE A 120 -4.02 -4.88 -15.23
CA PHE A 120 -3.05 -3.80 -15.30
C PHE A 120 -1.62 -4.32 -15.09
N CYS A 121 -1.42 -5.33 -14.24
CA CYS A 121 -0.14 -6.01 -14.09
C CYS A 121 0.24 -6.85 -15.32
N ALA A 122 -0.68 -7.11 -16.24
CA ALA A 122 -0.46 -7.80 -17.51
C ALA A 122 -0.32 -6.80 -18.66
N GLN A 123 -0.21 -5.50 -18.37
CA GLN A 123 0.32 -4.52 -19.30
C GLN A 123 1.75 -4.12 -18.87
N GLU A 124 2.43 -4.93 -18.07
CA GLU A 124 3.81 -4.72 -17.63
C GLU A 124 4.53 -6.03 -17.76
N MET A 1 -18.03 -3.13 4.51
CA MET A 1 -17.91 -4.57 4.23
C MET A 1 -16.44 -4.95 4.06
N LYS A 2 -16.02 -6.17 4.42
CA LYS A 2 -14.62 -6.57 4.24
C LYS A 2 -14.39 -6.86 2.75
N MET A 3 -13.36 -6.28 2.14
CA MET A 3 -13.07 -6.38 0.70
C MET A 3 -11.60 -6.04 0.46
N LYS A 4 -10.97 -6.56 -0.59
CA LYS A 4 -9.56 -6.31 -0.90
C LYS A 4 -9.40 -5.79 -2.33
N LYS A 5 -9.50 -4.47 -2.54
CA LYS A 5 -9.30 -3.86 -3.86
C LYS A 5 -7.84 -3.43 -4.09
N TYR A 6 -7.51 -2.96 -5.29
CA TYR A 6 -6.13 -2.70 -5.76
C TYR A 6 -6.02 -1.36 -6.50
N THR A 7 -4.81 -0.97 -6.93
CA THR A 7 -4.52 0.25 -7.64
C THR A 7 -3.69 -0.03 -8.90
N LYS A 8 -3.58 0.99 -9.75
CA LYS A 8 -2.52 1.13 -10.77
C LYS A 8 -1.21 1.61 -10.14
N THR A 9 -1.03 1.50 -8.82
CA THR A 9 0.18 1.95 -8.14
C THR A 9 0.79 0.80 -7.33
N HIS A 10 0.54 -0.45 -7.77
CA HIS A 10 0.99 -1.68 -7.14
C HIS A 10 0.76 -1.65 -5.63
N GLU A 11 -0.46 -1.32 -5.21
CA GLU A 11 -0.91 -1.43 -3.83
C GLU A 11 -2.13 -2.34 -3.82
N TRP A 12 -2.24 -3.15 -2.77
CA TRP A 12 -3.48 -3.77 -2.35
C TRP A 12 -4.02 -2.95 -1.19
N VAL A 13 -5.31 -3.09 -0.95
CA VAL A 13 -6.07 -2.27 -0.05
C VAL A 13 -7.03 -3.21 0.65
N SER A 14 -6.79 -3.50 1.93
CA SER A 14 -7.48 -4.53 2.68
C SER A 14 -8.51 -3.91 3.63
N ILE A 15 -9.61 -3.46 3.05
CA ILE A 15 -10.72 -2.86 3.75
C ILE A 15 -11.36 -3.91 4.67
N GLU A 16 -11.85 -3.46 5.82
CA GLU A 16 -12.49 -4.33 6.80
C GLU A 16 -13.73 -3.68 7.41
N ASP A 17 -13.60 -2.65 8.24
CA ASP A 17 -14.75 -2.04 8.94
C ASP A 17 -14.82 -0.55 8.66
N LYS A 18 -13.81 0.20 9.08
CA LYS A 18 -13.58 1.60 8.69
C LYS A 18 -12.10 1.84 8.41
N VAL A 19 -11.30 0.79 8.24
CA VAL A 19 -9.86 0.88 8.01
C VAL A 19 -9.53 -0.03 6.82
N ALA A 20 -8.48 0.31 6.07
CA ALA A 20 -7.84 -0.54 5.07
C ALA A 20 -6.38 -0.65 5.45
N THR A 21 -5.86 -1.87 5.42
CA THR A 21 -4.43 -2.15 5.44
C THR A 21 -3.93 -1.87 4.02
N VAL A 22 -3.09 -0.84 3.83
CA VAL A 22 -2.34 -0.64 2.59
C VAL A 22 -1.03 -1.44 2.68
N GLY A 23 -0.68 -2.15 1.61
CA GLY A 23 0.64 -2.72 1.39
C GLY A 23 0.87 -2.82 -0.12
N ILE A 24 2.09 -3.13 -0.56
CA ILE A 24 2.43 -3.18 -1.98
C ILE A 24 2.19 -4.57 -2.54
N THR A 25 1.91 -4.71 -3.83
CA THR A 25 1.83 -6.01 -4.48
C THR A 25 3.22 -6.38 -5.06
N ASN A 26 3.42 -7.65 -5.42
CA ASN A 26 4.66 -8.20 -5.95
C ASN A 26 5.24 -7.45 -7.11
N HIS A 27 4.46 -6.89 -8.05
CA HIS A 27 5.08 -6.14 -9.15
C HIS A 27 6.08 -5.13 -8.57
N ALA A 28 5.80 -4.56 -7.39
CA ALA A 28 6.67 -3.70 -6.62
C ALA A 28 7.93 -4.43 -6.13
N GLN A 29 7.84 -5.38 -5.18
CA GLN A 29 9.09 -5.90 -4.62
C GLN A 29 9.89 -6.65 -5.69
N GLU A 30 9.22 -7.16 -6.72
CA GLU A 30 9.82 -8.02 -7.69
C GLU A 30 10.90 -7.19 -8.43
N GLN A 31 10.60 -5.90 -8.73
CA GLN A 31 11.59 -4.96 -9.27
C GLN A 31 12.57 -4.47 -8.20
N LEU A 32 12.07 -3.88 -7.10
CA LEU A 32 12.95 -3.20 -6.13
C LEU A 32 13.89 -4.18 -5.43
N GLY A 33 13.42 -5.39 -5.17
CA GLY A 33 14.15 -6.42 -4.48
C GLY A 33 14.39 -6.00 -3.04
N ASP A 34 15.61 -6.25 -2.58
CA ASP A 34 16.13 -6.10 -1.24
C ASP A 34 15.93 -4.66 -0.76
N VAL A 35 15.04 -4.48 0.21
CA VAL A 35 14.87 -3.21 0.90
C VAL A 35 15.73 -3.18 2.15
N VAL A 36 15.73 -2.00 2.73
CA VAL A 36 16.65 -1.43 3.66
C VAL A 36 15.93 -0.42 4.55
N TYR A 37 14.98 0.33 3.98
CA TYR A 37 14.33 1.43 4.67
C TYR A 37 12.96 1.72 4.06
N VAL A 38 12.05 2.28 4.87
CA VAL A 38 10.78 2.79 4.39
C VAL A 38 10.48 4.11 5.05
N ASP A 39 10.02 5.05 4.23
CA ASP A 39 9.37 6.24 4.71
C ASP A 39 7.99 5.78 5.18
N LEU A 40 7.63 6.02 6.43
CA LEU A 40 6.30 5.76 6.98
C LEU A 40 5.73 7.09 7.46
N PRO A 41 4.42 7.30 7.27
CA PRO A 41 3.76 8.52 7.68
C PRO A 41 3.51 8.54 9.19
N GLU A 42 2.90 9.63 9.65
CA GLU A 42 2.47 9.81 11.03
C GLU A 42 1.13 9.08 11.25
N VAL A 43 0.79 8.73 12.50
CA VAL A 43 -0.35 7.89 12.87
C VAL A 43 -1.70 8.64 12.86
N GLY A 44 -1.72 9.81 12.23
CA GLY A 44 -2.82 10.75 12.11
C GLY A 44 -2.65 11.65 10.89
N ARG A 45 -1.77 11.30 9.94
CA ARG A 45 -1.55 12.14 8.76
C ARG A 45 -2.76 12.00 7.83
N GLU A 46 -3.36 13.11 7.41
CA GLU A 46 -4.43 13.06 6.41
C GLU A 46 -3.81 12.76 5.05
N VAL A 47 -4.53 12.03 4.18
CA VAL A 47 -4.08 11.64 2.86
C VAL A 47 -5.25 11.70 1.86
N LYS A 48 -4.92 11.59 0.58
CA LYS A 48 -5.86 11.47 -0.53
C LYS A 48 -5.49 10.23 -1.34
N LYS A 49 -6.33 9.84 -2.28
CA LYS A 49 -6.20 8.64 -3.10
C LYS A 49 -5.07 8.65 -4.13
N GLY A 50 -4.03 9.44 -3.89
CA GLY A 50 -2.76 9.40 -4.59
C GLY A 50 -1.58 9.88 -3.75
N GLU A 51 -1.72 9.99 -2.43
CA GLU A 51 -0.72 10.67 -1.59
C GLU A 51 0.53 9.80 -1.41
N VAL A 52 1.68 10.20 -1.94
CA VAL A 52 2.95 9.56 -1.68
C VAL A 52 3.42 9.93 -0.29
N VAL A 53 3.11 9.09 0.68
CA VAL A 53 3.40 9.27 2.09
C VAL A 53 4.16 8.09 2.69
N ALA A 54 4.56 7.12 1.86
CA ALA A 54 5.06 5.84 2.32
C ALA A 54 6.15 5.32 1.39
N SER A 55 7.00 6.23 0.89
CA SER A 55 8.02 5.91 -0.09
C SER A 55 8.92 4.78 0.41
N ILE A 56 9.48 4.05 -0.55
CA ILE A 56 10.37 2.94 -0.31
C ILE A 56 11.73 3.40 -0.82
N GLU A 57 12.81 3.18 -0.07
CA GLU A 57 14.16 3.21 -0.60
C GLU A 57 14.70 1.80 -0.47
N SER A 58 15.14 1.21 -1.57
CA SER A 58 15.80 -0.09 -1.60
C SER A 58 17.32 0.11 -1.67
N VAL A 59 18.05 -0.99 -1.82
CA VAL A 59 19.49 -0.98 -2.09
C VAL A 59 19.86 0.09 -3.12
N LYS A 60 19.16 0.18 -4.26
CA LYS A 60 19.25 1.32 -5.15
C LYS A 60 18.04 1.35 -6.06
N ALA A 61 16.96 1.95 -5.55
CA ALA A 61 15.85 2.54 -6.26
C ALA A 61 14.93 3.12 -5.20
N ALA A 62 14.24 4.22 -5.52
CA ALA A 62 13.07 4.65 -4.77
C ALA A 62 11.81 4.12 -5.47
N ALA A 63 10.74 3.93 -4.70
CA ALA A 63 9.39 3.76 -5.22
C ALA A 63 8.43 4.52 -4.33
N ASP A 64 7.73 5.47 -4.93
CA ASP A 64 6.58 6.17 -4.42
C ASP A 64 5.50 5.11 -4.16
N VAL A 65 4.89 5.13 -2.96
CA VAL A 65 3.69 4.35 -2.66
C VAL A 65 2.56 5.38 -2.49
N TYR A 66 1.53 5.38 -3.34
CA TYR A 66 0.56 6.47 -3.45
C TYR A 66 -0.78 6.06 -2.82
N ALA A 67 -1.03 6.50 -1.60
CA ALA A 67 -2.15 6.14 -0.75
C ALA A 67 -3.44 5.89 -1.55
N PRO A 68 -4.10 4.73 -1.36
CA PRO A 68 -5.03 4.22 -2.35
C PRO A 68 -6.39 4.94 -2.37
N LEU A 69 -6.83 5.49 -1.24
CA LEU A 69 -8.10 6.21 -1.06
C LEU A 69 -7.82 7.52 -0.30
N SER A 70 -8.83 8.39 -0.18
CA SER A 70 -8.77 9.62 0.60
C SER A 70 -9.29 9.40 2.02
N GLY A 71 -8.48 9.70 3.03
CA GLY A 71 -8.69 9.25 4.40
C GLY A 71 -7.60 9.82 5.30
N LYS A 72 -7.34 9.20 6.45
CA LYS A 72 -6.23 9.60 7.34
C LYS A 72 -5.58 8.34 7.89
N ILE A 73 -4.26 8.34 8.03
CA ILE A 73 -3.48 7.26 8.61
C ILE A 73 -3.91 7.08 10.06
N VAL A 74 -3.86 5.86 10.60
CA VAL A 74 -4.20 5.60 12.00
C VAL A 74 -3.37 4.48 12.63
N GLU A 75 -2.53 3.79 11.86
CA GLU A 75 -1.68 2.70 12.33
C GLU A 75 -0.53 2.65 11.34
N VAL A 76 0.70 2.42 11.80
CA VAL A 76 1.87 2.26 10.94
C VAL A 76 2.57 0.98 11.37
N ASN A 77 3.19 0.26 10.44
CA ASN A 77 3.85 -1.00 10.73
C ASN A 77 5.27 -0.66 11.15
N GLU A 78 5.50 -0.27 12.41
CA GLU A 78 6.83 0.09 12.94
C GLU A 78 7.87 -1.01 12.77
N LYS A 79 7.40 -2.22 12.49
CA LYS A 79 8.16 -3.37 12.03
C LYS A 79 9.00 -3.06 10.79
N LEU A 80 8.52 -2.28 9.83
CA LEU A 80 9.21 -2.10 8.55
C LEU A 80 10.46 -1.22 8.72
N ASP A 81 10.63 -0.57 9.87
CA ASP A 81 11.83 0.15 10.27
C ASP A 81 13.00 -0.81 10.53
N THR A 82 12.70 -1.97 11.14
CA THR A 82 13.69 -2.93 11.64
C THR A 82 13.71 -4.23 10.83
N GLU A 83 12.59 -4.56 10.19
CA GLU A 83 12.35 -5.66 9.29
C GLU A 83 11.62 -5.15 8.02
N PRO A 84 12.22 -4.22 7.24
CA PRO A 84 11.69 -3.75 5.95
C PRO A 84 11.59 -4.90 4.94
N GLU A 85 12.47 -5.88 5.06
CA GLU A 85 12.62 -7.03 4.19
C GLU A 85 11.38 -7.94 4.20
N LEU A 86 10.42 -7.76 5.13
CA LEU A 86 9.13 -8.43 4.98
C LEU A 86 8.36 -7.99 3.74
N ILE A 87 8.70 -6.86 3.12
CA ILE A 87 8.19 -6.50 1.80
C ILE A 87 8.55 -7.60 0.79
N ASN A 88 9.69 -8.28 0.93
CA ASN A 88 10.03 -9.37 0.02
C ASN A 88 9.15 -10.57 0.34
N LYS A 89 9.21 -10.98 1.61
CA LYS A 89 8.69 -12.22 2.11
C LYS A 89 7.18 -12.26 1.96
N ASP A 90 6.51 -11.25 2.54
CA ASP A 90 5.08 -11.26 2.77
C ASP A 90 4.48 -9.89 2.45
N PRO A 91 4.64 -9.37 1.22
CA PRO A 91 4.22 -8.00 0.86
C PRO A 91 2.71 -7.82 0.98
N GLU A 92 1.97 -8.92 1.10
CA GLU A 92 0.53 -9.04 0.90
C GLU A 92 -0.19 -9.27 2.24
N GLY A 93 0.59 -9.33 3.32
CA GLY A 93 0.16 -9.65 4.66
C GLY A 93 0.97 -8.87 5.69
N GLU A 94 2.18 -9.33 6.04
CA GLU A 94 2.96 -8.77 7.15
C GLU A 94 3.88 -7.64 6.72
N GLY A 95 4.28 -7.57 5.45
CA GLY A 95 4.96 -6.43 4.84
C GLY A 95 3.99 -5.29 4.52
N TRP A 96 2.94 -5.11 5.33
CA TRP A 96 2.03 -3.97 5.19
C TRP A 96 2.77 -2.69 5.57
N LEU A 97 2.33 -1.55 5.05
CA LEU A 97 3.03 -0.28 5.25
C LEU A 97 2.32 0.46 6.39
N PHE A 98 1.12 0.99 6.12
CA PHE A 98 0.33 1.78 7.04
C PHE A 98 -1.14 1.45 6.81
N LYS A 99 -1.93 1.55 7.87
CA LYS A 99 -3.37 1.49 7.78
C LYS A 99 -3.91 2.90 7.81
N MET A 100 -5.05 3.09 7.17
CA MET A 100 -5.74 4.37 7.12
C MET A 100 -7.22 4.13 7.33
N GLU A 101 -7.86 5.05 8.06
CA GLU A 101 -9.30 5.14 8.19
C GLU A 101 -9.85 5.63 6.86
N ILE A 102 -10.96 5.05 6.42
CA ILE A 102 -11.58 5.34 5.14
C ILE A 102 -12.70 6.37 5.31
N SER A 103 -12.49 7.58 4.78
CA SER A 103 -13.57 8.57 4.69
C SER A 103 -14.63 8.15 3.66
N ASP A 104 -14.21 7.58 2.53
CA ASP A 104 -15.04 7.42 1.33
C ASP A 104 -15.04 5.95 0.91
N GLU A 105 -15.87 5.13 1.56
CA GLU A 105 -16.01 3.73 1.16
C GLU A 105 -16.67 3.59 -0.23
N GLY A 106 -17.15 4.69 -0.82
CA GLY A 106 -17.76 4.66 -2.15
C GLY A 106 -16.72 4.77 -3.25
N GLU A 107 -15.61 5.48 -2.98
CA GLU A 107 -14.46 5.56 -3.85
C GLU A 107 -13.73 4.22 -3.98
N LEU A 108 -14.09 3.20 -3.17
CA LEU A 108 -13.60 1.85 -3.38
C LEU A 108 -14.09 1.29 -4.72
N GLU A 109 -15.24 1.73 -5.24
CA GLU A 109 -15.71 1.25 -6.54
C GLU A 109 -14.91 1.88 -7.69
N ASP A 110 -14.17 2.95 -7.40
CA ASP A 110 -13.29 3.60 -8.37
C ASP A 110 -11.93 2.87 -8.47
N LEU A 111 -11.67 1.93 -7.55
CA LEU A 111 -10.48 1.10 -7.57
C LEU A 111 -10.64 -0.04 -8.58
N LEU A 112 -9.57 -0.80 -8.72
CA LEU A 112 -9.56 -2.01 -9.53
C LEU A 112 -9.98 -3.17 -8.65
N ASP A 113 -10.90 -3.97 -9.18
CA ASP A 113 -11.03 -5.37 -8.80
C ASP A 113 -9.79 -6.12 -9.26
N GLU A 114 -9.65 -7.32 -8.74
CA GLU A 114 -8.46 -8.14 -8.82
C GLU A 114 -8.22 -8.62 -10.25
N GLN A 115 -9.29 -8.92 -10.99
CA GLN A 115 -9.21 -9.26 -12.39
C GLN A 115 -8.75 -8.04 -13.19
N ALA A 116 -9.25 -6.85 -12.84
CA ALA A 116 -8.89 -5.62 -13.53
C ALA A 116 -7.45 -5.22 -13.18
N TYR A 117 -7.01 -5.52 -11.96
CA TYR A 117 -5.60 -5.37 -11.57
C TYR A 117 -4.72 -6.29 -12.41
N GLN A 118 -5.13 -7.55 -12.61
CA GLN A 118 -4.47 -8.50 -13.51
C GLN A 118 -4.40 -7.92 -14.94
N GLU A 119 -5.50 -7.38 -15.46
CA GLU A 119 -5.55 -6.85 -16.81
C GLU A 119 -4.54 -5.71 -16.97
N PHE A 120 -4.52 -4.79 -16.01
CA PHE A 120 -3.55 -3.70 -15.98
C PHE A 120 -2.11 -4.24 -15.91
N CYS A 121 -1.86 -5.31 -15.16
CA CYS A 121 -0.54 -5.95 -15.09
C CYS A 121 -0.09 -6.49 -16.45
N ALA A 122 -0.99 -6.91 -17.34
CA ALA A 122 -0.59 -7.32 -18.69
C ALA A 122 -0.13 -6.11 -19.51
N GLN A 123 -0.78 -4.96 -19.32
CA GLN A 123 -0.57 -3.75 -20.10
C GLN A 123 0.70 -2.98 -19.71
N GLU A 124 1.44 -3.43 -18.69
CA GLU A 124 2.73 -2.90 -18.31
C GLU A 124 3.77 -3.98 -18.58
N MET A 1 -17.91 -5.91 7.43
CA MET A 1 -17.51 -5.55 6.07
C MET A 1 -16.16 -6.20 5.76
N LYS A 2 -15.81 -6.43 4.49
CA LYS A 2 -14.50 -6.93 4.07
C LYS A 2 -14.40 -6.76 2.56
N MET A 3 -13.48 -5.94 2.06
CA MET A 3 -13.28 -5.72 0.64
C MET A 3 -11.84 -5.32 0.42
N LYS A 4 -11.19 -5.80 -0.64
CA LYS A 4 -9.77 -5.59 -0.84
C LYS A 4 -9.48 -5.24 -2.29
N LYS A 5 -9.62 -3.96 -2.65
CA LYS A 5 -9.32 -3.56 -4.04
C LYS A 5 -7.83 -3.31 -4.28
N TYR A 6 -7.47 -3.00 -5.52
CA TYR A 6 -6.11 -2.76 -5.99
C TYR A 6 -6.08 -1.47 -6.81
N THR A 7 -4.93 -0.80 -6.84
CA THR A 7 -4.77 0.51 -7.43
C THR A 7 -4.12 0.39 -8.81
N LYS A 8 -3.82 1.55 -9.37
CA LYS A 8 -3.01 1.75 -10.57
C LYS A 8 -1.55 2.10 -10.21
N THR A 9 -1.14 1.97 -8.94
CA THR A 9 0.21 2.25 -8.44
C THR A 9 0.85 1.01 -7.81
N HIS A 10 0.55 -0.21 -8.31
CA HIS A 10 1.14 -1.47 -7.82
C HIS A 10 0.87 -1.67 -6.31
N GLU A 11 -0.32 -1.32 -5.83
CA GLU A 11 -0.67 -1.16 -4.42
C GLU A 11 -2.00 -1.86 -4.16
N TRP A 12 -2.11 -2.57 -3.05
CA TRP A 12 -3.33 -3.23 -2.60
C TRP A 12 -3.93 -2.47 -1.42
N VAL A 13 -5.17 -2.79 -1.09
CA VAL A 13 -5.98 -2.14 -0.06
C VAL A 13 -6.76 -3.27 0.63
N SER A 14 -7.00 -3.18 1.93
CA SER A 14 -7.66 -4.23 2.71
C SER A 14 -8.60 -3.60 3.73
N ILE A 15 -9.80 -3.28 3.30
CA ILE A 15 -10.88 -2.73 4.11
C ILE A 15 -11.53 -3.91 4.87
N GLU A 16 -11.74 -3.75 6.17
CA GLU A 16 -12.45 -4.73 7.00
C GLU A 16 -13.43 -4.10 7.99
N ASP A 17 -13.36 -2.79 8.22
CA ASP A 17 -14.37 -2.11 9.03
C ASP A 17 -14.32 -0.62 8.72
N LYS A 18 -13.25 0.04 9.17
CA LYS A 18 -13.05 1.49 9.03
C LYS A 18 -11.58 1.82 8.80
N VAL A 19 -10.74 0.86 8.40
CA VAL A 19 -9.34 1.02 8.13
C VAL A 19 -9.03 0.12 6.95
N ALA A 20 -8.40 0.65 5.89
CA ALA A 20 -7.66 -0.16 4.93
C ALA A 20 -6.25 -0.34 5.47
N THR A 21 -5.80 -1.58 5.46
CA THR A 21 -4.38 -1.86 5.37
C THR A 21 -3.94 -1.57 3.93
N VAL A 22 -2.85 -0.83 3.77
CA VAL A 22 -2.16 -0.57 2.52
C VAL A 22 -0.86 -1.38 2.51
N GLY A 23 -0.52 -1.96 1.37
CA GLY A 23 0.80 -2.48 1.07
C GLY A 23 1.02 -2.37 -0.43
N ILE A 24 2.28 -2.49 -0.85
CA ILE A 24 2.60 -2.69 -2.25
C ILE A 24 2.40 -4.15 -2.61
N THR A 25 2.10 -4.38 -3.89
CA THR A 25 1.95 -5.70 -4.47
C THR A 25 3.33 -6.31 -4.72
N ASN A 26 3.35 -7.62 -4.98
CA ASN A 26 4.58 -8.36 -5.17
C ASN A 26 5.46 -7.78 -6.30
N HIS A 27 4.86 -7.27 -7.37
CA HIS A 27 5.61 -6.73 -8.50
C HIS A 27 6.59 -5.63 -8.07
N ALA A 28 6.24 -4.86 -7.05
CA ALA A 28 7.10 -3.83 -6.50
C ALA A 28 8.32 -4.46 -5.81
N GLN A 29 8.15 -5.45 -4.92
CA GLN A 29 9.30 -6.12 -4.29
C GLN A 29 10.18 -6.81 -5.34
N GLU A 30 9.61 -7.21 -6.47
CA GLU A 30 10.31 -7.99 -7.48
C GLU A 30 11.40 -7.14 -8.13
N GLN A 31 11.06 -5.92 -8.56
CA GLN A 31 12.05 -4.98 -9.06
C GLN A 31 12.96 -4.48 -7.94
N LEU A 32 12.40 -4.03 -6.81
CA LEU A 32 13.20 -3.38 -5.77
C LEU A 32 14.21 -4.37 -5.17
N GLY A 33 13.85 -5.65 -5.06
CA GLY A 33 14.73 -6.68 -4.54
C GLY A 33 14.93 -6.47 -3.05
N ASP A 34 16.19 -6.25 -2.68
CA ASP A 34 16.57 -5.88 -1.34
C ASP A 34 16.03 -4.47 -1.14
N VAL A 35 15.03 -4.33 -0.28
CA VAL A 35 14.80 -3.10 0.45
C VAL A 35 15.83 -3.06 1.59
N VAL A 36 15.65 -2.14 2.52
CA VAL A 36 16.67 -1.61 3.37
C VAL A 36 15.91 -0.67 4.30
N TYR A 37 14.93 0.10 3.80
CA TYR A 37 14.22 1.07 4.61
C TYR A 37 12.82 1.32 4.06
N VAL A 38 11.89 1.68 4.94
CA VAL A 38 10.55 2.10 4.57
C VAL A 38 10.26 3.33 5.38
N ASP A 39 9.72 4.33 4.68
CA ASP A 39 9.16 5.52 5.26
C ASP A 39 7.69 5.30 5.50
N LEU A 40 7.19 5.75 6.65
CA LEU A 40 5.82 5.57 7.07
C LEU A 40 5.30 6.88 7.68
N PRO A 41 4.00 7.17 7.56
CA PRO A 41 3.41 8.45 7.95
C PRO A 41 3.17 8.62 9.47
N GLU A 42 2.52 9.71 9.87
CA GLU A 42 1.99 9.87 11.23
C GLU A 42 0.61 9.25 11.41
N VAL A 43 0.20 9.00 12.65
CA VAL A 43 -1.00 8.26 13.06
C VAL A 43 -2.25 9.17 13.12
N GLY A 44 -2.14 10.33 12.50
CA GLY A 44 -3.15 11.37 12.42
C GLY A 44 -3.05 12.20 11.13
N ARG A 45 -2.23 11.76 10.17
CA ARG A 45 -1.99 12.50 8.93
C ARG A 45 -3.14 12.24 7.96
N GLU A 46 -3.72 13.29 7.39
CA GLU A 46 -4.68 13.10 6.31
C GLU A 46 -3.91 12.76 5.04
N VAL A 47 -4.55 12.00 4.14
CA VAL A 47 -3.99 11.61 2.86
C VAL A 47 -5.10 11.60 1.80
N LYS A 48 -4.73 11.55 0.53
CA LYS A 48 -5.63 11.46 -0.61
C LYS A 48 -5.33 10.16 -1.33
N LYS A 49 -6.18 9.79 -2.28
CA LYS A 49 -6.00 8.66 -3.19
C LYS A 49 -4.79 8.72 -4.14
N GLY A 50 -3.84 9.59 -3.85
CA GLY A 50 -2.53 9.61 -4.44
C GLY A 50 -1.69 10.59 -3.64
N GLU A 51 -1.07 10.14 -2.55
CA GLU A 51 -0.18 10.92 -1.68
C GLU A 51 1.00 10.04 -1.32
N VAL A 52 2.24 10.52 -1.50
CA VAL A 52 3.53 9.80 -1.33
C VAL A 52 3.84 9.54 0.16
N VAL A 53 2.84 9.22 0.97
CA VAL A 53 2.97 9.14 2.41
C VAL A 53 3.53 7.81 2.89
N ALA A 54 4.33 7.10 2.09
CA ALA A 54 5.07 5.92 2.52
C ALA A 54 6.10 5.57 1.46
N SER A 55 7.10 6.42 1.25
CA SER A 55 8.18 6.06 0.34
C SER A 55 8.85 4.77 0.81
N ILE A 56 9.37 3.97 -0.11
CA ILE A 56 10.13 2.78 0.24
C ILE A 56 11.48 2.98 -0.42
N GLU A 57 12.53 3.22 0.34
CA GLU A 57 13.85 3.35 -0.21
C GLU A 57 14.39 1.95 -0.21
N SER A 58 14.83 1.46 -1.35
CA SER A 58 15.53 0.21 -1.44
C SER A 58 17.00 0.45 -1.59
N VAL A 59 17.73 -0.66 -1.68
CA VAL A 59 19.15 -0.73 -1.84
C VAL A 59 19.59 0.22 -2.97
N LYS A 60 18.76 0.41 -4.02
CA LYS A 60 19.09 1.35 -5.09
C LYS A 60 17.93 2.06 -5.80
N ALA A 61 16.68 1.91 -5.38
CA ALA A 61 15.56 2.71 -5.89
C ALA A 61 14.92 3.46 -4.73
N ALA A 62 14.02 4.37 -5.04
CA ALA A 62 12.90 4.70 -4.17
C ALA A 62 11.62 4.31 -4.91
N ALA A 63 10.59 3.92 -4.16
CA ALA A 63 9.25 3.70 -4.67
C ALA A 63 8.28 4.33 -3.66
N ASP A 64 8.00 5.61 -3.89
CA ASP A 64 6.89 6.38 -3.39
C ASP A 64 5.65 5.49 -3.43
N VAL A 65 5.03 5.26 -2.28
CA VAL A 65 3.73 4.60 -2.23
C VAL A 65 2.66 5.69 -2.20
N TYR A 66 1.59 5.52 -2.99
CA TYR A 66 0.60 6.55 -3.21
C TYR A 66 -0.71 6.14 -2.60
N ALA A 67 -0.99 6.65 -1.41
CA ALA A 67 -2.17 6.31 -0.59
C ALA A 67 -3.39 6.00 -1.47
N PRO A 68 -4.03 4.84 -1.33
CA PRO A 68 -4.86 4.29 -2.38
C PRO A 68 -6.23 4.96 -2.52
N LEU A 69 -6.74 5.57 -1.45
CA LEU A 69 -8.05 6.17 -1.32
C LEU A 69 -7.88 7.46 -0.50
N SER A 70 -8.76 8.43 -0.58
CA SER A 70 -8.70 9.57 0.33
C SER A 70 -9.19 9.16 1.72
N GLY A 71 -8.51 9.63 2.77
CA GLY A 71 -8.66 9.12 4.13
C GLY A 71 -7.64 9.74 5.08
N LYS A 72 -7.45 9.14 6.27
CA LYS A 72 -6.44 9.59 7.24
C LYS A 72 -5.76 8.37 7.85
N ILE A 73 -4.44 8.42 8.00
CA ILE A 73 -3.64 7.38 8.62
C ILE A 73 -4.02 7.28 10.10
N VAL A 74 -3.98 6.06 10.65
CA VAL A 74 -4.28 5.78 12.05
C VAL A 74 -3.46 4.57 12.56
N GLU A 75 -2.55 4.03 11.74
CA GLU A 75 -1.62 2.98 12.14
C GLU A 75 -0.49 2.95 11.10
N VAL A 76 0.71 2.54 11.49
CA VAL A 76 1.86 2.36 10.61
C VAL A 76 2.60 1.09 11.02
N ASN A 77 3.40 0.49 10.13
CA ASN A 77 4.05 -0.78 10.42
C ASN A 77 5.51 -0.48 10.72
N GLU A 78 5.80 0.03 11.92
CA GLU A 78 7.17 0.29 12.37
C GLU A 78 8.04 -0.97 12.34
N LYS A 79 7.43 -2.14 12.17
CA LYS A 79 8.11 -3.40 11.87
C LYS A 79 9.06 -3.26 10.69
N LEU A 80 8.74 -2.39 9.73
CA LEU A 80 9.47 -2.24 8.48
C LEU A 80 10.72 -1.38 8.69
N ASP A 81 10.91 -0.75 9.86
CA ASP A 81 12.16 -0.09 10.26
C ASP A 81 13.28 -1.12 10.47
N THR A 82 12.93 -2.35 10.89
CA THR A 82 13.89 -3.36 11.29
C THR A 82 13.82 -4.62 10.42
N GLU A 83 12.71 -4.83 9.72
CA GLU A 83 12.49 -5.89 8.73
C GLU A 83 11.76 -5.27 7.51
N PRO A 84 12.41 -4.38 6.76
CA PRO A 84 11.90 -3.88 5.49
C PRO A 84 11.81 -5.03 4.46
N GLU A 85 12.65 -6.05 4.64
CA GLU A 85 12.65 -7.26 3.84
C GLU A 85 11.34 -8.05 3.96
N LEU A 86 10.50 -7.78 4.97
CA LEU A 86 9.24 -8.50 5.07
C LEU A 86 8.30 -8.18 3.92
N ILE A 87 8.53 -7.10 3.17
CA ILE A 87 7.81 -6.85 1.92
C ILE A 87 8.14 -7.95 0.90
N ASN A 88 9.33 -8.57 0.94
CA ASN A 88 9.63 -9.71 0.09
C ASN A 88 8.84 -10.92 0.58
N LYS A 89 9.04 -11.22 1.87
CA LYS A 89 8.57 -12.44 2.49
C LYS A 89 7.05 -12.55 2.43
N ASP A 90 6.34 -11.45 2.70
CA ASP A 90 4.91 -11.39 2.48
C ASP A 90 4.46 -9.94 2.29
N PRO A 91 4.49 -9.39 1.06
CA PRO A 91 4.14 -7.99 0.84
C PRO A 91 2.67 -7.70 1.13
N GLU A 92 1.86 -8.74 1.33
CA GLU A 92 0.42 -8.68 1.41
C GLU A 92 -0.12 -9.33 2.69
N GLY A 93 0.78 -9.68 3.61
CA GLY A 93 0.48 -10.44 4.82
C GLY A 93 0.94 -9.70 6.06
N GLU A 94 2.26 -9.64 6.25
CA GLU A 94 2.89 -9.03 7.41
C GLU A 94 3.75 -7.84 7.00
N GLY A 95 4.24 -7.82 5.76
CA GLY A 95 4.92 -6.71 5.12
C GLY A 95 3.96 -5.61 4.66
N TRP A 96 2.87 -5.34 5.40
CA TRP A 96 2.06 -4.14 5.16
C TRP A 96 2.90 -2.91 5.46
N LEU A 97 2.50 -1.76 4.91
CA LEU A 97 3.22 -0.50 5.10
C LEU A 97 2.50 0.30 6.19
N PHE A 98 1.27 0.75 5.92
CA PHE A 98 0.53 1.65 6.79
C PHE A 98 -0.96 1.34 6.71
N LYS A 99 -1.75 1.97 7.58
CA LYS A 99 -3.19 1.79 7.66
C LYS A 99 -3.85 3.14 7.79
N MET A 100 -5.03 3.25 7.18
CA MET A 100 -5.74 4.50 7.07
C MET A 100 -7.23 4.28 7.07
N GLU A 101 -7.94 5.17 7.75
CA GLU A 101 -9.38 5.24 7.75
C GLU A 101 -9.86 5.57 6.35
N ILE A 102 -11.00 4.98 5.97
CA ILE A 102 -11.68 5.30 4.72
C ILE A 102 -12.68 6.44 4.97
N SER A 103 -12.40 7.64 4.46
CA SER A 103 -13.43 8.69 4.41
C SER A 103 -14.55 8.30 3.43
N ASP A 104 -14.18 7.63 2.34
CA ASP A 104 -14.93 7.58 1.09
C ASP A 104 -14.93 6.12 0.65
N GLU A 105 -15.66 5.23 1.35
CA GLU A 105 -15.85 3.82 0.93
C GLU A 105 -16.50 3.77 -0.47
N GLY A 106 -17.10 4.85 -0.98
CA GLY A 106 -17.63 4.86 -2.34
C GLY A 106 -16.56 5.02 -3.40
N GLU A 107 -15.37 5.55 -3.07
CA GLU A 107 -14.26 5.62 -4.02
C GLU A 107 -13.65 4.24 -4.25
N LEU A 108 -13.96 3.23 -3.45
CA LEU A 108 -13.56 1.86 -3.63
C LEU A 108 -13.99 1.31 -5.00
N GLU A 109 -15.15 1.71 -5.52
CA GLU A 109 -15.61 1.30 -6.85
C GLU A 109 -14.81 1.99 -7.98
N ASP A 110 -13.94 2.94 -7.64
CA ASP A 110 -12.99 3.57 -8.57
C ASP A 110 -11.74 2.68 -8.73
N LEU A 111 -11.50 1.75 -7.79
CA LEU A 111 -10.35 0.83 -7.84
C LEU A 111 -10.67 -0.35 -8.75
N LEU A 112 -9.60 -1.01 -9.16
CA LEU A 112 -9.63 -2.19 -9.99
C LEU A 112 -10.07 -3.37 -9.15
N ASP A 113 -10.90 -4.23 -9.76
CA ASP A 113 -11.16 -5.57 -9.27
C ASP A 113 -9.84 -6.33 -9.23
N GLU A 114 -9.82 -7.49 -8.59
CA GLU A 114 -8.66 -8.36 -8.47
C GLU A 114 -8.27 -8.92 -9.84
N GLN A 115 -9.23 -9.42 -10.64
CA GLN A 115 -8.99 -9.81 -12.00
C GLN A 115 -8.54 -8.59 -12.80
N ALA A 116 -9.31 -7.49 -12.69
CA ALA A 116 -9.14 -6.31 -13.52
C ALA A 116 -7.77 -5.71 -13.27
N TYR A 117 -7.25 -5.82 -12.05
CA TYR A 117 -5.89 -5.44 -11.68
C TYR A 117 -4.86 -6.23 -12.49
N GLN A 118 -5.03 -7.55 -12.63
CA GLN A 118 -4.06 -8.37 -13.34
C GLN A 118 -4.06 -8.01 -14.83
N GLU A 119 -5.25 -7.91 -15.42
CA GLU A 119 -5.46 -7.49 -16.79
C GLU A 119 -4.79 -6.14 -17.06
N PHE A 120 -4.94 -5.19 -16.14
CA PHE A 120 -4.34 -3.86 -16.22
C PHE A 120 -2.82 -3.93 -16.34
N CYS A 121 -2.16 -4.73 -15.49
CA CYS A 121 -0.71 -4.87 -15.57
C CYS A 121 -0.26 -5.66 -16.83
N ALA A 122 -1.14 -6.50 -17.40
CA ALA A 122 -0.82 -7.25 -18.61
C ALA A 122 -0.86 -6.35 -19.85
N GLN A 123 -1.70 -5.33 -19.86
CA GLN A 123 -1.80 -4.32 -20.92
C GLN A 123 -0.52 -3.49 -21.08
N GLU A 124 0.46 -3.59 -20.16
CA GLU A 124 1.68 -2.79 -20.15
C GLU A 124 2.59 -3.18 -21.30
N MET A 1 -17.91 -2.41 4.33
CA MET A 1 -17.42 -3.70 4.86
C MET A 1 -16.38 -4.31 3.94
N LYS A 2 -15.42 -5.02 4.54
CA LYS A 2 -14.67 -6.15 3.98
C LYS A 2 -14.53 -6.13 2.45
N MET A 3 -13.58 -5.34 1.94
CA MET A 3 -13.36 -5.14 0.51
C MET A 3 -11.85 -5.17 0.26
N LYS A 4 -11.41 -5.70 -0.89
CA LYS A 4 -9.99 -5.84 -1.19
C LYS A 4 -9.73 -5.35 -2.61
N LYS A 5 -9.83 -4.02 -2.77
CA LYS A 5 -9.44 -3.37 -4.02
C LYS A 5 -7.93 -3.14 -4.07
N TYR A 6 -7.47 -2.63 -5.20
CA TYR A 6 -6.08 -2.35 -5.55
C TYR A 6 -6.01 -0.99 -6.26
N THR A 7 -4.81 -0.47 -6.45
CA THR A 7 -4.54 0.78 -7.11
C THR A 7 -3.92 0.49 -8.47
N LYS A 8 -3.74 1.56 -9.22
CA LYS A 8 -3.05 1.53 -10.51
C LYS A 8 -1.55 1.45 -10.27
N THR A 9 -1.06 2.05 -9.19
CA THR A 9 0.35 2.24 -8.86
C THR A 9 0.95 1.07 -8.07
N HIS A 10 0.44 -0.17 -8.23
CA HIS A 10 1.00 -1.38 -7.60
C HIS A 10 0.87 -1.37 -6.07
N GLU A 11 -0.27 -0.93 -5.52
CA GLU A 11 -0.62 -1.05 -4.12
C GLU A 11 -1.95 -1.78 -3.97
N TRP A 12 -2.12 -2.48 -2.86
CA TRP A 12 -3.38 -3.11 -2.49
C TRP A 12 -4.07 -2.34 -1.37
N VAL A 13 -5.29 -2.74 -1.06
CA VAL A 13 -6.13 -2.20 0.01
C VAL A 13 -6.82 -3.39 0.68
N SER A 14 -7.18 -3.26 1.96
CA SER A 14 -7.93 -4.25 2.72
C SER A 14 -8.88 -3.55 3.66
N ILE A 15 -10.01 -3.13 3.12
CA ILE A 15 -11.13 -2.64 3.90
C ILE A 15 -11.70 -3.79 4.72
N GLU A 16 -12.26 -3.45 5.88
CA GLU A 16 -12.72 -4.38 6.89
C GLU A 16 -14.01 -3.82 7.51
N ASP A 17 -13.90 -2.70 8.20
CA ASP A 17 -14.90 -2.06 9.04
C ASP A 17 -15.05 -0.62 8.59
N LYS A 18 -14.10 0.22 8.97
CA LYS A 18 -13.94 1.64 8.60
C LYS A 18 -12.47 1.97 8.35
N VAL A 19 -11.58 0.98 8.30
CA VAL A 19 -10.14 1.12 8.10
C VAL A 19 -9.76 0.29 6.88
N ALA A 20 -8.67 0.59 6.19
CA ALA A 20 -8.01 -0.25 5.21
C ALA A 20 -6.57 -0.42 5.62
N THR A 21 -6.06 -1.64 5.46
CA THR A 21 -4.61 -1.84 5.43
C THR A 21 -4.13 -1.58 3.99
N VAL A 22 -2.93 -1.00 3.85
CA VAL A 22 -2.21 -0.75 2.62
C VAL A 22 -0.83 -1.42 2.68
N GLY A 23 -0.38 -1.95 1.53
CA GLY A 23 1.02 -2.22 1.21
C GLY A 23 1.19 -2.20 -0.32
N ILE A 24 2.43 -2.31 -0.81
CA ILE A 24 2.66 -2.49 -2.24
C ILE A 24 2.29 -3.92 -2.63
N THR A 25 2.15 -4.21 -3.91
CA THR A 25 1.83 -5.55 -4.39
C THR A 25 3.10 -6.39 -4.69
N ASN A 26 2.92 -7.68 -5.00
CA ASN A 26 3.96 -8.63 -5.40
C ASN A 26 4.51 -8.46 -6.83
N HIS A 27 4.13 -7.38 -7.48
CA HIS A 27 4.69 -6.85 -8.73
C HIS A 27 5.66 -5.68 -8.51
N ALA A 28 5.90 -5.30 -7.26
CA ALA A 28 6.51 -4.03 -6.89
C ALA A 28 7.81 -4.26 -6.11
N GLN A 29 7.71 -4.97 -4.99
CA GLN A 29 8.78 -5.59 -4.20
C GLN A 29 9.84 -6.25 -5.08
N GLU A 30 9.39 -6.94 -6.12
CA GLU A 30 10.13 -7.66 -7.14
C GLU A 30 11.16 -6.73 -7.79
N GLN A 31 10.74 -5.56 -8.28
CA GLN A 31 11.61 -4.62 -8.96
C GLN A 31 12.56 -3.94 -7.98
N LEU A 32 12.08 -3.66 -6.76
CA LEU A 32 12.84 -3.01 -5.70
C LEU A 32 13.99 -3.90 -5.25
N GLY A 33 13.74 -5.18 -5.00
CA GLY A 33 14.74 -6.10 -4.49
C GLY A 33 14.90 -5.94 -2.98
N ASP A 34 16.06 -6.38 -2.49
CA ASP A 34 16.48 -6.38 -1.10
C ASP A 34 16.23 -4.98 -0.51
N VAL A 35 15.55 -4.89 0.64
CA VAL A 35 15.16 -3.59 1.18
C VAL A 35 15.64 -3.34 2.60
N VAL A 36 15.75 -2.04 2.86
CA VAL A 36 16.78 -1.41 3.67
C VAL A 36 16.24 -0.12 4.25
N TYR A 37 15.34 0.57 3.56
CA TYR A 37 14.65 1.73 4.15
C TYR A 37 13.22 1.86 3.63
N VAL A 38 12.34 2.41 4.47
CA VAL A 38 11.02 2.84 4.08
C VAL A 38 10.51 3.90 5.05
N ASP A 39 9.97 4.95 4.47
CA ASP A 39 9.26 5.98 5.17
C ASP A 39 7.93 5.43 5.67
N LEU A 40 7.46 5.87 6.83
CA LEU A 40 6.08 5.70 7.25
C LEU A 40 5.51 7.03 7.74
N PRO A 41 4.18 7.21 7.60
CA PRO A 41 3.51 8.42 8.01
C PRO A 41 3.20 8.42 9.51
N GLU A 42 2.65 9.52 10.00
CA GLU A 42 2.10 9.60 11.34
C GLU A 42 0.70 8.99 11.34
N VAL A 43 0.38 8.27 12.41
CA VAL A 43 -0.86 7.53 12.67
C VAL A 43 -2.11 8.40 12.89
N GLY A 44 -2.10 9.64 12.40
CA GLY A 44 -3.23 10.56 12.43
C GLY A 44 -3.24 11.53 11.26
N ARG A 45 -2.34 11.40 10.26
CA ARG A 45 -2.28 12.38 9.18
C ARG A 45 -3.39 12.12 8.16
N GLU A 46 -4.02 13.15 7.60
CA GLU A 46 -4.92 12.99 6.46
C GLU A 46 -4.09 12.85 5.19
N VAL A 47 -4.60 12.12 4.21
CA VAL A 47 -3.92 11.80 2.95
C VAL A 47 -4.94 11.75 1.80
N LYS A 48 -4.46 11.65 0.56
CA LYS A 48 -5.26 11.47 -0.65
C LYS A 48 -4.95 10.14 -1.31
N LYS A 49 -5.81 9.72 -2.25
CA LYS A 49 -5.68 8.55 -3.10
C LYS A 49 -4.50 8.57 -4.10
N GLY A 50 -3.56 9.47 -3.91
CA GLY A 50 -2.33 9.56 -4.66
C GLY A 50 -1.41 10.43 -3.85
N GLU A 51 -0.99 9.97 -2.69
CA GLU A 51 -0.17 10.70 -1.74
C GLU A 51 0.94 9.76 -1.27
N VAL A 52 2.19 10.21 -1.36
CA VAL A 52 3.42 9.42 -1.36
C VAL A 52 3.90 9.20 0.09
N VAL A 53 3.01 8.68 0.92
CA VAL A 53 3.18 8.86 2.35
C VAL A 53 4.08 7.79 2.99
N ALA A 54 4.73 6.95 2.19
CA ALA A 54 5.45 5.79 2.66
C ALA A 54 6.47 5.34 1.60
N SER A 55 7.30 6.26 1.09
CA SER A 55 8.30 5.91 0.08
C SER A 55 9.21 4.79 0.58
N ILE A 56 9.70 3.96 -0.31
CA ILE A 56 10.55 2.81 -0.03
C ILE A 56 11.86 3.08 -0.75
N GLU A 57 13.01 2.85 -0.11
CA GLU A 57 14.32 2.89 -0.70
C GLU A 57 14.91 1.50 -0.64
N SER A 58 15.18 0.86 -1.78
CA SER A 58 15.86 -0.44 -1.81
C SER A 58 17.35 -0.27 -2.11
N VAL A 59 18.03 -1.36 -2.46
CA VAL A 59 19.45 -1.40 -2.77
C VAL A 59 19.89 -0.28 -3.73
N LYS A 60 19.11 0.08 -4.77
CA LYS A 60 19.17 1.41 -5.38
C LYS A 60 17.93 1.71 -6.22
N ALA A 61 16.74 1.61 -5.61
CA ALA A 61 15.52 2.16 -6.19
C ALA A 61 14.81 3.05 -5.17
N ALA A 62 13.83 3.81 -5.65
CA ALA A 62 12.71 4.25 -4.83
C ALA A 62 11.42 3.72 -5.43
N ALA A 63 10.42 3.50 -4.58
CA ALA A 63 9.01 3.39 -4.93
C ALA A 63 8.26 4.29 -3.98
N ASP A 64 7.67 5.35 -4.53
CA ASP A 64 6.75 6.21 -3.82
C ASP A 64 5.47 5.39 -3.63
N VAL A 65 5.17 4.94 -2.41
CA VAL A 65 3.94 4.21 -2.16
C VAL A 65 2.81 5.24 -2.14
N TYR A 66 1.94 5.22 -3.13
CA TYR A 66 0.81 6.13 -3.19
C TYR A 66 -0.35 5.54 -2.39
N ALA A 67 -0.75 6.22 -1.32
CA ALA A 67 -1.96 5.93 -0.57
C ALA A 67 -3.14 5.69 -1.54
N PRO A 68 -3.96 4.65 -1.32
CA PRO A 68 -4.84 4.13 -2.35
C PRO A 68 -6.16 4.88 -2.49
N LEU A 69 -6.67 5.42 -1.38
CA LEU A 69 -7.94 6.14 -1.26
C LEU A 69 -7.60 7.44 -0.50
N SER A 70 -8.51 8.40 -0.48
CA SER A 70 -8.43 9.57 0.40
C SER A 70 -8.97 9.16 1.77
N GLY A 71 -8.28 9.52 2.85
CA GLY A 71 -8.51 8.95 4.19
C GLY A 71 -7.51 9.50 5.20
N LYS A 72 -7.49 8.96 6.42
CA LYS A 72 -6.55 9.35 7.47
C LYS A 72 -5.74 8.17 7.91
N ILE A 73 -4.42 8.27 8.03
CA ILE A 73 -3.62 7.18 8.60
C ILE A 73 -4.09 6.96 10.03
N VAL A 74 -4.19 5.70 10.48
CA VAL A 74 -4.53 5.38 11.87
C VAL A 74 -3.85 4.08 12.36
N GLU A 75 -3.01 3.41 11.56
CA GLU A 75 -2.07 2.43 12.09
C GLU A 75 -0.81 2.40 11.20
N VAL A 76 0.31 1.89 11.71
CA VAL A 76 1.60 1.83 11.02
C VAL A 76 2.31 0.53 11.44
N ASN A 77 3.21 0.04 10.59
CA ASN A 77 3.99 -1.17 10.79
C ASN A 77 5.41 -0.70 11.07
N GLU A 78 5.63 -0.11 12.25
CA GLU A 78 6.93 0.43 12.64
C GLU A 78 8.03 -0.64 12.65
N LYS A 79 7.63 -1.90 12.61
CA LYS A 79 8.48 -3.03 12.33
C LYS A 79 9.25 -2.88 11.03
N LEU A 80 8.76 -2.17 10.01
CA LEU A 80 9.54 -1.92 8.81
C LEU A 80 10.89 -1.20 9.10
N ASP A 81 11.12 -0.61 10.28
CA ASP A 81 12.45 -0.11 10.70
C ASP A 81 13.49 -1.22 10.87
N THR A 82 13.06 -2.44 11.14
CA THR A 82 13.89 -3.59 11.49
C THR A 82 13.65 -4.76 10.54
N GLU A 83 12.46 -4.84 9.97
CA GLU A 83 12.02 -5.77 8.94
C GLU A 83 11.54 -5.01 7.70
N PRO A 84 12.43 -4.26 7.01
CA PRO A 84 12.10 -3.54 5.79
C PRO A 84 11.95 -4.52 4.63
N GLU A 85 12.94 -5.39 4.41
CA GLU A 85 12.98 -6.40 3.35
C GLU A 85 11.71 -7.28 3.40
N LEU A 86 10.94 -7.33 4.49
CA LEU A 86 9.71 -8.11 4.62
C LEU A 86 8.74 -7.82 3.46
N ILE A 87 8.76 -6.59 2.93
CA ILE A 87 7.95 -6.24 1.77
C ILE A 87 8.29 -7.17 0.58
N ASN A 88 9.48 -7.75 0.48
CA ASN A 88 9.77 -8.81 -0.49
C ASN A 88 8.95 -10.05 -0.18
N LYS A 89 9.07 -10.50 1.06
CA LYS A 89 8.68 -11.81 1.54
C LYS A 89 7.16 -11.98 1.44
N ASP A 90 6.43 -10.98 1.96
CA ASP A 90 4.99 -10.96 1.88
C ASP A 90 4.49 -9.51 1.80
N PRO A 91 4.54 -8.88 0.61
CA PRO A 91 4.14 -7.48 0.48
C PRO A 91 2.67 -7.26 0.79
N GLU A 92 1.85 -8.32 0.79
CA GLU A 92 0.42 -8.22 1.01
C GLU A 92 -0.03 -8.90 2.30
N GLY A 93 0.89 -9.23 3.20
CA GLY A 93 0.54 -9.82 4.50
C GLY A 93 1.38 -9.16 5.58
N GLU A 94 2.55 -9.72 5.86
CA GLU A 94 3.39 -9.27 6.97
C GLU A 94 4.21 -8.03 6.60
N GLY A 95 4.59 -7.89 5.33
CA GLY A 95 5.23 -6.69 4.80
C GLY A 95 4.23 -5.58 4.44
N TRP A 96 3.15 -5.42 5.22
CA TRP A 96 2.30 -4.23 5.13
C TRP A 96 3.09 -3.00 5.60
N LEU A 97 2.55 -1.79 5.39
CA LEU A 97 3.19 -0.57 5.87
C LEU A 97 2.25 0.14 6.84
N PHE A 98 1.05 0.54 6.40
CA PHE A 98 0.18 1.38 7.22
C PHE A 98 -1.29 1.03 7.01
N LYS A 99 -2.14 1.57 7.89
CA LYS A 99 -3.59 1.47 7.77
C LYS A 99 -4.16 2.87 7.82
N MET A 100 -5.35 3.05 7.25
CA MET A 100 -6.00 4.34 7.16
C MET A 100 -7.50 4.18 7.25
N GLU A 101 -8.17 5.13 7.89
CA GLU A 101 -9.62 5.24 7.92
C GLU A 101 -10.10 5.52 6.50
N ILE A 102 -11.20 4.90 6.08
CA ILE A 102 -11.79 5.15 4.78
C ILE A 102 -12.79 6.31 4.86
N SER A 103 -12.38 7.47 4.35
CA SER A 103 -13.26 8.61 4.18
C SER A 103 -14.45 8.24 3.28
N ASP A 104 -14.24 7.37 2.29
CA ASP A 104 -15.19 7.03 1.23
C ASP A 104 -14.96 5.56 0.86
N GLU A 105 -15.82 4.64 1.31
CA GLU A 105 -15.97 3.29 0.74
C GLU A 105 -16.66 3.39 -0.64
N GLY A 106 -17.04 4.59 -1.09
CA GLY A 106 -17.46 4.84 -2.46
C GLY A 106 -16.37 4.47 -3.47
N GLU A 107 -15.23 5.17 -3.42
CA GLU A 107 -14.26 5.15 -4.51
C GLU A 107 -13.50 3.83 -4.64
N LEU A 108 -13.63 2.92 -3.67
CA LEU A 108 -13.28 1.53 -3.77
C LEU A 108 -13.82 0.94 -5.07
N GLU A 109 -15.09 1.16 -5.39
CA GLU A 109 -15.70 0.53 -6.56
C GLU A 109 -15.23 1.22 -7.86
N ASP A 110 -14.64 2.41 -7.77
CA ASP A 110 -14.01 3.12 -8.87
C ASP A 110 -12.54 2.68 -9.04
N LEU A 111 -11.95 2.05 -8.03
CA LEU A 111 -10.61 1.46 -8.01
C LEU A 111 -10.61 0.08 -8.68
N LEU A 112 -9.46 -0.59 -8.71
CA LEU A 112 -9.23 -1.82 -9.44
C LEU A 112 -9.60 -3.02 -8.55
N ASP A 113 -10.54 -3.85 -9.01
CA ASP A 113 -10.77 -5.20 -8.48
C ASP A 113 -9.61 -6.11 -8.83
N GLU A 114 -9.55 -7.27 -8.19
CA GLU A 114 -8.37 -8.12 -8.04
C GLU A 114 -7.96 -8.76 -9.35
N GLN A 115 -8.88 -9.51 -9.98
CA GLN A 115 -8.74 -10.10 -11.29
C GLN A 115 -8.28 -9.03 -12.28
N ALA A 116 -8.96 -7.88 -12.22
CA ALA A 116 -8.87 -6.81 -13.18
C ALA A 116 -7.61 -5.94 -12.95
N TYR A 117 -7.07 -5.91 -11.73
CA TYR A 117 -5.77 -5.38 -11.34
C TYR A 117 -4.66 -6.22 -11.96
N GLN A 118 -4.83 -7.55 -11.97
CA GLN A 118 -3.90 -8.43 -12.61
C GLN A 118 -3.88 -8.15 -14.12
N GLU A 119 -5.04 -8.14 -14.77
CA GLU A 119 -5.24 -7.72 -16.16
C GLU A 119 -4.45 -6.43 -16.46
N PHE A 120 -4.55 -5.44 -15.57
CA PHE A 120 -3.86 -4.15 -15.68
C PHE A 120 -2.34 -4.30 -15.91
N CYS A 121 -1.73 -5.32 -15.30
CA CYS A 121 -0.30 -5.60 -15.35
C CYS A 121 0.16 -6.27 -16.65
N ALA A 122 -0.77 -6.91 -17.36
CA ALA A 122 -0.56 -7.35 -18.74
C ALA A 122 -0.75 -6.16 -19.68
N GLN A 123 -1.79 -5.37 -19.41
CA GLN A 123 -2.16 -4.14 -20.09
C GLN A 123 -1.20 -2.99 -19.71
N GLU A 124 0.05 -3.27 -19.32
CA GLU A 124 1.08 -2.32 -18.91
C GLU A 124 2.22 -2.40 -19.90
N MET A 1 -19.16 -4.35 3.43
CA MET A 1 -18.80 -5.35 4.44
C MET A 1 -17.49 -6.03 4.01
N LYS A 2 -16.35 -5.74 4.68
CA LYS A 2 -15.06 -6.46 4.64
C LYS A 2 -14.58 -6.90 3.24
N MET A 3 -13.65 -6.15 2.63
CA MET A 3 -13.28 -6.22 1.21
C MET A 3 -11.82 -5.83 0.97
N LYS A 4 -11.29 -6.06 -0.24
CA LYS A 4 -9.91 -5.72 -0.63
C LYS A 4 -9.85 -5.25 -2.08
N LYS A 5 -9.49 -3.97 -2.31
CA LYS A 5 -9.21 -3.42 -3.65
C LYS A 5 -7.74 -3.05 -3.86
N TYR A 6 -7.40 -2.55 -5.05
CA TYR A 6 -6.03 -2.33 -5.54
C TYR A 6 -5.95 -1.00 -6.31
N THR A 7 -4.76 -0.44 -6.51
CA THR A 7 -4.56 0.80 -7.24
C THR A 7 -3.55 0.58 -8.37
N LYS A 8 -3.40 1.63 -9.17
CA LYS A 8 -2.67 1.64 -10.44
C LYS A 8 -1.20 2.01 -10.21
N THR A 9 -0.70 1.92 -8.98
CA THR A 9 0.73 2.04 -8.69
C THR A 9 1.09 0.93 -7.69
N HIS A 10 0.82 -0.32 -8.08
CA HIS A 10 1.22 -1.53 -7.36
C HIS A 10 0.97 -1.45 -5.86
N GLU A 11 -0.25 -1.11 -5.44
CA GLU A 11 -0.66 -1.10 -4.03
C GLU A 11 -1.96 -1.90 -3.92
N TRP A 12 -2.17 -2.52 -2.76
CA TRP A 12 -3.42 -3.16 -2.36
C TRP A 12 -3.94 -2.54 -1.07
N VAL A 13 -5.21 -2.77 -0.78
CA VAL A 13 -5.98 -2.06 0.24
C VAL A 13 -6.91 -3.08 0.92
N SER A 14 -6.90 -3.20 2.25
CA SER A 14 -7.54 -4.23 3.06
C SER A 14 -8.58 -3.59 3.98
N ILE A 15 -9.72 -3.22 3.41
CA ILE A 15 -10.83 -2.59 4.09
C ILE A 15 -11.54 -3.63 4.94
N GLU A 16 -11.23 -3.69 6.22
CA GLU A 16 -11.89 -4.66 7.10
C GLU A 16 -13.17 -4.09 7.70
N ASP A 17 -13.08 -2.94 8.40
CA ASP A 17 -14.18 -2.46 9.25
C ASP A 17 -14.40 -0.95 9.02
N LYS A 18 -13.53 -0.08 9.55
CA LYS A 18 -13.43 1.34 9.17
C LYS A 18 -12.00 1.69 8.77
N VAL A 19 -11.08 0.73 8.75
CA VAL A 19 -9.67 0.96 8.47
C VAL A 19 -9.26 0.01 7.37
N ALA A 20 -8.38 0.51 6.49
CA ALA A 20 -7.86 -0.18 5.34
C ALA A 20 -6.35 -0.32 5.49
N THR A 21 -5.88 -1.54 5.73
CA THR A 21 -4.45 -1.82 5.70
C THR A 21 -3.97 -1.68 4.25
N VAL A 22 -2.77 -1.17 4.02
CA VAL A 22 -2.11 -1.01 2.73
C VAL A 22 -0.86 -1.84 2.63
N GLY A 23 -0.45 -2.26 1.42
CA GLY A 23 0.92 -2.70 1.15
C GLY A 23 1.18 -2.63 -0.34
N ILE A 24 2.45 -2.61 -0.78
CA ILE A 24 2.74 -2.77 -2.20
C ILE A 24 2.50 -4.23 -2.60
N THR A 25 2.10 -4.48 -3.84
CA THR A 25 1.91 -5.82 -4.38
C THR A 25 3.25 -6.48 -4.74
N ASN A 26 3.23 -7.78 -5.06
CA ASN A 26 4.43 -8.60 -5.27
C ASN A 26 5.27 -8.11 -6.46
N HIS A 27 4.64 -7.57 -7.50
CA HIS A 27 5.35 -7.04 -8.67
C HIS A 27 6.31 -5.91 -8.28
N ALA A 28 6.06 -5.20 -7.18
CA ALA A 28 6.95 -4.17 -6.68
C ALA A 28 8.21 -4.77 -6.06
N GLN A 29 8.06 -5.78 -5.19
CA GLN A 29 9.22 -6.39 -4.55
C GLN A 29 10.11 -7.08 -5.60
N GLU A 30 9.54 -7.55 -6.72
CA GLU A 30 10.25 -8.23 -7.78
C GLU A 30 11.29 -7.32 -8.45
N GLN A 31 11.07 -6.00 -8.45
CA GLN A 31 11.99 -5.02 -9.01
C GLN A 31 13.02 -4.55 -7.98
N LEU A 32 12.57 -4.05 -6.82
CA LEU A 32 13.47 -3.53 -5.78
C LEU A 32 14.38 -4.64 -5.27
N GLY A 33 13.83 -5.83 -5.02
CA GLY A 33 14.56 -6.95 -4.43
C GLY A 33 14.80 -6.69 -2.95
N ASP A 34 16.06 -6.53 -2.61
CA ASP A 34 16.53 -6.19 -1.28
C ASP A 34 16.06 -4.79 -0.93
N VAL A 35 14.95 -4.69 -0.21
CA VAL A 35 14.62 -3.46 0.49
C VAL A 35 15.45 -3.41 1.78
N VAL A 36 15.25 -2.36 2.56
CA VAL A 36 16.23 -1.69 3.38
C VAL A 36 15.51 -0.71 4.30
N TYR A 37 14.42 -0.13 3.77
CA TYR A 37 13.64 0.88 4.49
C TYR A 37 12.29 1.11 3.81
N VAL A 38 11.30 1.63 4.55
CA VAL A 38 10.14 2.30 3.99
C VAL A 38 9.86 3.52 4.83
N ASP A 39 9.36 4.56 4.16
CA ASP A 39 8.91 5.78 4.79
C ASP A 39 7.44 5.66 5.13
N LEU A 40 7.00 6.31 6.20
CA LEU A 40 5.66 6.18 6.74
C LEU A 40 5.10 7.55 7.15
N PRO A 41 3.80 7.77 6.95
CA PRO A 41 3.12 8.97 7.39
C PRO A 41 2.79 8.89 8.88
N GLU A 42 2.25 9.98 9.42
CA GLU A 42 1.93 10.10 10.84
C GLU A 42 0.52 9.55 11.11
N VAL A 43 0.30 8.97 12.29
CA VAL A 43 -0.87 8.23 12.77
C VAL A 43 -2.18 9.04 12.93
N GLY A 44 -2.25 10.22 12.33
CA GLY A 44 -3.43 11.08 12.27
C GLY A 44 -3.51 11.91 10.99
N ARG A 45 -2.61 11.69 10.02
CA ARG A 45 -2.51 12.57 8.85
C ARG A 45 -3.64 12.27 7.86
N GLU A 46 -4.30 13.28 7.28
CA GLU A 46 -5.20 13.05 6.15
C GLU A 46 -4.35 12.88 4.89
N VAL A 47 -4.77 11.99 3.99
CA VAL A 47 -4.09 11.69 2.74
C VAL A 47 -5.13 11.65 1.61
N LYS A 48 -4.70 11.33 0.39
CA LYS A 48 -5.52 11.37 -0.81
C LYS A 48 -5.33 10.05 -1.55
N LYS A 49 -6.26 9.71 -2.45
CA LYS A 49 -6.23 8.47 -3.22
C LYS A 49 -5.10 8.37 -4.25
N GLY A 50 -4.16 9.30 -4.19
CA GLY A 50 -2.83 9.23 -4.76
C GLY A 50 -2.03 10.32 -4.06
N GLU A 51 -1.19 9.95 -3.09
CA GLU A 51 -0.40 10.84 -2.26
C GLU A 51 0.87 10.08 -1.87
N VAL A 52 2.08 10.64 -1.99
CA VAL A 52 3.40 9.97 -1.86
C VAL A 52 3.75 9.52 -0.42
N VAL A 53 2.77 9.47 0.48
CA VAL A 53 2.92 9.40 1.92
C VAL A 53 3.64 8.16 2.47
N ALA A 54 4.09 7.24 1.61
CA ALA A 54 4.76 6.01 2.02
C ALA A 54 5.86 5.71 1.00
N SER A 55 6.80 6.64 0.88
CA SER A 55 7.96 6.47 0.02
C SER A 55 8.75 5.20 0.38
N ILE A 56 9.61 4.76 -0.52
CA ILE A 56 10.38 3.53 -0.38
C ILE A 56 11.81 3.90 -0.77
N GLU A 57 12.78 3.29 -0.10
CA GLU A 57 14.13 3.12 -0.61
C GLU A 57 14.42 1.62 -0.62
N SER A 58 15.48 1.23 -1.31
CA SER A 58 16.07 -0.09 -1.33
C SER A 58 17.58 0.14 -1.32
N VAL A 59 18.35 -0.93 -1.39
CA VAL A 59 19.81 -0.93 -1.39
C VAL A 59 20.37 0.03 -2.45
N LYS A 60 19.62 0.34 -3.51
CA LYS A 60 20.05 1.28 -4.55
C LYS A 60 18.92 1.92 -5.36
N ALA A 61 17.65 1.85 -4.96
CA ALA A 61 16.51 2.37 -5.71
C ALA A 61 15.51 3.05 -4.77
N ALA A 62 14.54 3.78 -5.31
CA ALA A 62 13.41 4.32 -4.54
C ALA A 62 12.09 4.14 -5.30
N ALA A 63 10.96 4.30 -4.60
CA ALA A 63 9.62 4.31 -5.18
C ALA A 63 8.67 5.12 -4.30
N ASP A 64 8.08 6.21 -4.81
CA ASP A 64 6.97 6.92 -4.16
C ASP A 64 5.76 5.97 -4.22
N VAL A 65 5.20 5.53 -3.09
CA VAL A 65 3.90 4.86 -3.10
C VAL A 65 2.83 5.95 -3.11
N TYR A 66 1.95 5.99 -4.11
CA TYR A 66 0.80 6.89 -4.08
C TYR A 66 -0.37 6.19 -3.39
N ALA A 67 -0.72 6.68 -2.20
CA ALA A 67 -1.78 6.21 -1.31
C ALA A 67 -3.09 5.85 -2.01
N PRO A 68 -3.94 5.00 -1.42
CA PRO A 68 -5.00 4.37 -2.19
C PRO A 68 -6.37 5.05 -2.11
N LEU A 69 -6.75 5.65 -0.98
CA LEU A 69 -8.03 6.33 -0.76
C LEU A 69 -7.74 7.64 -0.02
N SER A 70 -8.73 8.52 0.10
CA SER A 70 -8.60 9.87 0.62
C SER A 70 -9.07 9.97 2.07
N GLY A 71 -8.33 9.29 2.92
CA GLY A 71 -8.70 8.94 4.29
C GLY A 71 -7.67 9.46 5.29
N LYS A 72 -7.72 8.98 6.55
CA LYS A 72 -6.83 9.44 7.61
C LYS A 72 -5.98 8.32 8.15
N ILE A 73 -4.66 8.48 8.13
CA ILE A 73 -3.74 7.47 8.67
C ILE A 73 -4.07 7.29 10.16
N VAL A 74 -4.00 6.06 10.64
CA VAL A 74 -4.24 5.69 12.04
C VAL A 74 -3.36 4.52 12.47
N GLU A 75 -2.57 3.91 11.58
CA GLU A 75 -1.53 2.96 11.95
C GLU A 75 -0.48 2.91 10.84
N VAL A 76 0.69 2.37 11.14
CA VAL A 76 1.91 2.41 10.33
C VAL A 76 2.66 1.11 10.65
N ASN A 77 3.36 0.47 9.69
CA ASN A 77 3.99 -0.82 9.98
C ASN A 77 5.44 -0.58 10.37
N GLU A 78 5.70 -0.21 11.63
CA GLU A 78 7.04 0.08 12.09
C GLU A 78 7.97 -1.13 12.05
N LYS A 79 7.41 -2.32 11.83
CA LYS A 79 8.16 -3.54 11.54
C LYS A 79 9.01 -3.41 10.28
N LEU A 80 8.64 -2.56 9.33
CA LEU A 80 9.40 -2.37 8.09
C LEU A 80 10.63 -1.50 8.36
N ASP A 81 10.75 -0.89 9.55
CA ASP A 81 11.97 -0.20 10.00
C ASP A 81 13.03 -1.18 10.53
N THR A 82 12.70 -2.48 10.61
CA THR A 82 13.57 -3.49 11.19
C THR A 82 13.60 -4.78 10.37
N GLU A 83 12.55 -5.08 9.60
CA GLU A 83 12.48 -6.12 8.57
C GLU A 83 11.74 -5.58 7.32
N PRO A 84 12.31 -4.60 6.60
CA PRO A 84 11.77 -4.12 5.34
C PRO A 84 11.83 -5.21 4.27
N GLU A 85 12.67 -6.23 4.43
CA GLU A 85 12.68 -7.39 3.55
C GLU A 85 11.35 -8.15 3.58
N LEU A 86 10.46 -7.94 4.57
CA LEU A 86 9.18 -8.66 4.64
C LEU A 86 8.28 -8.40 3.44
N ILE A 87 8.50 -7.31 2.72
CA ILE A 87 7.78 -7.03 1.48
C ILE A 87 8.03 -8.18 0.50
N ASN A 88 9.21 -8.81 0.52
CA ASN A 88 9.50 -10.01 -0.29
C ASN A 88 8.64 -11.17 0.19
N LYS A 89 8.64 -11.34 1.50
CA LYS A 89 8.18 -12.51 2.21
C LYS A 89 6.67 -12.65 2.12
N ASP A 90 5.95 -11.56 2.38
CA ASP A 90 4.52 -11.52 2.17
C ASP A 90 4.09 -10.08 1.92
N PRO A 91 4.22 -9.58 0.68
CA PRO A 91 3.86 -8.20 0.39
C PRO A 91 2.37 -7.96 0.62
N GLU A 92 1.53 -9.01 0.64
CA GLU A 92 0.10 -8.93 0.88
C GLU A 92 -0.30 -9.58 2.21
N GLY A 93 0.66 -9.71 3.13
CA GLY A 93 0.45 -10.35 4.42
C GLY A 93 0.98 -9.42 5.50
N GLU A 94 2.16 -9.74 6.01
CA GLU A 94 2.81 -8.98 7.07
C GLU A 94 3.63 -7.81 6.49
N GLY A 95 4.02 -7.84 5.21
CA GLY A 95 4.75 -6.73 4.58
C GLY A 95 3.84 -5.56 4.15
N TRP A 96 2.80 -5.24 4.94
CA TRP A 96 1.94 -4.07 4.75
C TRP A 96 2.73 -2.78 5.04
N LEU A 97 2.29 -1.61 4.51
CA LEU A 97 2.92 -0.32 4.77
C LEU A 97 2.06 0.42 5.80
N PHE A 98 0.81 0.87 5.51
CA PHE A 98 0.15 1.68 6.56
C PHE A 98 -1.28 1.23 6.79
N LYS A 99 -2.02 1.92 7.67
CA LYS A 99 -3.45 1.74 7.83
C LYS A 99 -4.09 3.09 7.95
N MET A 100 -5.27 3.23 7.35
CA MET A 100 -5.95 4.49 7.23
C MET A 100 -7.45 4.27 7.41
N GLU A 101 -8.09 5.17 8.14
CA GLU A 101 -9.52 5.32 8.27
C GLU A 101 -10.03 5.67 6.88
N ILE A 102 -11.00 4.92 6.38
CA ILE A 102 -11.67 5.23 5.12
C ILE A 102 -12.64 6.38 5.37
N SER A 103 -12.66 7.37 4.48
CA SER A 103 -13.50 8.57 4.52
C SER A 103 -14.48 8.66 3.36
N ASP A 104 -14.34 7.82 2.32
CA ASP A 104 -15.32 7.73 1.25
C ASP A 104 -15.32 6.26 0.85
N GLU A 105 -16.02 5.39 1.57
CA GLU A 105 -16.01 3.95 1.24
C GLU A 105 -16.80 3.63 -0.03
N GLY A 106 -17.48 4.63 -0.57
CA GLY A 106 -18.02 4.63 -1.92
C GLY A 106 -16.88 4.49 -2.93
N GLU A 107 -15.83 5.33 -2.82
CA GLU A 107 -14.73 5.40 -3.78
C GLU A 107 -13.87 4.13 -3.84
N LEU A 108 -14.08 3.17 -2.95
CA LEU A 108 -13.44 1.87 -3.09
C LEU A 108 -13.88 1.23 -4.40
N GLU A 109 -15.18 1.32 -4.74
CA GLU A 109 -15.73 0.74 -5.97
C GLU A 109 -15.29 1.55 -7.20
N ASP A 110 -14.50 2.61 -7.03
CA ASP A 110 -13.84 3.30 -8.14
C ASP A 110 -12.50 2.63 -8.49
N LEU A 111 -11.94 1.85 -7.56
CA LEU A 111 -10.63 1.21 -7.65
C LEU A 111 -10.73 -0.16 -8.35
N LEU A 112 -9.57 -0.77 -8.58
CA LEU A 112 -9.43 -2.01 -9.31
C LEU A 112 -9.83 -3.19 -8.43
N ASP A 113 -10.47 -4.18 -9.06
CA ASP A 113 -10.58 -5.56 -8.61
C ASP A 113 -9.18 -6.16 -8.48
N GLU A 114 -9.08 -7.36 -7.89
CA GLU A 114 -7.83 -8.12 -7.87
C GLU A 114 -7.48 -8.61 -9.26
N GLN A 115 -8.42 -9.26 -9.97
CA GLN A 115 -8.20 -9.68 -11.33
C GLN A 115 -7.89 -8.44 -12.17
N ALA A 116 -8.69 -7.37 -12.04
CA ALA A 116 -8.52 -6.18 -12.86
C ALA A 116 -7.18 -5.49 -12.59
N TYR A 117 -6.65 -5.58 -11.37
CA TYR A 117 -5.29 -5.15 -11.05
C TYR A 117 -4.26 -6.05 -11.75
N GLN A 118 -4.49 -7.36 -11.78
CA GLN A 118 -3.69 -8.28 -12.59
C GLN A 118 -3.73 -7.82 -14.06
N GLU A 119 -4.90 -7.60 -14.67
CA GLU A 119 -4.95 -7.33 -16.10
C GLU A 119 -4.34 -5.95 -16.41
N PHE A 120 -4.31 -5.03 -15.42
CA PHE A 120 -3.59 -3.77 -15.54
C PHE A 120 -2.08 -3.99 -15.69
N CYS A 121 -1.54 -5.08 -15.12
CA CYS A 121 -0.12 -5.41 -15.28
C CYS A 121 0.17 -5.81 -16.72
N ALA A 122 -0.81 -6.41 -17.40
CA ALA A 122 -0.67 -6.83 -18.79
C ALA A 122 -0.48 -5.64 -19.73
N GLN A 123 -0.83 -4.43 -19.29
CA GLN A 123 -0.68 -3.16 -19.96
C GLN A 123 0.59 -2.43 -19.51
N GLU A 124 1.39 -2.96 -18.59
CA GLU A 124 2.58 -2.27 -18.10
C GLU A 124 3.80 -2.68 -18.91
N MET A 1 -18.84 -5.31 4.24
CA MET A 1 -18.24 -6.66 4.17
C MET A 1 -16.77 -6.52 3.77
N LYS A 2 -15.88 -7.39 4.28
CA LYS A 2 -14.44 -7.30 4.05
C LYS A 2 -14.12 -7.26 2.55
N MET A 3 -13.48 -6.19 2.07
CA MET A 3 -13.21 -5.94 0.66
C MET A 3 -11.75 -5.56 0.50
N LYS A 4 -11.12 -5.95 -0.60
CA LYS A 4 -9.70 -5.73 -0.85
C LYS A 4 -9.52 -5.38 -2.31
N LYS A 5 -9.38 -4.09 -2.60
CA LYS A 5 -9.16 -3.58 -3.96
C LYS A 5 -7.68 -3.25 -4.12
N TYR A 6 -7.27 -2.79 -5.30
CA TYR A 6 -5.88 -2.49 -5.66
C TYR A 6 -5.87 -1.27 -6.57
N THR A 7 -4.70 -0.75 -6.94
CA THR A 7 -4.57 0.48 -7.73
C THR A 7 -3.58 0.33 -8.89
N LYS A 8 -3.18 1.47 -9.45
CA LYS A 8 -2.16 1.66 -10.46
C LYS A 8 -0.77 1.62 -9.86
N THR A 9 -0.63 2.07 -8.61
CA THR A 9 0.68 2.33 -8.04
C THR A 9 1.28 1.06 -7.40
N HIS A 10 0.94 -0.12 -7.90
CA HIS A 10 1.32 -1.43 -7.35
C HIS A 10 1.15 -1.56 -5.82
N GLU A 11 0.24 -0.83 -5.20
CA GLU A 11 -0.37 -1.02 -3.88
C GLU A 11 -1.55 -2.00 -3.92
N TRP A 12 -1.96 -2.45 -2.74
CA TRP A 12 -3.23 -3.11 -2.43
C TRP A 12 -3.93 -2.34 -1.31
N VAL A 13 -5.19 -2.69 -1.05
CA VAL A 13 -6.05 -2.09 -0.04
C VAL A 13 -6.78 -3.25 0.64
N SER A 14 -7.00 -3.19 1.96
CA SER A 14 -7.62 -4.25 2.74
C SER A 14 -8.60 -3.65 3.74
N ILE A 15 -9.83 -3.47 3.32
CA ILE A 15 -10.87 -2.82 4.09
C ILE A 15 -11.62 -3.94 4.80
N GLU A 16 -11.16 -4.29 6.00
CA GLU A 16 -11.88 -5.26 6.83
C GLU A 16 -13.18 -4.59 7.29
N ASP A 17 -13.04 -3.59 8.18
CA ASP A 17 -14.16 -2.87 8.77
C ASP A 17 -14.12 -1.46 8.17
N LYS A 18 -13.54 -0.48 8.86
CA LYS A 18 -13.45 0.91 8.43
C LYS A 18 -12.00 1.37 8.37
N VAL A 19 -11.07 0.42 8.47
CA VAL A 19 -9.65 0.62 8.36
C VAL A 19 -9.24 -0.18 7.14
N ALA A 20 -8.66 0.51 6.16
CA ALA A 20 -7.97 -0.12 5.05
C ALA A 20 -6.50 -0.22 5.40
N THR A 21 -5.97 -1.44 5.36
CA THR A 21 -4.53 -1.65 5.30
C THR A 21 -4.06 -1.35 3.87
N VAL A 22 -3.03 -0.51 3.75
CA VAL A 22 -2.26 -0.27 2.54
C VAL A 22 -0.93 -1.05 2.66
N GLY A 23 -0.52 -1.75 1.62
CA GLY A 23 0.84 -2.23 1.42
C GLY A 23 1.14 -2.23 -0.08
N ILE A 24 2.39 -2.49 -0.49
CA ILE A 24 2.69 -2.72 -1.91
C ILE A 24 2.53 -4.20 -2.22
N THR A 25 2.13 -4.48 -3.45
CA THR A 25 1.94 -5.83 -3.95
C THR A 25 3.28 -6.50 -4.28
N ASN A 26 3.24 -7.80 -4.53
CA ASN A 26 4.38 -8.59 -4.98
C ASN A 26 5.06 -7.97 -6.22
N HIS A 27 4.28 -7.45 -7.16
CA HIS A 27 4.83 -6.86 -8.40
C HIS A 27 5.78 -5.68 -8.14
N ALA A 28 5.73 -5.08 -6.95
CA ALA A 28 6.63 -4.01 -6.57
C ALA A 28 7.95 -4.57 -6.04
N GLN A 29 7.92 -5.50 -5.06
CA GLN A 29 9.14 -6.16 -4.59
C GLN A 29 9.85 -6.93 -5.72
N GLU A 30 9.11 -7.27 -6.78
CA GLU A 30 9.60 -7.91 -8.00
C GLU A 30 10.63 -7.09 -8.76
N GLN A 31 10.74 -5.79 -8.48
CA GLN A 31 11.75 -4.92 -9.08
C GLN A 31 12.77 -4.49 -8.03
N LEU A 32 12.29 -3.97 -6.89
CA LEU A 32 13.20 -3.41 -5.89
C LEU A 32 14.10 -4.51 -5.30
N GLY A 33 13.53 -5.70 -5.14
CA GLY A 33 14.17 -6.84 -4.51
C GLY A 33 14.42 -6.56 -3.06
N ASP A 34 15.67 -6.71 -2.65
CA ASP A 34 16.15 -6.46 -1.31
C ASP A 34 15.95 -4.97 -1.05
N VAL A 35 15.06 -4.63 -0.13
CA VAL A 35 14.94 -3.27 0.38
C VAL A 35 15.90 -3.13 1.57
N VAL A 36 15.72 -2.09 2.37
CA VAL A 36 16.72 -1.45 3.19
C VAL A 36 16.00 -0.43 4.06
N TYR A 37 14.99 0.26 3.50
CA TYR A 37 14.29 1.31 4.24
C TYR A 37 12.88 1.51 3.73
N VAL A 38 11.99 1.97 4.61
CA VAL A 38 10.65 2.38 4.27
C VAL A 38 10.36 3.64 5.06
N ASP A 39 9.90 4.67 4.35
CA ASP A 39 9.29 5.83 4.94
C ASP A 39 7.91 5.46 5.47
N LEU A 40 7.54 5.88 6.68
CA LEU A 40 6.24 5.61 7.26
C LEU A 40 5.64 6.93 7.77
N PRO A 41 4.33 7.16 7.56
CA PRO A 41 3.66 8.40 7.97
C PRO A 41 3.42 8.50 9.49
N GLU A 42 2.84 9.62 9.90
CA GLU A 42 2.31 9.81 11.26
C GLU A 42 0.88 9.28 11.37
N VAL A 43 0.34 9.13 12.58
CA VAL A 43 -0.85 8.31 12.88
C VAL A 43 -2.14 9.15 12.98
N GLY A 44 -2.07 10.32 12.37
CA GLY A 44 -3.06 11.38 12.30
C GLY A 44 -2.88 12.23 11.03
N ARG A 45 -2.05 11.77 10.09
CA ARG A 45 -1.80 12.45 8.83
C ARG A 45 -2.98 12.19 7.90
N GLU A 46 -3.53 13.21 7.25
CA GLU A 46 -4.56 13.00 6.24
C GLU A 46 -3.87 12.74 4.89
N VAL A 47 -4.45 11.88 4.06
CA VAL A 47 -3.96 11.50 2.75
C VAL A 47 -5.07 11.60 1.71
N LYS A 48 -4.70 11.59 0.43
CA LYS A 48 -5.57 11.49 -0.71
C LYS A 48 -5.24 10.21 -1.46
N LYS A 49 -6.07 9.85 -2.43
CA LYS A 49 -5.96 8.74 -3.37
C LYS A 49 -4.71 8.67 -4.25
N GLY A 50 -3.68 9.43 -3.95
CA GLY A 50 -2.36 9.23 -4.51
C GLY A 50 -1.26 9.90 -3.69
N GLU A 51 -1.36 9.94 -2.36
CA GLU A 51 -0.42 10.68 -1.52
C GLU A 51 0.80 9.80 -1.20
N VAL A 52 2.01 10.18 -1.67
CA VAL A 52 3.31 9.49 -1.59
C VAL A 52 3.88 9.27 -0.16
N VAL A 53 3.01 9.21 0.84
CA VAL A 53 3.34 9.24 2.26
C VAL A 53 4.05 7.99 2.81
N ALA A 54 4.58 7.09 1.98
CA ALA A 54 5.24 5.87 2.47
C ALA A 54 6.27 5.38 1.45
N SER A 55 7.07 6.31 0.94
CA SER A 55 8.17 6.04 0.00
C SER A 55 9.06 4.88 0.48
N ILE A 56 9.59 4.09 -0.44
CA ILE A 56 10.32 2.87 -0.15
C ILE A 56 11.64 2.99 -0.88
N GLU A 57 12.72 3.26 -0.15
CA GLU A 57 14.03 3.29 -0.74
C GLU A 57 14.61 1.91 -0.55
N SER A 58 15.16 1.32 -1.58
CA SER A 58 15.81 0.01 -1.52
C SER A 58 17.33 0.19 -1.56
N VAL A 59 18.04 -0.94 -1.64
CA VAL A 59 19.48 -1.04 -1.72
C VAL A 59 20.09 -0.09 -2.76
N LYS A 60 19.35 0.26 -3.81
CA LYS A 60 19.79 1.24 -4.80
C LYS A 60 18.65 1.89 -5.62
N ALA A 61 17.39 1.80 -5.21
CA ALA A 61 16.25 2.42 -5.91
C ALA A 61 15.34 3.14 -4.91
N ALA A 62 14.26 3.74 -5.41
CA ALA A 62 13.20 4.40 -4.65
C ALA A 62 11.84 4.17 -5.32
N ALA A 63 10.80 3.89 -4.54
CA ALA A 63 9.44 3.70 -4.99
C ALA A 63 8.50 4.45 -4.05
N ASP A 64 7.94 5.55 -4.52
CA ASP A 64 6.88 6.29 -3.85
C ASP A 64 5.70 5.32 -3.60
N VAL A 65 4.99 5.43 -2.46
CA VAL A 65 3.75 4.70 -2.22
C VAL A 65 2.61 5.69 -2.10
N TYR A 66 1.69 5.67 -3.06
CA TYR A 66 0.73 6.71 -3.28
C TYR A 66 -0.65 6.25 -2.80
N ALA A 67 -1.02 6.68 -1.60
CA ALA A 67 -2.13 6.13 -0.83
C ALA A 67 -3.35 5.86 -1.71
N PRO A 68 -4.02 4.71 -1.60
CA PRO A 68 -4.96 4.28 -2.61
C PRO A 68 -6.27 5.07 -2.57
N LEU A 69 -6.65 5.65 -1.42
CA LEU A 69 -7.89 6.40 -1.23
C LEU A 69 -7.61 7.59 -0.31
N SER A 70 -8.56 8.52 -0.25
CA SER A 70 -8.48 9.72 0.57
C SER A 70 -9.06 9.38 1.94
N GLY A 71 -8.29 9.59 3.00
CA GLY A 71 -8.64 9.18 4.36
C GLY A 71 -7.58 9.72 5.30
N LYS A 72 -7.47 9.16 6.51
CA LYS A 72 -6.46 9.61 7.47
C LYS A 72 -5.76 8.40 8.07
N ILE A 73 -4.43 8.44 8.06
CA ILE A 73 -3.56 7.45 8.67
C ILE A 73 -3.89 7.36 10.16
N VAL A 74 -3.65 6.19 10.74
CA VAL A 74 -4.19 5.82 12.05
C VAL A 74 -3.50 4.57 12.55
N GLU A 75 -2.81 3.86 11.68
CA GLU A 75 -1.94 2.81 12.10
C GLU A 75 -0.75 2.80 11.14
N VAL A 76 0.41 2.33 11.56
CA VAL A 76 1.63 2.32 10.77
C VAL A 76 2.38 1.03 11.08
N ASN A 77 2.95 0.38 10.06
CA ASN A 77 3.59 -0.91 10.23
C ASN A 77 5.03 -0.67 10.63
N GLU A 78 5.28 -0.57 11.92
CA GLU A 78 6.60 -0.26 12.47
C GLU A 78 7.62 -1.36 12.13
N LYS A 79 7.15 -2.48 11.57
CA LYS A 79 7.97 -3.58 11.12
C LYS A 79 8.88 -3.09 10.01
N LEU A 80 8.39 -2.32 9.02
CA LEU A 80 9.20 -2.03 7.86
C LEU A 80 10.41 -1.14 8.15
N ASP A 81 10.46 -0.49 9.32
CA ASP A 81 11.61 0.27 9.80
C ASP A 81 12.84 -0.62 9.99
N THR A 82 12.65 -1.90 10.33
CA THR A 82 13.75 -2.82 10.62
C THR A 82 13.64 -4.19 9.96
N GLU A 83 12.51 -4.51 9.33
CA GLU A 83 12.39 -5.55 8.33
C GLU A 83 11.65 -4.97 7.11
N PRO A 84 12.31 -4.07 6.36
CA PRO A 84 11.83 -3.61 5.07
C PRO A 84 11.79 -4.77 4.08
N GLU A 85 12.47 -5.89 4.39
CA GLU A 85 12.37 -7.12 3.62
C GLU A 85 11.00 -7.76 3.73
N LEU A 86 10.18 -7.46 4.74
CA LEU A 86 8.93 -8.20 4.89
C LEU A 86 7.96 -7.96 3.75
N ILE A 87 8.17 -6.91 2.97
CA ILE A 87 7.46 -6.72 1.73
C ILE A 87 7.79 -7.83 0.73
N ASN A 88 8.99 -8.43 0.76
CA ASN A 88 9.28 -9.61 -0.06
C ASN A 88 8.52 -10.81 0.48
N LYS A 89 8.70 -11.06 1.78
CA LYS A 89 8.23 -12.24 2.49
C LYS A 89 6.70 -12.36 2.45
N ASP A 90 5.99 -11.26 2.65
CA ASP A 90 4.54 -11.21 2.66
C ASP A 90 4.11 -9.78 2.32
N PRO A 91 4.21 -9.35 1.05
CA PRO A 91 3.82 -8.00 0.66
C PRO A 91 2.39 -7.69 1.07
N GLU A 92 1.52 -8.70 1.12
CA GLU A 92 0.09 -8.57 1.28
C GLU A 92 -0.39 -8.94 2.70
N GLY A 93 0.53 -9.24 3.62
CA GLY A 93 0.21 -9.72 4.95
C GLY A 93 0.89 -8.89 6.03
N GLU A 94 2.12 -9.22 6.38
CA GLU A 94 2.89 -8.51 7.40
C GLU A 94 3.81 -7.45 6.79
N GLY A 95 3.92 -7.37 5.46
CA GLY A 95 4.62 -6.32 4.73
C GLY A 95 3.68 -5.19 4.32
N TRP A 96 2.56 -4.97 5.03
CA TRP A 96 1.78 -3.75 4.90
C TRP A 96 2.65 -2.54 5.28
N LEU A 97 2.29 -1.33 4.85
CA LEU A 97 3.05 -0.14 5.20
C LEU A 97 2.30 0.66 6.24
N PHE A 98 1.04 1.02 5.98
CA PHE A 98 0.25 1.79 6.93
C PHE A 98 -1.21 1.41 6.82
N LYS A 99 -2.01 1.85 7.78
CA LYS A 99 -3.45 1.69 7.77
C LYS A 99 -4.05 3.05 8.02
N MET A 100 -5.25 3.22 7.48
CA MET A 100 -5.94 4.48 7.49
C MET A 100 -7.41 4.20 7.67
N GLU A 101 -8.08 5.11 8.38
CA GLU A 101 -9.51 5.24 8.32
C GLU A 101 -9.86 5.64 6.88
N ILE A 102 -10.79 4.91 6.27
CA ILE A 102 -11.38 5.27 4.98
C ILE A 102 -12.48 6.30 5.22
N SER A 103 -12.51 7.35 4.39
CA SER A 103 -13.62 8.28 4.28
C SER A 103 -14.49 7.98 3.05
N ASP A 104 -13.94 7.28 2.07
CA ASP A 104 -14.55 7.05 0.78
C ASP A 104 -14.36 5.61 0.31
N GLU A 105 -14.97 4.70 1.08
CA GLU A 105 -15.30 3.33 0.70
C GLU A 105 -16.15 3.24 -0.60
N GLY A 106 -16.55 4.39 -1.15
CA GLY A 106 -17.30 4.50 -2.39
C GLY A 106 -16.38 4.71 -3.59
N GLU A 107 -15.17 5.27 -3.42
CA GLU A 107 -14.20 5.38 -4.51
C GLU A 107 -13.54 4.03 -4.79
N LEU A 108 -13.82 2.99 -4.00
CA LEU A 108 -13.38 1.62 -4.26
C LEU A 108 -13.82 1.16 -5.65
N GLU A 109 -14.84 1.78 -6.23
CA GLU A 109 -15.37 1.48 -7.55
C GLU A 109 -14.47 1.97 -8.69
N ASP A 110 -13.59 2.94 -8.43
CA ASP A 110 -12.53 3.40 -9.35
C ASP A 110 -11.32 2.47 -9.27
N LEU A 111 -11.18 1.79 -8.13
CA LEU A 111 -10.04 0.94 -7.87
C LEU A 111 -10.30 -0.43 -8.48
N LEU A 112 -9.24 -1.16 -8.76
CA LEU A 112 -9.32 -2.44 -9.40
C LEU A 112 -9.79 -3.45 -8.38
N ASP A 113 -10.75 -4.28 -8.76
CA ASP A 113 -10.91 -5.57 -8.13
C ASP A 113 -9.67 -6.43 -8.33
N GLU A 114 -9.73 -7.61 -7.77
CA GLU A 114 -8.59 -8.49 -7.63
C GLU A 114 -8.20 -9.12 -8.97
N GLN A 115 -9.19 -9.49 -9.78
CA GLN A 115 -8.97 -9.94 -11.12
C GLN A 115 -8.46 -8.76 -11.97
N ALA A 116 -9.18 -7.64 -11.86
CA ALA A 116 -8.94 -6.39 -12.59
C ALA A 116 -7.53 -5.86 -12.34
N TYR A 117 -7.00 -6.06 -11.13
CA TYR A 117 -5.65 -5.68 -10.75
C TYR A 117 -4.58 -6.41 -11.57
N GLN A 118 -4.79 -7.69 -11.90
CA GLN A 118 -3.88 -8.42 -12.78
C GLN A 118 -4.07 -7.94 -14.21
N GLU A 119 -5.32 -7.82 -14.63
CA GLU A 119 -5.72 -7.33 -15.93
C GLU A 119 -5.00 -6.02 -16.27
N PHE A 120 -4.97 -5.07 -15.33
CA PHE A 120 -4.26 -3.82 -15.50
C PHE A 120 -2.77 -4.03 -15.74
N CYS A 121 -2.09 -4.90 -15.00
CA CYS A 121 -0.65 -5.08 -15.12
C CYS A 121 -0.24 -5.66 -16.50
N ALA A 122 -1.16 -6.27 -17.25
CA ALA A 122 -0.91 -6.68 -18.63
C ALA A 122 -0.96 -5.50 -19.61
N GLN A 123 -1.61 -4.40 -19.24
CA GLN A 123 -1.78 -3.20 -20.05
C GLN A 123 -1.17 -1.96 -19.37
N GLU A 124 -0.16 -2.17 -18.53
CA GLU A 124 0.55 -1.15 -17.77
C GLU A 124 1.77 -0.64 -18.55
N MET A 1 -17.36 -4.71 3.94
CA MET A 1 -16.41 -5.28 4.90
C MET A 1 -15.54 -6.34 4.23
N LYS A 2 -14.36 -6.60 4.79
CA LYS A 2 -13.42 -7.66 4.44
C LYS A 2 -13.08 -7.74 2.95
N MET A 3 -12.70 -6.61 2.34
CA MET A 3 -12.66 -6.41 0.89
C MET A 3 -11.39 -5.67 0.45
N LYS A 4 -10.70 -6.18 -0.58
CA LYS A 4 -9.37 -5.73 -1.02
C LYS A 4 -9.38 -5.25 -2.48
N LYS A 5 -9.50 -3.93 -2.66
CA LYS A 5 -9.22 -3.27 -3.93
C LYS A 5 -7.70 -3.15 -4.14
N TYR A 6 -7.26 -2.57 -5.26
CA TYR A 6 -5.86 -2.40 -5.64
C TYR A 6 -5.63 -1.05 -6.32
N THR A 7 -4.39 -0.72 -6.71
CA THR A 7 -4.10 0.53 -7.42
C THR A 7 -3.13 0.28 -8.59
N LYS A 8 -2.92 1.37 -9.34
CA LYS A 8 -2.02 1.44 -10.48
C LYS A 8 -0.56 1.49 -10.02
N THR A 9 -0.21 2.14 -8.90
CA THR A 9 1.13 2.02 -8.33
C THR A 9 1.19 0.75 -7.46
N HIS A 10 0.79 -0.41 -8.02
CA HIS A 10 1.06 -1.74 -7.45
C HIS A 10 0.88 -1.81 -5.92
N GLU A 11 -0.29 -1.37 -5.44
CA GLU A 11 -0.73 -1.52 -4.06
C GLU A 11 -1.93 -2.44 -4.05
N TRP A 12 -2.14 -3.10 -2.90
CA TRP A 12 -3.43 -3.64 -2.49
C TRP A 12 -3.95 -2.77 -1.34
N VAL A 13 -5.24 -2.89 -1.08
CA VAL A 13 -5.95 -2.27 0.03
C VAL A 13 -6.65 -3.40 0.77
N SER A 14 -7.11 -3.20 2.00
CA SER A 14 -7.76 -4.25 2.80
C SER A 14 -8.78 -3.62 3.73
N ILE A 15 -9.94 -3.25 3.20
CA ILE A 15 -11.05 -2.66 3.96
C ILE A 15 -11.65 -3.76 4.79
N GLU A 16 -11.19 -3.88 6.04
CA GLU A 16 -11.72 -4.82 7.00
C GLU A 16 -13.09 -4.29 7.42
N ASP A 17 -13.13 -3.12 8.06
CA ASP A 17 -14.33 -2.60 8.71
C ASP A 17 -14.52 -1.13 8.35
N LYS A 18 -13.89 -0.22 9.09
CA LYS A 18 -13.83 1.23 8.87
C LYS A 18 -12.39 1.68 8.68
N VAL A 19 -11.45 0.74 8.78
CA VAL A 19 -10.04 0.92 8.54
C VAL A 19 -9.74 0.02 7.35
N ALA A 20 -8.89 0.49 6.45
CA ALA A 20 -8.21 -0.34 5.49
C ALA A 20 -6.79 -0.58 5.94
N THR A 21 -6.18 -1.61 5.37
CA THR A 21 -4.74 -1.80 5.41
C THR A 21 -4.23 -1.59 3.98
N VAL A 22 -3.01 -1.10 3.85
CA VAL A 22 -2.18 -0.98 2.67
C VAL A 22 -0.96 -1.86 2.71
N GLY A 23 -0.54 -2.37 1.56
CA GLY A 23 0.82 -2.80 1.28
C GLY A 23 0.99 -2.78 -0.24
N ILE A 24 2.23 -2.93 -0.71
CA ILE A 24 2.45 -3.12 -2.14
C ILE A 24 2.22 -4.58 -2.50
N THR A 25 1.91 -4.86 -3.77
CA THR A 25 1.70 -6.21 -4.26
C THR A 25 3.05 -6.92 -4.48
N ASN A 26 3.04 -8.24 -4.67
CA ASN A 26 4.24 -9.05 -4.88
C ASN A 26 4.93 -8.67 -6.20
N HIS A 27 4.20 -8.13 -7.18
CA HIS A 27 4.76 -7.44 -8.35
C HIS A 27 5.80 -6.40 -7.92
N ALA A 28 5.48 -5.57 -6.94
CA ALA A 28 6.32 -4.44 -6.61
C ALA A 28 7.68 -4.85 -6.05
N GLN A 29 7.70 -5.84 -5.14
CA GLN A 29 8.95 -6.33 -4.55
C GLN A 29 9.86 -6.92 -5.62
N GLU A 30 9.31 -7.37 -6.75
CA GLU A 30 9.99 -7.94 -7.90
C GLU A 30 10.92 -6.92 -8.58
N GLN A 31 10.66 -5.62 -8.42
CA GLN A 31 11.45 -4.58 -9.06
C GLN A 31 12.51 -3.99 -8.13
N LEU A 32 12.15 -3.76 -6.86
CA LEU A 32 13.07 -3.17 -5.89
C LEU A 32 13.99 -4.22 -5.27
N GLY A 33 13.57 -5.48 -5.19
CA GLY A 33 14.39 -6.55 -4.62
C GLY A 33 14.65 -6.31 -3.14
N ASP A 34 15.92 -6.47 -2.75
CA ASP A 34 16.38 -6.19 -1.39
C ASP A 34 16.15 -4.71 -1.16
N VAL A 35 15.29 -4.41 -0.18
CA VAL A 35 15.15 -3.06 0.31
C VAL A 35 16.19 -2.85 1.42
N VAL A 36 16.06 -1.71 2.09
CA VAL A 36 16.96 -1.08 3.02
C VAL A 36 16.13 -0.20 3.95
N TYR A 37 15.07 0.45 3.44
CA TYR A 37 14.24 1.33 4.25
C TYR A 37 12.84 1.46 3.67
N VAL A 38 11.86 1.82 4.52
CA VAL A 38 10.53 2.23 4.10
C VAL A 38 10.11 3.37 5.00
N ASP A 39 9.51 4.36 4.35
CA ASP A 39 8.95 5.57 4.92
C ASP A 39 7.47 5.35 5.15
N LEU A 40 6.90 5.92 6.21
CA LEU A 40 5.51 5.71 6.61
C LEU A 40 4.91 7.05 7.06
N PRO A 41 3.59 7.24 6.97
CA PRO A 41 2.91 8.42 7.48
C PRO A 41 2.84 8.46 9.02
N GLU A 42 2.09 9.41 9.59
CA GLU A 42 1.80 9.52 11.01
C GLU A 42 0.35 9.13 11.31
N VAL A 43 0.05 8.75 12.55
CA VAL A 43 -1.17 8.06 12.98
C VAL A 43 -2.44 8.95 13.05
N GLY A 44 -2.37 10.16 12.53
CA GLY A 44 -3.48 11.08 12.37
C GLY A 44 -3.34 11.93 11.10
N ARG A 45 -2.42 11.60 10.20
CA ARG A 45 -2.24 12.34 8.94
C ARG A 45 -3.45 12.07 8.05
N GLU A 46 -4.13 13.11 7.57
CA GLU A 46 -5.10 12.94 6.48
C GLU A 46 -4.32 12.78 5.18
N VAL A 47 -4.80 11.99 4.22
CA VAL A 47 -4.16 11.76 2.91
C VAL A 47 -5.24 11.63 1.85
N LYS A 48 -4.86 11.77 0.57
CA LYS A 48 -5.74 11.44 -0.54
C LYS A 48 -5.23 10.22 -1.28
N LYS A 49 -6.08 9.71 -2.17
CA LYS A 49 -5.96 8.59 -3.11
C LYS A 49 -4.79 8.69 -4.10
N GLY A 50 -3.79 9.52 -3.85
CA GLY A 50 -2.65 9.67 -4.74
C GLY A 50 -1.44 10.36 -4.10
N GLU A 51 -1.27 10.34 -2.78
CA GLU A 51 -0.20 11.08 -2.10
C GLU A 51 0.95 10.14 -1.65
N VAL A 52 2.20 10.61 -1.70
CA VAL A 52 3.49 9.88 -1.57
C VAL A 52 3.83 9.56 -0.09
N VAL A 53 2.85 9.22 0.72
CA VAL A 53 3.04 9.18 2.17
C VAL A 53 3.79 7.94 2.69
N ALA A 54 4.29 7.06 1.82
CA ALA A 54 4.87 5.79 2.26
C ALA A 54 5.94 5.30 1.29
N SER A 55 6.93 6.14 1.02
CA SER A 55 7.99 5.83 0.08
C SER A 55 8.82 4.61 0.51
N ILE A 56 9.61 4.08 -0.43
CA ILE A 56 10.36 2.86 -0.26
C ILE A 56 11.71 3.09 -0.96
N GLU A 57 12.77 3.39 -0.22
CA GLU A 57 14.12 3.45 -0.76
C GLU A 57 14.66 2.03 -0.76
N SER A 58 15.12 1.53 -1.91
CA SER A 58 15.83 0.27 -2.05
C SER A 58 17.32 0.54 -2.23
N VAL A 59 18.10 -0.52 -2.49
CA VAL A 59 19.54 -0.48 -2.66
C VAL A 59 19.99 0.58 -3.69
N LYS A 60 19.20 0.88 -4.74
CA LYS A 60 19.48 2.06 -5.59
C LYS A 60 18.25 2.56 -6.36
N ALA A 61 17.06 2.54 -5.76
CA ALA A 61 15.88 3.17 -6.37
C ALA A 61 14.92 3.62 -5.28
N ALA A 62 13.89 4.38 -5.65
CA ALA A 62 12.84 4.86 -4.77
C ALA A 62 11.51 4.58 -5.47
N ALA A 63 10.61 3.84 -4.82
CA ALA A 63 9.19 3.85 -5.16
C ALA A 63 8.53 4.88 -4.25
N ASP A 64 7.54 5.61 -4.75
CA ASP A 64 6.63 6.44 -4.01
C ASP A 64 5.35 5.59 -3.96
N VAL A 65 4.90 5.19 -2.78
CA VAL A 65 3.57 4.58 -2.65
C VAL A 65 2.58 5.75 -2.73
N TYR A 66 1.67 5.77 -3.70
CA TYR A 66 0.69 6.84 -3.87
C TYR A 66 -0.67 6.39 -3.37
N ALA A 67 -0.96 6.77 -2.13
CA ALA A 67 -1.92 6.15 -1.23
C ALA A 67 -3.24 5.70 -1.88
N PRO A 68 -3.86 4.62 -1.39
CA PRO A 68 -4.83 3.89 -2.21
C PRO A 68 -6.22 4.51 -2.22
N LEU A 69 -6.65 5.13 -1.12
CA LEU A 69 -7.94 5.77 -0.93
C LEU A 69 -7.61 7.17 -0.42
N SER A 70 -8.60 8.04 -0.35
CA SER A 70 -8.52 9.20 0.52
C SER A 70 -8.99 8.78 1.92
N GLY A 71 -8.61 9.50 2.97
CA GLY A 71 -8.85 9.03 4.33
C GLY A 71 -7.83 9.59 5.30
N LYS A 72 -7.75 9.03 6.50
CA LYS A 72 -6.83 9.48 7.52
C LYS A 72 -6.09 8.28 8.08
N ILE A 73 -4.76 8.34 8.06
CA ILE A 73 -3.89 7.30 8.58
C ILE A 73 -4.15 7.19 10.07
N VAL A 74 -4.17 5.97 10.59
CA VAL A 74 -4.43 5.68 12.01
C VAL A 74 -3.70 4.42 12.46
N GLU A 75 -2.84 3.82 11.63
CA GLU A 75 -1.89 2.79 12.06
C GLU A 75 -0.79 2.74 10.99
N VAL A 76 0.42 2.32 11.35
CA VAL A 76 1.57 2.13 10.45
C VAL A 76 2.32 0.87 10.91
N ASN A 77 3.35 0.43 10.17
CA ASN A 77 4.02 -0.84 10.43
C ASN A 77 5.49 -0.59 10.76
N GLU A 78 5.80 -0.27 12.03
CA GLU A 78 7.18 -0.07 12.51
C GLU A 78 8.06 -1.30 12.27
N LYS A 79 7.45 -2.44 11.98
CA LYS A 79 8.09 -3.68 11.57
C LYS A 79 8.97 -3.46 10.35
N LEU A 80 8.53 -2.62 9.41
CA LEU A 80 9.22 -2.39 8.15
C LEU A 80 10.44 -1.50 8.40
N ASP A 81 10.53 -0.83 9.55
CA ASP A 81 11.72 -0.09 9.93
C ASP A 81 12.90 -1.02 10.23
N THR A 82 12.63 -2.31 10.48
CA THR A 82 13.66 -3.28 10.90
C THR A 82 13.67 -4.54 10.03
N GLU A 83 12.61 -4.82 9.27
CA GLU A 83 12.55 -5.80 8.19
C GLU A 83 11.96 -5.09 6.95
N PRO A 84 12.70 -4.19 6.32
CA PRO A 84 12.27 -3.53 5.09
C PRO A 84 12.20 -4.56 3.96
N GLU A 85 12.95 -5.67 4.08
CA GLU A 85 12.84 -6.79 3.17
C GLU A 85 11.56 -7.61 3.36
N LEU A 86 10.72 -7.42 4.40
CA LEU A 86 9.53 -8.25 4.60
C LEU A 86 8.52 -8.07 3.47
N ILE A 87 8.64 -6.99 2.70
CA ILE A 87 7.88 -6.76 1.49
C ILE A 87 8.17 -7.88 0.48
N ASN A 88 9.37 -8.47 0.48
CA ASN A 88 9.68 -9.66 -0.30
C ASN A 88 8.92 -10.84 0.27
N LYS A 89 9.02 -10.99 1.60
CA LYS A 89 8.75 -12.23 2.30
C LYS A 89 7.26 -12.46 2.57
N ASP A 90 6.44 -11.42 2.74
CA ASP A 90 4.99 -11.59 2.84
C ASP A 90 4.27 -10.27 2.53
N PRO A 91 4.35 -9.73 1.30
CA PRO A 91 3.91 -8.36 1.00
C PRO A 91 2.45 -8.07 1.30
N GLU A 92 1.61 -9.10 1.43
CA GLU A 92 0.17 -8.96 1.58
C GLU A 92 -0.32 -9.47 2.94
N GLY A 93 0.59 -9.99 3.76
CA GLY A 93 0.32 -10.47 5.10
C GLY A 93 0.91 -9.48 6.09
N GLU A 94 2.20 -9.65 6.38
CA GLU A 94 2.93 -8.91 7.40
C GLU A 94 3.72 -7.76 6.80
N GLY A 95 4.14 -7.85 5.53
CA GLY A 95 4.89 -6.78 4.87
C GLY A 95 3.96 -5.68 4.35
N TRP A 96 2.93 -5.29 5.11
CA TRP A 96 2.05 -4.16 4.83
C TRP A 96 2.77 -2.83 5.11
N LEU A 97 2.23 -1.69 4.63
CA LEU A 97 2.84 -0.39 4.91
C LEU A 97 1.96 0.34 5.93
N PHE A 98 0.70 0.75 5.60
CA PHE A 98 -0.01 1.53 6.64
C PHE A 98 -1.46 1.12 6.78
N LYS A 99 -2.21 1.80 7.65
CA LYS A 99 -3.66 1.67 7.76
C LYS A 99 -4.27 3.05 7.85
N MET A 100 -5.52 3.15 7.42
CA MET A 100 -6.22 4.41 7.33
C MET A 100 -7.71 4.17 7.55
N GLU A 101 -8.34 5.06 8.31
CA GLU A 101 -9.79 5.23 8.36
C GLU A 101 -10.24 5.56 6.94
N ILE A 102 -11.22 4.81 6.44
CA ILE A 102 -11.86 5.09 5.18
C ILE A 102 -12.95 6.13 5.40
N SER A 103 -12.60 7.39 5.15
CA SER A 103 -13.55 8.48 5.14
C SER A 103 -14.56 8.33 3.99
N ASP A 104 -14.17 7.71 2.86
CA ASP A 104 -14.94 7.76 1.63
C ASP A 104 -14.84 6.43 0.91
N GLU A 105 -15.63 5.47 1.38
CA GLU A 105 -15.82 4.15 0.79
C GLU A 105 -16.83 4.19 -0.38
N GLY A 106 -16.92 5.36 -0.99
CA GLY A 106 -17.37 5.51 -2.37
C GLY A 106 -16.25 5.50 -3.39
N GLU A 107 -15.01 5.81 -3.00
CA GLU A 107 -13.89 5.92 -3.95
C GLU A 107 -13.37 4.56 -4.42
N LEU A 108 -13.86 3.46 -3.84
CA LEU A 108 -13.44 2.10 -4.18
C LEU A 108 -13.75 1.77 -5.64
N GLU A 109 -14.70 2.50 -6.24
CA GLU A 109 -15.10 2.33 -7.64
C GLU A 109 -14.07 2.94 -8.60
N ASP A 110 -13.21 3.86 -8.15
CA ASP A 110 -12.09 4.35 -8.96
C ASP A 110 -10.91 3.39 -8.89
N LEU A 111 -10.89 2.48 -7.91
CA LEU A 111 -9.83 1.51 -7.77
C LEU A 111 -10.11 0.36 -8.72
N LEU A 112 -9.10 -0.48 -8.92
CA LEU A 112 -9.29 -1.70 -9.66
C LEU A 112 -9.96 -2.69 -8.72
N ASP A 113 -11.11 -3.24 -9.13
CA ASP A 113 -11.50 -4.56 -8.64
C ASP A 113 -10.53 -5.59 -9.23
N GLU A 114 -10.62 -6.83 -8.78
CA GLU A 114 -9.53 -7.82 -8.83
C GLU A 114 -9.16 -8.25 -10.26
N GLN A 115 -10.14 -8.47 -11.12
CA GLN A 115 -9.95 -8.77 -12.52
C GLN A 115 -9.27 -7.58 -13.23
N ALA A 116 -9.70 -6.37 -12.89
CA ALA A 116 -9.15 -5.14 -13.44
C ALA A 116 -7.74 -4.86 -12.87
N TYR A 117 -7.48 -5.24 -11.62
CA TYR A 117 -6.13 -5.20 -11.07
C TYR A 117 -5.24 -6.10 -11.89
N GLN A 118 -5.68 -7.33 -12.14
CA GLN A 118 -4.98 -8.29 -12.97
C GLN A 118 -4.66 -7.69 -14.33
N GLU A 119 -5.65 -7.07 -14.99
CA GLU A 119 -5.50 -6.34 -16.24
C GLU A 119 -4.37 -5.30 -16.16
N PHE A 120 -4.42 -4.38 -15.18
CA PHE A 120 -3.40 -3.33 -15.04
C PHE A 120 -2.03 -3.93 -14.71
N CYS A 121 -1.99 -4.99 -13.90
CA CYS A 121 -0.78 -5.70 -13.51
C CYS A 121 -0.16 -6.42 -14.70
N ALA A 122 -0.97 -6.92 -15.64
CA ALA A 122 -0.54 -7.57 -16.86
C ALA A 122 -0.03 -6.56 -17.90
N GLN A 123 -0.09 -5.25 -17.61
CA GLN A 123 0.61 -4.25 -18.40
C GLN A 123 2.03 -4.04 -17.90
N GLU A 124 2.47 -4.69 -16.82
CA GLU A 124 3.86 -4.62 -16.36
C GLU A 124 4.30 -6.00 -15.96
N MET A 1 -16.42 -2.52 4.73
CA MET A 1 -16.85 -3.92 4.64
C MET A 1 -15.59 -4.77 4.41
N LYS A 2 -15.63 -6.08 4.67
CA LYS A 2 -14.51 -6.96 4.29
C LYS A 2 -14.40 -6.97 2.76
N MET A 3 -13.53 -6.15 2.17
CA MET A 3 -13.39 -5.99 0.72
C MET A 3 -11.98 -5.49 0.37
N LYS A 4 -11.49 -5.81 -0.82
CA LYS A 4 -10.06 -5.72 -1.13
C LYS A 4 -9.86 -5.32 -2.60
N LYS A 5 -9.67 -4.02 -2.83
CA LYS A 5 -9.31 -3.47 -4.14
C LYS A 5 -7.79 -3.33 -4.31
N TYR A 6 -7.34 -2.96 -5.50
CA TYR A 6 -5.96 -2.67 -5.90
C TYR A 6 -5.88 -1.26 -6.48
N THR A 7 -4.73 -0.84 -7.02
CA THR A 7 -4.53 0.46 -7.63
C THR A 7 -3.71 0.31 -8.93
N LYS A 8 -3.46 1.43 -9.60
CA LYS A 8 -2.50 1.53 -10.69
C LYS A 8 -1.06 1.72 -10.16
N THR A 9 -0.81 1.62 -8.84
CA THR A 9 0.49 1.90 -8.24
C THR A 9 1.00 0.67 -7.49
N HIS A 10 0.82 -0.53 -8.07
CA HIS A 10 1.31 -1.82 -7.56
C HIS A 10 1.10 -1.95 -6.04
N GLU A 11 -0.16 -1.87 -5.64
CA GLU A 11 -0.60 -1.54 -4.30
C GLU A 11 -1.96 -2.20 -4.05
N TRP A 12 -2.10 -2.85 -2.89
CA TRP A 12 -3.31 -3.49 -2.44
C TRP A 12 -3.89 -2.72 -1.26
N VAL A 13 -5.18 -2.95 -1.02
CA VAL A 13 -6.01 -2.25 -0.06
C VAL A 13 -6.85 -3.33 0.61
N SER A 14 -7.00 -3.25 1.93
CA SER A 14 -7.66 -4.29 2.72
C SER A 14 -8.66 -3.64 3.66
N ILE A 15 -9.80 -3.26 3.12
CA ILE A 15 -10.87 -2.66 3.89
C ILE A 15 -11.49 -3.76 4.76
N GLU A 16 -11.80 -3.43 6.02
CA GLU A 16 -12.37 -4.34 7.00
C GLU A 16 -13.66 -3.76 7.59
N ASP A 17 -13.61 -3.05 8.71
CA ASP A 17 -14.75 -2.33 9.27
C ASP A 17 -14.81 -0.99 8.55
N LYS A 18 -14.00 -0.05 9.01
CA LYS A 18 -13.90 1.33 8.55
C LYS A 18 -12.45 1.70 8.28
N VAL A 19 -11.53 0.74 8.34
CA VAL A 19 -10.12 0.94 8.10
C VAL A 19 -9.76 0.10 6.88
N ALA A 20 -8.76 0.53 6.11
CA ALA A 20 -8.01 -0.31 5.19
C ALA A 20 -6.57 -0.41 5.70
N THR A 21 -5.96 -1.58 5.60
CA THR A 21 -4.51 -1.66 5.50
C THR A 21 -4.12 -1.35 4.05
N VAL A 22 -3.08 -0.55 3.86
CA VAL A 22 -2.34 -0.29 2.64
C VAL A 22 -1.00 -1.07 2.64
N GLY A 23 -0.64 -1.70 1.51
CA GLY A 23 0.74 -2.12 1.22
C GLY A 23 0.96 -2.34 -0.28
N ILE A 24 2.20 -2.61 -0.69
CA ILE A 24 2.53 -2.88 -2.10
C ILE A 24 2.34 -4.37 -2.42
N THR A 25 2.07 -4.70 -3.68
CA THR A 25 1.83 -6.07 -4.13
C THR A 25 3.14 -6.81 -4.41
N ASN A 26 3.05 -8.12 -4.67
CA ASN A 26 4.21 -8.95 -5.00
C ASN A 26 4.96 -8.43 -6.24
N HIS A 27 4.24 -7.90 -7.22
CA HIS A 27 4.79 -7.29 -8.43
C HIS A 27 5.80 -6.18 -8.10
N ALA A 28 5.59 -5.44 -7.01
CA ALA A 28 6.48 -4.36 -6.61
C ALA A 28 7.78 -4.90 -6.00
N GLN A 29 7.72 -5.90 -5.12
CA GLN A 29 8.93 -6.52 -4.55
C GLN A 29 9.77 -7.18 -5.64
N GLU A 30 9.14 -7.60 -6.75
CA GLU A 30 9.79 -8.19 -7.91
C GLU A 30 10.72 -7.18 -8.59
N GLN A 31 10.53 -5.88 -8.38
CA GLN A 31 11.37 -4.84 -8.95
C GLN A 31 12.35 -4.29 -7.91
N LEU A 32 11.93 -4.06 -6.66
CA LEU A 32 12.78 -3.44 -5.64
C LEU A 32 13.73 -4.42 -4.95
N GLY A 33 13.46 -5.73 -4.99
CA GLY A 33 14.31 -6.74 -4.37
C GLY A 33 14.52 -6.45 -2.89
N ASP A 34 15.77 -6.32 -2.47
CA ASP A 34 16.30 -6.62 -1.12
C ASP A 34 16.08 -5.55 -0.07
N VAL A 35 14.95 -4.86 -0.19
CA VAL A 35 14.84 -3.43 -0.15
C VAL A 35 16.01 -2.79 0.56
N VAL A 36 15.80 -2.14 1.69
CA VAL A 36 16.72 -1.32 2.44
C VAL A 36 15.99 -0.59 3.57
N TYR A 37 14.85 0.04 3.27
CA TYR A 37 14.22 1.02 4.16
C TYR A 37 12.82 1.39 3.71
N VAL A 38 11.99 1.92 4.62
CA VAL A 38 10.65 2.41 4.35
C VAL A 38 10.35 3.62 5.21
N ASP A 39 9.61 4.53 4.59
CA ASP A 39 9.11 5.78 5.11
C ASP A 39 7.66 5.61 5.48
N LEU A 40 7.23 6.19 6.62
CA LEU A 40 5.89 6.00 7.17
C LEU A 40 5.30 7.34 7.65
N PRO A 41 3.96 7.46 7.72
CA PRO A 41 3.26 8.68 8.14
C PRO A 41 3.11 8.83 9.66
N GLU A 42 2.46 9.92 10.10
CA GLU A 42 1.93 10.03 11.45
C GLU A 42 0.55 9.40 11.55
N VAL A 43 0.16 9.00 12.74
CA VAL A 43 -0.93 8.08 13.07
C VAL A 43 -2.33 8.76 13.10
N GLY A 44 -2.41 9.93 12.49
CA GLY A 44 -3.56 10.82 12.43
C GLY A 44 -3.46 11.80 11.26
N ARG A 45 -2.55 11.57 10.31
CA ARG A 45 -2.39 12.47 9.16
C ARG A 45 -3.56 12.29 8.20
N GLU A 46 -4.15 13.37 7.67
CA GLU A 46 -5.13 13.27 6.59
C GLU A 46 -4.38 13.17 5.27
N VAL A 47 -4.87 12.31 4.36
CA VAL A 47 -4.23 11.97 3.09
C VAL A 47 -5.27 11.98 1.97
N LYS A 48 -4.82 11.78 0.72
CA LYS A 48 -5.65 11.70 -0.48
C LYS A 48 -5.48 10.33 -1.12
N LYS A 49 -6.33 10.03 -2.08
CA LYS A 49 -6.27 8.88 -2.99
C LYS A 49 -5.05 8.85 -3.91
N GLY A 50 -4.02 9.64 -3.64
CA GLY A 50 -2.78 9.65 -4.39
C GLY A 50 -1.80 10.51 -3.62
N GLU A 51 -1.22 9.95 -2.56
CA GLU A 51 -0.42 10.68 -1.58
C GLU A 51 0.70 9.76 -1.12
N VAL A 52 1.95 10.12 -1.40
CA VAL A 52 3.17 9.40 -1.11
C VAL A 52 3.50 9.54 0.38
N VAL A 53 2.69 8.86 1.18
CA VAL A 53 2.87 8.81 2.61
C VAL A 53 3.59 7.54 3.04
N ALA A 54 4.08 6.71 2.13
CA ALA A 54 4.82 5.52 2.52
C ALA A 54 5.84 5.10 1.47
N SER A 55 6.81 5.97 1.16
CA SER A 55 7.86 5.61 0.23
C SER A 55 8.66 4.39 0.73
N ILE A 56 9.35 3.75 -0.21
CA ILE A 56 10.18 2.60 -0.02
C ILE A 56 11.44 2.95 -0.80
N GLU A 57 12.56 3.29 -0.14
CA GLU A 57 13.84 3.27 -0.87
C GLU A 57 14.25 1.81 -1.06
N SER A 58 15.22 1.49 -1.91
CA SER A 58 15.89 0.19 -1.93
C SER A 58 17.38 0.44 -2.20
N VAL A 59 18.16 -0.64 -2.21
CA VAL A 59 19.59 -0.70 -2.47
C VAL A 59 20.09 0.04 -3.73
N LYS A 60 19.23 0.36 -4.72
CA LYS A 60 19.51 1.48 -5.65
C LYS A 60 18.27 2.00 -6.38
N ALA A 61 17.13 2.12 -5.71
CA ALA A 61 15.95 2.73 -6.30
C ALA A 61 15.08 3.29 -5.18
N ALA A 62 13.88 3.76 -5.54
CA ALA A 62 12.77 3.93 -4.63
C ALA A 62 11.49 3.51 -5.34
N ALA A 63 10.40 3.43 -4.57
CA ALA A 63 9.03 3.43 -5.02
C ALA A 63 8.29 4.33 -4.04
N ASP A 64 7.50 5.24 -4.57
CA ASP A 64 6.49 5.97 -3.80
C ASP A 64 5.33 4.97 -3.66
N VAL A 65 4.66 4.99 -2.51
CA VAL A 65 3.41 4.26 -2.32
C VAL A 65 2.33 5.33 -2.19
N TYR A 66 1.41 5.42 -3.15
CA TYR A 66 0.46 6.51 -3.23
C TYR A 66 -0.88 6.05 -2.67
N ALA A 67 -1.23 6.54 -1.48
CA ALA A 67 -2.40 6.12 -0.71
C ALA A 67 -3.65 5.83 -1.60
N PRO A 68 -4.26 4.64 -1.50
CA PRO A 68 -5.27 4.19 -2.45
C PRO A 68 -6.63 4.90 -2.37
N LEU A 69 -6.94 5.50 -1.22
CA LEU A 69 -8.16 6.20 -0.84
C LEU A 69 -7.78 7.51 -0.15
N SER A 70 -8.60 8.55 -0.29
CA SER A 70 -8.59 9.65 0.67
C SER A 70 -9.09 9.11 2.02
N GLY A 71 -8.61 9.67 3.13
CA GLY A 71 -8.87 9.15 4.46
C GLY A 71 -7.87 9.74 5.45
N LYS A 72 -7.77 9.16 6.65
CA LYS A 72 -6.80 9.56 7.66
C LYS A 72 -6.08 8.32 8.19
N ILE A 73 -4.76 8.41 8.31
CA ILE A 73 -3.90 7.38 8.88
C ILE A 73 -4.33 7.12 10.32
N VAL A 74 -4.26 5.86 10.77
CA VAL A 74 -4.53 5.49 12.15
C VAL A 74 -3.57 4.40 12.69
N GLU A 75 -2.72 3.77 11.87
CA GLU A 75 -1.69 2.86 12.36
C GLU A 75 -0.54 2.84 11.35
N VAL A 76 0.72 2.62 11.76
CA VAL A 76 1.84 2.45 10.84
C VAL A 76 2.65 1.20 11.20
N ASN A 77 3.55 0.80 10.30
CA ASN A 77 4.33 -0.43 10.43
C ASN A 77 5.79 -0.05 10.47
N GLU A 78 6.26 0.49 11.59
CA GLU A 78 7.68 0.68 11.85
C GLU A 78 8.46 -0.66 11.85
N LYS A 79 7.77 -1.79 11.66
CA LYS A 79 8.40 -3.04 11.28
C LYS A 79 9.24 -2.85 10.03
N LEU A 80 8.76 -2.14 8.99
CA LEU A 80 9.53 -2.02 7.77
C LEU A 80 10.79 -1.16 7.92
N ASP A 81 10.98 -0.47 9.05
CA ASP A 81 12.26 0.19 9.35
C ASP A 81 13.38 -0.83 9.61
N THR A 82 13.03 -2.06 10.01
CA THR A 82 14.00 -3.06 10.45
C THR A 82 13.81 -4.41 9.75
N GLU A 83 12.63 -4.64 9.18
CA GLU A 83 12.27 -5.69 8.23
C GLU A 83 11.73 -5.02 6.95
N PRO A 84 12.50 -4.18 6.24
CA PRO A 84 12.09 -3.68 4.94
C PRO A 84 12.07 -4.82 3.92
N GLU A 85 12.76 -5.92 4.22
CA GLU A 85 12.81 -7.15 3.44
C GLU A 85 11.54 -8.00 3.62
N LEU A 86 10.67 -7.72 4.59
CA LEU A 86 9.45 -8.50 4.78
C LEU A 86 8.50 -8.36 3.59
N ILE A 87 8.56 -7.23 2.88
CA ILE A 87 7.67 -6.95 1.78
C ILE A 87 7.93 -7.91 0.62
N ASN A 88 9.11 -8.57 0.55
CA ASN A 88 9.36 -9.72 -0.30
C ASN A 88 8.50 -10.88 0.14
N LYS A 89 8.67 -11.20 1.41
CA LYS A 89 8.29 -12.42 2.08
C LYS A 89 6.78 -12.56 2.02
N ASP A 90 6.08 -11.53 2.48
CA ASP A 90 4.63 -11.45 2.47
C ASP A 90 4.27 -9.97 2.33
N PRO A 91 4.21 -9.43 1.11
CA PRO A 91 3.86 -8.03 0.88
C PRO A 91 2.46 -7.69 1.43
N GLU A 92 1.61 -8.70 1.59
CA GLU A 92 0.17 -8.62 1.77
C GLU A 92 -0.27 -9.41 3.04
N GLY A 93 0.71 -9.84 3.85
CA GLY A 93 0.55 -10.30 5.22
C GLY A 93 1.29 -9.36 6.16
N GLU A 94 2.61 -9.52 6.27
CA GLU A 94 3.42 -8.84 7.28
C GLU A 94 4.04 -7.53 6.78
N GLY A 95 4.24 -7.39 5.47
CA GLY A 95 4.92 -6.27 4.85
C GLY A 95 3.99 -5.11 4.49
N TRP A 96 2.92 -4.90 5.27
CA TRP A 96 2.05 -3.73 5.12
C TRP A 96 2.82 -2.50 5.55
N LEU A 97 2.43 -1.29 5.15
CA LEU A 97 3.20 -0.10 5.52
C LEU A 97 2.40 0.71 6.53
N PHE A 98 1.09 0.94 6.29
CA PHE A 98 0.25 1.71 7.19
C PHE A 98 -1.22 1.31 7.04
N LYS A 99 -2.05 1.82 7.95
CA LYS A 99 -3.50 1.60 7.99
C LYS A 99 -4.17 2.94 8.16
N MET A 100 -5.40 3.07 7.68
CA MET A 100 -6.11 4.33 7.69
C MET A 100 -7.61 4.10 7.67
N GLU A 101 -8.35 5.01 8.29
CA GLU A 101 -9.80 5.06 8.18
C GLU A 101 -10.14 5.42 6.73
N ILE A 102 -11.09 4.69 6.13
CA ILE A 102 -11.75 5.07 4.91
C ILE A 102 -12.82 6.10 5.24
N SER A 103 -12.54 7.37 4.96
CA SER A 103 -13.53 8.42 5.16
C SER A 103 -14.63 8.37 4.09
N ASP A 104 -14.41 7.69 2.96
CA ASP A 104 -15.20 7.80 1.74
C ASP A 104 -15.28 6.40 1.11
N GLU A 105 -16.15 5.53 1.62
CA GLU A 105 -16.19 4.14 1.17
C GLU A 105 -16.70 3.98 -0.27
N GLY A 106 -17.22 5.05 -0.86
CA GLY A 106 -17.66 5.09 -2.25
C GLY A 106 -16.50 5.33 -3.22
N GLU A 107 -15.28 5.57 -2.73
CA GLU A 107 -14.10 5.76 -3.56
C GLU A 107 -13.49 4.43 -4.01
N LEU A 108 -13.50 3.37 -3.17
CA LEU A 108 -12.77 2.14 -3.45
C LEU A 108 -13.30 1.43 -4.68
N GLU A 109 -14.61 1.50 -4.88
CA GLU A 109 -15.25 0.87 -6.03
C GLU A 109 -14.77 1.45 -7.37
N ASP A 110 -14.19 2.66 -7.37
CA ASP A 110 -13.63 3.28 -8.58
C ASP A 110 -12.16 2.87 -8.81
N LEU A 111 -11.52 2.23 -7.84
CA LEU A 111 -10.23 1.55 -8.00
C LEU A 111 -10.43 0.23 -8.75
N LEU A 112 -9.32 -0.49 -8.94
CA LEU A 112 -9.26 -1.66 -9.78
C LEU A 112 -9.62 -2.89 -8.98
N ASP A 113 -10.50 -3.68 -9.57
CA ASP A 113 -10.76 -5.06 -9.20
C ASP A 113 -9.49 -5.91 -9.42
N GLU A 114 -9.52 -7.16 -8.97
CA GLU A 114 -8.38 -8.05 -9.00
C GLU A 114 -8.00 -8.42 -10.43
N GLN A 115 -8.97 -8.88 -11.22
CA GLN A 115 -8.77 -9.14 -12.63
C GLN A 115 -8.27 -7.88 -13.33
N ALA A 116 -8.92 -6.74 -13.07
CA ALA A 116 -8.56 -5.46 -13.68
C ALA A 116 -7.17 -4.99 -13.23
N TYR A 117 -6.68 -5.44 -12.08
CA TYR A 117 -5.30 -5.19 -11.66
C TYR A 117 -4.31 -6.15 -12.34
N GLN A 118 -4.64 -7.44 -12.44
CA GLN A 118 -3.84 -8.42 -13.17
C GLN A 118 -3.65 -7.96 -14.62
N GLU A 119 -4.74 -7.56 -15.25
CA GLU A 119 -4.79 -6.89 -16.55
C GLU A 119 -3.77 -5.76 -16.64
N PHE A 120 -3.72 -4.89 -15.63
CA PHE A 120 -2.82 -3.75 -15.55
C PHE A 120 -1.35 -4.18 -15.38
N CYS A 121 -1.11 -5.37 -14.83
CA CYS A 121 0.22 -5.96 -14.69
C CYS A 121 0.63 -6.77 -15.91
N ALA A 122 -0.24 -6.92 -16.92
CA ALA A 122 -0.02 -7.73 -18.12
C ALA A 122 0.10 -6.86 -19.36
N GLN A 123 0.06 -5.54 -19.19
CA GLN A 123 0.20 -4.54 -20.25
C GLN A 123 1.43 -3.65 -20.00
N GLU A 124 2.34 -4.12 -19.15
CA GLU A 124 3.42 -3.33 -18.56
C GLU A 124 4.77 -3.88 -19.00
N MET A 1 -18.52 -6.56 6.65
CA MET A 1 -17.91 -5.37 6.03
C MET A 1 -16.45 -5.68 5.76
N LYS A 2 -16.10 -6.01 4.52
CA LYS A 2 -14.81 -6.57 4.13
C LYS A 2 -14.75 -6.54 2.61
N MET A 3 -13.69 -5.98 2.04
CA MET A 3 -13.50 -5.79 0.60
C MET A 3 -12.01 -5.54 0.34
N LYS A 4 -11.52 -5.86 -0.85
CA LYS A 4 -10.07 -5.82 -1.12
C LYS A 4 -9.84 -5.37 -2.56
N LYS A 5 -9.47 -4.10 -2.77
CA LYS A 5 -9.22 -3.53 -4.10
C LYS A 5 -7.76 -3.17 -4.34
N TYR A 6 -7.43 -2.61 -5.51
CA TYR A 6 -6.05 -2.46 -6.00
C TYR A 6 -5.86 -1.15 -6.77
N THR A 7 -4.64 -0.61 -6.79
CA THR A 7 -4.31 0.66 -7.42
C THR A 7 -3.68 0.43 -8.77
N LYS A 8 -3.53 1.54 -9.48
CA LYS A 8 -2.76 1.66 -10.71
C LYS A 8 -1.27 1.86 -10.42
N THR A 9 -0.85 1.93 -9.16
CA THR A 9 0.54 2.06 -8.71
C THR A 9 0.91 0.86 -7.84
N HIS A 10 0.52 -0.35 -8.28
CA HIS A 10 0.88 -1.64 -7.68
C HIS A 10 0.80 -1.67 -6.15
N GLU A 11 -0.41 -1.43 -5.62
CA GLU A 11 -0.78 -1.59 -4.22
C GLU A 11 -2.12 -2.32 -4.13
N TRP A 12 -2.31 -3.02 -3.02
CA TRP A 12 -3.58 -3.60 -2.62
C TRP A 12 -4.13 -2.84 -1.40
N VAL A 13 -5.35 -3.17 -1.02
CA VAL A 13 -6.09 -2.52 0.05
C VAL A 13 -6.90 -3.62 0.73
N SER A 14 -6.92 -3.68 2.07
CA SER A 14 -7.79 -4.59 2.83
C SER A 14 -8.74 -3.74 3.64
N ILE A 15 -9.85 -3.34 3.04
CA ILE A 15 -10.89 -2.59 3.71
C ILE A 15 -11.64 -3.61 4.58
N GLU A 16 -11.64 -3.43 5.89
CA GLU A 16 -12.53 -4.17 6.78
C GLU A 16 -13.61 -3.20 7.25
N ASP A 17 -13.77 -2.95 8.55
CA ASP A 17 -14.92 -2.25 9.11
C ASP A 17 -14.83 -0.75 8.83
N LYS A 18 -13.78 -0.08 9.33
CA LYS A 18 -13.57 1.37 9.15
C LYS A 18 -12.10 1.68 8.82
N VAL A 19 -11.29 0.65 8.60
CA VAL A 19 -9.88 0.75 8.35
C VAL A 19 -9.58 -0.08 7.11
N ALA A 20 -8.70 0.44 6.25
CA ALA A 20 -8.02 -0.34 5.23
C ALA A 20 -6.56 -0.47 5.62
N THR A 21 -6.03 -1.67 5.50
CA THR A 21 -4.59 -1.84 5.39
C THR A 21 -4.18 -1.48 3.97
N VAL A 22 -3.03 -0.83 3.80
CA VAL A 22 -2.34 -0.65 2.54
C VAL A 22 -1.00 -1.40 2.56
N GLY A 23 -0.66 -2.03 1.45
CA GLY A 23 0.70 -2.46 1.13
C GLY A 23 0.88 -2.44 -0.38
N ILE A 24 2.13 -2.43 -0.85
CA ILE A 24 2.41 -2.68 -2.26
C ILE A 24 2.13 -4.16 -2.56
N THR A 25 1.92 -4.52 -3.83
CA THR A 25 1.60 -5.89 -4.23
C THR A 25 2.85 -6.77 -4.31
N ASN A 26 2.71 -7.98 -4.82
CA ASN A 26 3.73 -9.03 -4.98
C ASN A 26 4.31 -9.07 -6.41
N HIS A 27 4.17 -7.99 -7.18
CA HIS A 27 4.87 -7.73 -8.47
C HIS A 27 5.86 -6.56 -8.42
N ALA A 28 5.99 -5.94 -7.27
CA ALA A 28 6.44 -4.59 -6.99
C ALA A 28 7.68 -4.56 -6.09
N GLN A 29 7.60 -5.26 -4.95
CA GLN A 29 8.70 -5.77 -4.14
C GLN A 29 9.81 -6.31 -5.05
N GLU A 30 9.45 -7.06 -6.10
CA GLU A 30 10.35 -7.63 -7.10
C GLU A 30 11.14 -6.57 -7.89
N GLN A 31 10.64 -5.34 -8.01
CA GLN A 31 11.30 -4.28 -8.78
C GLN A 31 12.49 -3.75 -7.99
N LEU A 32 12.26 -3.51 -6.69
CA LEU A 32 13.28 -3.01 -5.77
C LEU A 32 14.27 -4.13 -5.49
N GLY A 33 13.77 -5.26 -4.99
CA GLY A 33 14.58 -6.38 -4.56
C GLY A 33 14.86 -6.24 -3.08
N ASP A 34 16.13 -6.41 -2.69
CA ASP A 34 16.60 -6.09 -1.36
C ASP A 34 16.28 -4.63 -1.13
N VAL A 35 15.59 -4.33 -0.04
CA VAL A 35 15.42 -2.96 0.41
C VAL A 35 16.47 -2.74 1.49
N VAL A 36 16.21 -1.80 2.40
CA VAL A 36 17.09 -1.21 3.38
C VAL A 36 16.22 -0.29 4.25
N TYR A 37 15.24 0.42 3.66
CA TYR A 37 14.41 1.37 4.40
C TYR A 37 12.98 1.38 3.86
N VAL A 38 12.01 1.59 4.74
CA VAL A 38 10.61 1.87 4.42
C VAL A 38 10.29 3.10 5.24
N ASP A 39 9.90 4.13 4.52
CA ASP A 39 9.42 5.35 5.13
C ASP A 39 7.98 5.12 5.57
N LEU A 40 7.59 5.64 6.72
CA LEU A 40 6.27 5.42 7.29
C LEU A 40 5.61 6.76 7.59
N PRO A 41 4.29 6.86 7.49
CA PRO A 41 3.54 8.07 7.86
C PRO A 41 3.52 8.30 9.39
N GLU A 42 2.80 9.33 9.84
CA GLU A 42 2.35 9.51 11.22
C GLU A 42 0.90 9.07 11.36
N VAL A 43 0.44 8.76 12.57
CA VAL A 43 -0.82 8.07 12.89
C VAL A 43 -2.07 8.97 12.88
N GLY A 44 -1.99 10.12 12.22
CA GLY A 44 -3.08 11.07 11.99
C GLY A 44 -2.87 11.89 10.71
N ARG A 45 -1.88 11.56 9.88
CA ARG A 45 -1.58 12.33 8.67
C ARG A 45 -2.66 12.07 7.61
N GLU A 46 -3.17 13.09 6.93
CA GLU A 46 -4.15 12.89 5.88
C GLU A 46 -3.48 12.66 4.53
N VAL A 47 -4.23 12.04 3.64
CA VAL A 47 -3.91 11.39 2.45
C VAL A 47 -5.06 11.59 1.44
N LYS A 48 -4.83 11.17 0.20
CA LYS A 48 -5.58 11.33 -1.04
C LYS A 48 -5.37 10.05 -1.84
N LYS A 49 -6.14 9.79 -2.89
CA LYS A 49 -6.02 8.57 -3.72
C LYS A 49 -4.82 8.56 -4.67
N GLY A 50 -3.78 9.27 -4.29
CA GLY A 50 -2.47 9.28 -4.93
C GLY A 50 -1.57 10.21 -4.14
N GLU A 51 -1.38 9.96 -2.84
CA GLU A 51 -0.50 10.73 -1.99
C GLU A 51 0.64 9.87 -1.47
N VAL A 52 1.81 10.47 -1.37
CA VAL A 52 3.02 9.79 -0.94
C VAL A 52 3.10 9.99 0.56
N VAL A 53 2.77 8.94 1.27
CA VAL A 53 2.71 8.86 2.72
C VAL A 53 3.71 7.82 3.24
N ALA A 54 4.45 7.15 2.34
CA ALA A 54 5.15 5.90 2.62
C ALA A 54 6.14 5.62 1.48
N SER A 55 7.15 6.43 1.30
CA SER A 55 8.21 6.13 0.35
C SER A 55 9.00 4.87 0.77
N ILE A 56 9.82 4.29 -0.11
CA ILE A 56 10.57 3.07 0.15
C ILE A 56 11.93 3.21 -0.55
N GLU A 57 13.00 3.48 0.19
CA GLU A 57 14.34 3.59 -0.36
C GLU A 57 14.97 2.20 -0.24
N SER A 58 15.31 1.61 -1.39
CA SER A 58 15.98 0.32 -1.53
C SER A 58 17.48 0.52 -1.74
N VAL A 59 18.18 -0.55 -2.12
CA VAL A 59 19.61 -0.53 -2.39
C VAL A 59 20.02 0.55 -3.40
N LYS A 60 19.16 0.97 -4.35
CA LYS A 60 19.38 2.17 -5.17
C LYS A 60 18.12 2.61 -5.95
N ALA A 61 16.94 2.53 -5.34
CA ALA A 61 15.72 3.07 -5.92
C ALA A 61 14.81 3.57 -4.83
N ALA A 62 13.86 4.40 -5.23
CA ALA A 62 12.72 4.83 -4.43
C ALA A 62 11.48 4.28 -5.11
N ALA A 63 10.42 4.04 -4.33
CA ALA A 63 9.11 3.73 -4.87
C ALA A 63 8.05 4.31 -3.93
N ASP A 64 7.88 5.62 -4.01
CA ASP A 64 6.82 6.44 -3.44
C ASP A 64 5.52 5.64 -3.45
N VAL A 65 5.05 5.18 -2.28
CA VAL A 65 3.79 4.45 -2.26
C VAL A 65 2.67 5.48 -2.35
N TYR A 66 1.81 5.41 -3.38
CA TYR A 66 0.80 6.42 -3.63
C TYR A 66 -0.58 5.98 -3.16
N ALA A 67 -0.91 6.39 -1.94
CA ALA A 67 -2.06 5.94 -1.17
C ALA A 67 -3.30 5.62 -2.01
N PRO A 68 -3.94 4.48 -1.78
CA PRO A 68 -4.93 3.94 -2.69
C PRO A 68 -6.22 4.77 -2.69
N LEU A 69 -6.57 5.34 -1.52
CA LEU A 69 -7.80 6.07 -1.27
C LEU A 69 -7.43 7.33 -0.48
N SER A 70 -8.35 8.29 -0.51
CA SER A 70 -8.40 9.45 0.37
C SER A 70 -8.71 8.96 1.77
N GLY A 71 -7.99 9.40 2.78
CA GLY A 71 -8.15 8.91 4.13
C GLY A 71 -7.10 9.51 5.03
N LYS A 72 -7.03 9.05 6.27
CA LYS A 72 -6.06 9.56 7.23
C LYS A 72 -5.43 8.35 7.90
N ILE A 73 -4.09 8.35 7.97
CA ILE A 73 -3.33 7.28 8.59
C ILE A 73 -3.71 7.25 10.07
N VAL A 74 -3.61 6.06 10.65
CA VAL A 74 -4.16 5.75 11.96
C VAL A 74 -3.54 4.48 12.49
N GLU A 75 -2.83 3.74 11.65
CA GLU A 75 -1.93 2.75 12.13
C GLU A 75 -0.72 2.71 11.21
N VAL A 76 0.45 2.33 11.71
CA VAL A 76 1.68 2.15 10.95
C VAL A 76 2.31 0.84 11.41
N ASN A 77 3.09 0.18 10.55
CA ASN A 77 3.75 -1.07 10.88
C ASN A 77 5.20 -0.72 11.20
N GLU A 78 5.49 -0.32 12.44
CA GLU A 78 6.84 0.07 12.85
C GLU A 78 7.85 -1.08 12.67
N LYS A 79 7.34 -2.28 12.49
CA LYS A 79 8.07 -3.48 12.13
C LYS A 79 8.80 -3.36 10.78
N LEU A 80 8.38 -2.46 9.88
CA LEU A 80 9.01 -2.30 8.56
C LEU A 80 10.23 -1.40 8.61
N ASP A 81 10.41 -0.64 9.69
CA ASP A 81 11.68 0.02 9.96
C ASP A 81 12.77 -1.04 10.16
N THR A 82 12.42 -2.21 10.70
CA THR A 82 13.39 -3.20 11.13
C THR A 82 13.37 -4.46 10.24
N GLU A 83 12.29 -4.71 9.50
CA GLU A 83 12.24 -5.64 8.37
C GLU A 83 11.66 -4.94 7.13
N PRO A 84 12.43 -4.06 6.47
CA PRO A 84 12.05 -3.53 5.17
C PRO A 84 12.04 -4.64 4.12
N GLU A 85 12.80 -5.72 4.30
CA GLU A 85 12.74 -6.92 3.46
C GLU A 85 11.37 -7.63 3.60
N LEU A 86 10.55 -7.37 4.63
CA LEU A 86 9.30 -8.11 4.76
C LEU A 86 8.35 -7.84 3.60
N ILE A 87 8.53 -6.71 2.90
CA ILE A 87 7.82 -6.39 1.69
C ILE A 87 8.18 -7.39 0.58
N ASN A 88 9.38 -7.98 0.57
CA ASN A 88 9.68 -9.13 -0.29
C ASN A 88 8.85 -10.32 0.19
N LYS A 89 9.03 -10.62 1.47
CA LYS A 89 8.69 -11.90 2.04
C LYS A 89 7.20 -12.19 1.92
N ASP A 90 6.37 -11.24 2.36
CA ASP A 90 4.92 -11.34 2.33
C ASP A 90 4.32 -9.94 2.27
N PRO A 91 4.35 -9.27 1.10
CA PRO A 91 3.88 -7.88 0.99
C PRO A 91 2.39 -7.73 1.28
N GLU A 92 1.60 -8.78 1.09
CA GLU A 92 0.15 -8.74 1.23
C GLU A 92 -0.31 -9.66 2.38
N GLY A 93 0.64 -10.05 3.24
CA GLY A 93 0.44 -10.85 4.43
C GLY A 93 0.85 -10.06 5.68
N GLU A 94 2.14 -9.75 5.84
CA GLU A 94 2.68 -9.08 7.02
C GLU A 94 3.45 -7.79 6.71
N GLY A 95 3.99 -7.64 5.50
CA GLY A 95 4.75 -6.45 5.11
C GLY A 95 3.83 -5.32 4.69
N TRP A 96 2.72 -5.11 5.40
CA TRP A 96 1.90 -3.93 5.23
C TRP A 96 2.71 -2.74 5.71
N LEU A 97 2.42 -1.58 5.15
CA LEU A 97 3.15 -0.36 5.44
C LEU A 97 2.39 0.37 6.56
N PHE A 98 1.13 0.71 6.28
CA PHE A 98 0.30 1.53 7.13
C PHE A 98 -1.17 1.12 6.97
N LYS A 99 -2.02 1.64 7.86
CA LYS A 99 -3.46 1.48 7.83
C LYS A 99 -4.07 2.85 8.06
N MET A 100 -5.29 3.02 7.59
CA MET A 100 -5.90 4.32 7.52
C MET A 100 -7.42 4.21 7.69
N GLU A 101 -7.99 5.22 8.35
CA GLU A 101 -9.42 5.40 8.62
C GLU A 101 -10.08 5.84 7.31
N ILE A 102 -10.97 5.02 6.74
CA ILE A 102 -11.48 5.28 5.40
C ILE A 102 -12.43 6.49 5.38
N SER A 103 -12.06 7.54 4.63
CA SER A 103 -12.92 8.70 4.45
C SER A 103 -14.02 8.45 3.43
N ASP A 104 -13.81 7.54 2.48
CA ASP A 104 -14.66 7.38 1.31
C ASP A 104 -14.70 5.91 0.94
N GLU A 105 -15.57 5.13 1.57
CA GLU A 105 -15.77 3.73 1.18
C GLU A 105 -16.42 3.64 -0.22
N GLY A 106 -16.85 4.76 -0.78
CA GLY A 106 -17.53 4.82 -2.06
C GLY A 106 -16.59 5.09 -3.23
N GLU A 107 -15.50 5.85 -3.02
CA GLU A 107 -14.45 5.96 -4.04
C GLU A 107 -13.73 4.63 -4.24
N LEU A 108 -14.03 3.59 -3.46
CA LEU A 108 -13.47 2.27 -3.71
C LEU A 108 -13.89 1.77 -5.09
N GLU A 109 -15.10 2.10 -5.54
CA GLU A 109 -15.67 1.72 -6.83
C GLU A 109 -14.82 2.26 -7.98
N ASP A 110 -14.02 3.29 -7.74
CA ASP A 110 -13.20 3.95 -8.76
C ASP A 110 -11.88 3.19 -8.98
N LEU A 111 -11.57 2.16 -8.18
CA LEU A 111 -10.34 1.37 -8.31
C LEU A 111 -10.60 0.02 -8.98
N LEU A 112 -9.51 -0.71 -9.20
CA LEU A 112 -9.48 -1.98 -9.90
C LEU A 112 -10.02 -3.08 -9.01
N ASP A 113 -10.73 -4.00 -9.64
CA ASP A 113 -11.04 -5.32 -9.10
C ASP A 113 -9.77 -6.17 -9.06
N GLU A 114 -9.86 -7.34 -8.45
CA GLU A 114 -8.76 -8.26 -8.19
C GLU A 114 -8.33 -8.99 -9.46
N GLN A 115 -9.26 -9.30 -10.37
CA GLN A 115 -8.93 -9.78 -11.69
C GLN A 115 -8.38 -8.62 -12.52
N ALA A 116 -9.09 -7.48 -12.50
CA ALA A 116 -8.75 -6.31 -13.31
C ALA A 116 -7.34 -5.80 -12.97
N TYR A 117 -6.96 -5.94 -11.70
CA TYR A 117 -5.63 -5.70 -11.19
C TYR A 117 -4.57 -6.48 -11.98
N GLN A 118 -4.78 -7.77 -12.22
CA GLN A 118 -3.81 -8.61 -12.91
C GLN A 118 -3.79 -8.28 -14.41
N GLU A 119 -4.95 -7.96 -14.97
CA GLU A 119 -5.08 -7.52 -16.37
C GLU A 119 -4.24 -6.24 -16.59
N PHE A 120 -4.35 -5.27 -15.68
CA PHE A 120 -3.56 -4.04 -15.67
C PHE A 120 -2.05 -4.28 -15.63
N CYS A 121 -1.61 -5.48 -15.24
CA CYS A 121 -0.20 -5.84 -15.19
C CYS A 121 0.31 -6.42 -16.51
N ALA A 122 -0.58 -6.80 -17.43
CA ALA A 122 -0.25 -7.25 -18.78
C ALA A 122 -0.28 -6.04 -19.72
N GLN A 123 -1.35 -5.24 -19.71
CA GLN A 123 -1.41 -3.99 -20.46
C GLN A 123 -0.67 -2.87 -19.71
N GLU A 124 0.52 -3.18 -19.22
CA GLU A 124 1.51 -2.25 -18.73
C GLU A 124 2.62 -2.27 -19.74
#